data_6KHT
#
_entry.id   6KHT
#
_cell.length_a   108.580
_cell.length_b   182.393
_cell.length_c   210.507
_cell.angle_alpha   90.000
_cell.angle_beta   90.000
_cell.angle_gamma   90.000
#
_symmetry.space_group_name_H-M   'C 2 2 21'
#
_entity_poly.entity_id   1
_entity_poly.type   'polypeptide(L)'
_entity_poly.pdbx_seq_one_letter_code
;HHHHHHSSGLVPRGSPESLALPNDFEWGFATAAYQIEGAVKEGGRGPSIWDTYCHLEPSRTNGANGDVACDHYHRYDEDF
DLLTKYGAKAYRFSLSWSRIIPLGGRLDPVNEEGIEFYSKLIDALLRRGITPWVTLYHWDLPQALHDRYGGWLNVEEVQL
DFERYARLCFERFGDRVQNWITINEPWIQAIYGYATGSNAPGRSSINKHSTEGDTATEPWLAGKAQIMSHARAVAVYSRD
FRPSQKGQIGISLNGDYYEPWDSNEPRDKEAAERRMEFHIGWFANPIFLKKDYPESMKKQLGERLPALTPADFAILNAGE
TDFYGMNYYTSQYARHLDGPVPETDYLGAIHEHQENKDGSPVGEESGLAWLRSCPDMFRKHLARVYGLYGKPIYITENGC
PCPGEENMTCEEAVNDPFRIRYFDSHLDSISKAITQDGVVVKGYFAWALLDNLEWSDGYGPRFGVTFTDYTTLKRTPKKS
ALVLKDMFAARQIPEELAHLADLKFLEHHHHHH
;
_entity_poly.pdbx_strand_id   A,B,C
#
# COMPACT_ATOMS: atom_id res chain seq x y z
N SER A 18 -26.77 22.75 -1.44
CA SER A 18 -26.72 23.42 -0.15
C SER A 18 -25.54 24.41 -0.07
N LEU A 19 -25.54 25.38 -0.98
CA LEU A 19 -24.58 26.50 -1.05
C LEU A 19 -23.24 26.17 -1.70
N ALA A 20 -23.37 25.81 -2.98
CA ALA A 20 -22.41 26.08 -4.04
C ALA A 20 -20.98 26.52 -3.72
N LEU A 21 -20.06 25.59 -3.80
CA LEU A 21 -18.64 25.91 -3.98
C LEU A 21 -18.34 25.52 -5.41
N PRO A 22 -17.38 26.20 -6.07
CA PRO A 22 -17.09 26.05 -7.51
C PRO A 22 -17.29 24.65 -8.06
N ASN A 23 -16.21 23.90 -8.23
CA ASN A 23 -16.31 22.63 -8.93
C ASN A 23 -14.96 21.96 -8.91
N ASP A 24 -14.00 22.66 -9.50
CA ASP A 24 -12.59 22.39 -9.30
C ASP A 24 -12.35 22.24 -7.81
N PHE A 25 -12.44 23.38 -7.13
CA PHE A 25 -12.20 23.55 -5.70
C PHE A 25 -11.48 22.41 -5.00
N GLU A 26 -10.20 22.63 -4.73
CA GLU A 26 -9.36 21.61 -4.17
C GLU A 26 -9.47 21.68 -2.66
N TRP A 27 -9.96 20.60 -2.04
CA TRP A 27 -10.01 20.57 -0.59
C TRP A 27 -9.21 19.37 -0.07
N GLY A 28 -8.72 19.46 1.17
CA GLY A 28 -7.98 18.36 1.74
C GLY A 28 -7.65 18.66 3.18
N PHE A 29 -6.62 18.01 3.72
CA PHE A 29 -6.24 18.20 5.12
C PHE A 29 -4.81 18.70 5.22
N ALA A 30 -4.43 19.24 6.39
CA ALA A 30 -3.15 19.92 6.55
C ALA A 30 -2.43 19.49 7.80
N THR A 31 -1.10 19.34 7.73
CA THR A 31 -0.29 18.96 8.91
C THR A 31 1.13 19.52 8.89
N ALA A 32 1.49 20.35 9.86
CA ALA A 32 2.88 20.80 10.07
C ALA A 32 3.85 19.64 10.35
N ALA A 33 5.13 19.80 10.03
CA ALA A 33 6.08 18.69 10.20
C ALA A 33 6.42 18.35 11.65
N TYR A 34 6.68 19.35 12.48
CA TYR A 34 7.18 19.07 13.83
C TYR A 34 6.11 18.51 14.73
N GLN A 35 4.86 18.87 14.42
CA GLN A 35 3.76 18.51 15.27
C GLN A 35 3.33 17.05 15.20
N ILE A 36 3.80 16.30 14.21
CA ILE A 36 3.34 14.92 14.04
C ILE A 36 4.43 13.92 13.70
N GLU A 37 5.55 14.38 13.19
CA GLU A 37 6.57 13.47 12.69
C GLU A 37 7.30 12.73 13.80
N GLY A 38 7.85 13.44 14.78
CA GLY A 38 8.68 12.78 15.77
C GLY A 38 9.90 12.28 15.00
N ALA A 39 10.50 11.16 15.43
CA ALA A 39 11.74 10.67 14.79
C ALA A 39 12.74 11.81 14.67
N VAL A 40 12.97 12.45 15.81
CA VAL A 40 13.70 13.71 15.93
C VAL A 40 15.20 13.57 15.64
N LYS A 41 15.78 12.42 16.05
CA LYS A 41 17.19 12.12 15.82
C LYS A 41 17.34 10.99 14.83
N GLU A 42 16.24 10.49 14.27
CA GLU A 42 16.34 9.43 13.27
C GLU A 42 16.46 10.03 11.89
N GLY A 43 17.07 9.29 10.97
CA GLY A 43 17.20 9.72 9.60
C GLY A 43 18.32 10.73 9.38
N GLY A 44 19.12 10.94 10.42
CA GLY A 44 20.21 11.89 10.34
C GLY A 44 19.73 13.33 10.37
N ARG A 45 18.51 13.52 10.86
CA ARG A 45 17.97 14.85 11.09
C ARG A 45 18.73 15.50 12.25
N GLY A 46 18.93 16.82 12.17
CA GLY A 46 19.48 17.56 13.31
C GLY A 46 18.41 18.47 13.89
N PRO A 47 18.69 19.03 15.08
CA PRO A 47 17.74 19.77 15.93
C PRO A 47 17.21 21.07 15.35
N SER A 48 15.96 21.36 15.69
CA SER A 48 15.32 22.62 15.35
C SER A 48 15.26 23.46 16.60
N ILE A 49 14.85 24.71 16.46
CA ILE A 49 14.76 25.60 17.59
C ILE A 49 13.64 25.11 18.51
N TRP A 50 12.72 24.34 17.96
CA TRP A 50 11.68 23.72 18.78
C TRP A 50 12.18 22.50 19.55
N ASP A 51 13.28 21.91 19.09
CA ASP A 51 13.86 20.79 19.81
C ASP A 51 14.56 21.28 21.05
N THR A 52 14.80 22.59 21.13
CA THR A 52 15.43 23.16 22.30
C THR A 52 14.39 23.79 23.21
N TYR A 53 13.39 24.40 22.59
CA TYR A 53 12.34 25.07 23.32
C TYR A 53 11.49 24.08 24.13
N CYS A 54 11.34 22.86 23.62
CA CYS A 54 10.50 21.87 24.28
C CYS A 54 11.17 21.25 25.51
N HIS A 55 12.49 21.35 25.54
CA HIS A 55 13.27 20.70 26.58
C HIS A 55 13.86 21.69 27.58
N LEU A 56 13.26 22.86 27.66
CA LEU A 56 13.75 23.86 28.58
C LEU A 56 13.33 23.43 29.98
N GLU A 57 14.11 23.86 30.98
CA GLU A 57 13.80 23.62 32.38
C GLU A 57 13.74 24.97 33.10
N PRO A 58 12.57 25.37 33.63
CA PRO A 58 11.23 24.75 33.54
C PRO A 58 10.61 24.88 32.15
N SER A 59 9.73 23.95 31.74
CA SER A 59 9.33 23.89 30.33
C SER A 59 8.45 25.07 29.94
N ARG A 60 8.75 25.66 28.79
CA ARG A 60 7.92 26.72 28.27
C ARG A 60 6.86 26.13 27.33
N THR A 61 6.91 24.81 27.11
CA THR A 61 6.02 24.13 26.16
C THR A 61 4.98 23.24 26.78
N ASN A 62 4.55 23.61 27.98
CA ASN A 62 3.71 22.77 28.84
C ASN A 62 4.31 21.41 29.21
N GLY A 63 5.64 21.30 29.21
CA GLY A 63 6.24 20.01 29.43
C GLY A 63 6.00 19.06 28.27
N ALA A 64 5.75 19.62 27.08
CA ALA A 64 5.49 18.84 25.87
C ALA A 64 6.67 18.74 24.89
N ASN A 65 6.68 17.65 24.13
CA ASN A 65 7.80 17.22 23.28
C ASN A 65 7.46 16.96 21.84
N GLY A 66 8.42 17.18 20.96
CA GLY A 66 8.24 16.86 19.56
C GLY A 66 8.78 15.51 19.18
N ASP A 67 9.61 14.93 20.06
CA ASP A 67 10.02 13.52 19.98
C ASP A 67 8.73 12.73 19.87
N VAL A 68 8.77 11.58 19.22
CA VAL A 68 7.56 10.78 19.00
C VAL A 68 6.38 11.52 18.32
N ALA A 69 5.72 12.42 19.04
CA ALA A 69 4.51 13.09 18.54
C ALA A 69 3.46 12.05 18.11
N CYS A 70 3.19 11.97 16.81
CA CYS A 70 2.23 11.00 16.27
C CYS A 70 2.93 9.82 15.65
N ASP A 71 4.25 9.94 15.55
CA ASP A 71 5.12 8.98 14.86
C ASP A 71 4.78 8.84 13.37
N HIS A 72 4.41 9.96 12.75
CA HIS A 72 4.10 9.99 11.34
C HIS A 72 5.26 9.47 10.50
N TYR A 73 6.50 9.81 10.88
CA TYR A 73 7.70 9.38 10.12
C TYR A 73 7.65 7.89 9.85
N HIS A 74 7.14 7.13 10.81
CA HIS A 74 7.06 5.68 10.70
C HIS A 74 5.68 5.17 10.30
N ARG A 75 4.65 5.96 10.57
CA ARG A 75 3.28 5.50 10.32
C ARG A 75 2.57 6.31 9.24
N TYR A 76 3.35 6.91 8.33
CA TYR A 76 2.84 7.83 7.33
C TYR A 76 1.87 7.18 6.37
N ASP A 77 2.04 5.89 6.12
CA ASP A 77 1.23 5.26 5.09
C ASP A 77 -0.06 4.76 5.72
N GLU A 78 -0.06 4.72 7.04
CA GLU A 78 -1.28 4.42 7.80
C GLU A 78 -2.20 5.65 7.77
N ASP A 79 -1.59 6.82 7.85
CA ASP A 79 -2.29 8.11 7.77
C ASP A 79 -2.72 8.46 6.34
N PHE A 80 -1.89 8.13 5.37
CA PHE A 80 -2.22 8.45 4.01
C PHE A 80 -3.37 7.60 3.54
N ASP A 81 -3.58 6.47 4.19
CA ASP A 81 -4.73 5.66 3.79
C ASP A 81 -5.97 6.18 4.49
N LEU A 82 -5.76 7.05 5.46
CA LEU A 82 -6.88 7.77 6.05
C LEU A 82 -7.30 8.87 5.06
N LEU A 83 -6.33 9.39 4.29
CA LEU A 83 -6.61 10.41 3.30
C LEU A 83 -7.48 9.90 2.16
N THR A 84 -7.34 8.64 1.79
CA THR A 84 -8.26 8.12 0.77
C THR A 84 -9.59 7.71 1.39
N LYS A 85 -9.56 7.33 2.67
CA LYS A 85 -10.79 6.96 3.39
C LYS A 85 -11.67 8.19 3.59
N TYR A 86 -11.04 9.34 3.72
CA TYR A 86 -11.76 10.58 3.96
C TYR A 86 -12.16 11.24 2.65
N GLY A 87 -11.62 10.72 1.55
CA GLY A 87 -11.91 11.26 0.23
C GLY A 87 -11.18 12.56 -0.07
N ALA A 88 -10.02 12.76 0.54
CA ALA A 88 -9.33 14.04 0.40
C ALA A 88 -8.75 14.12 -0.99
N LYS A 89 -8.75 15.33 -1.53
CA LYS A 89 -8.27 15.62 -2.88
C LYS A 89 -6.81 16.09 -2.92
N ALA A 90 -6.43 16.87 -1.91
CA ALA A 90 -5.07 17.39 -1.76
C ALA A 90 -4.60 17.23 -0.31
N TYR A 91 -3.30 17.18 -0.08
CA TYR A 91 -2.82 17.15 1.30
C TYR A 91 -1.67 18.13 1.48
N ARG A 92 -1.90 19.11 2.34
CA ARG A 92 -0.88 20.09 2.66
C ARG A 92 -0.03 19.60 3.81
N PHE A 93 1.28 19.49 3.59
CA PHE A 93 2.23 19.18 4.66
C PHE A 93 3.47 20.08 4.56
N SER A 94 4.43 19.88 5.46
CA SER A 94 5.62 20.73 5.45
C SER A 94 6.89 19.93 5.57
N LEU A 95 7.99 20.49 5.07
CA LEU A 95 9.28 19.85 5.17
C LEU A 95 10.01 20.35 6.40
N SER A 96 10.78 19.45 7.01
CA SER A 96 11.58 19.82 8.16
C SER A 96 12.97 20.21 7.69
N TRP A 97 13.16 21.52 7.59
CA TRP A 97 14.40 22.09 7.06
C TRP A 97 15.64 21.37 7.62
N SER A 98 15.65 21.19 8.94
CA SER A 98 16.76 20.57 9.65
C SER A 98 16.86 19.08 9.38
N ARG A 99 15.94 18.55 8.58
CA ARG A 99 15.98 17.15 8.19
C ARG A 99 16.55 16.98 6.80
N ILE A 100 16.45 18.03 5.99
CA ILE A 100 17.02 18.03 4.63
C ILE A 100 18.43 18.60 4.58
N ILE A 101 18.64 19.90 4.76
CA ILE A 101 19.98 20.34 5.13
C ILE A 101 20.10 20.17 6.64
N PRO A 102 20.69 19.03 7.11
CA PRO A 102 20.65 18.53 8.49
C PRO A 102 21.35 19.48 9.44
N LEU A 103 21.47 20.73 9.06
CA LEU A 103 21.30 21.97 9.83
C LEU A 103 22.37 22.92 9.40
N GLY A 104 21.82 23.93 8.76
CA GLY A 104 22.47 25.12 8.34
C GLY A 104 21.90 25.41 6.99
N GLY A 105 22.78 25.84 6.11
CA GLY A 105 22.38 26.05 4.74
C GLY A 105 23.51 26.61 3.92
N ARG A 106 23.23 26.81 2.65
CA ARG A 106 24.22 27.30 1.69
C ARG A 106 25.41 26.32 1.56
N LEU A 107 26.31 26.29 2.53
CA LEU A 107 27.53 25.50 2.36
C LEU A 107 27.51 24.20 3.13
N ASP A 108 26.45 23.98 3.90
CA ASP A 108 26.38 22.82 4.76
C ASP A 108 25.97 21.59 3.95
N PRO A 109 26.36 20.39 4.40
CA PRO A 109 26.02 19.19 3.66
C PRO A 109 24.53 18.90 3.71
N VAL A 110 24.07 18.14 2.73
CA VAL A 110 22.67 17.74 2.64
C VAL A 110 22.50 16.36 3.29
N ASN A 111 21.30 16.09 3.79
CA ASN A 111 20.95 14.80 4.37
C ASN A 111 20.22 13.98 3.35
N GLU A 112 20.91 13.06 2.69
CA GLU A 112 20.28 12.32 1.60
C GLU A 112 19.10 11.49 2.09
N GLU A 113 19.25 10.89 3.27
CA GLU A 113 18.18 10.12 3.92
C GLU A 113 16.90 10.94 4.13
N GLY A 114 17.06 12.23 4.40
CA GLY A 114 15.93 13.10 4.63
C GLY A 114 15.21 13.41 3.35
N ILE A 115 15.98 13.73 2.31
CA ILE A 115 15.42 13.97 0.98
C ILE A 115 14.67 12.71 0.50
N GLU A 116 15.23 11.55 0.79
CA GLU A 116 14.64 10.29 0.36
C GLU A 116 13.38 9.98 1.15
N PHE A 117 13.33 10.39 2.41
CA PHE A 117 12.14 10.19 3.20
C PHE A 117 10.95 10.99 2.65
N TYR A 118 11.19 12.24 2.31
CA TYR A 118 10.13 13.07 1.73
C TYR A 118 9.80 12.61 0.32
N SER A 119 10.81 12.24 -0.47
CA SER A 119 10.56 11.74 -1.82
C SER A 119 9.64 10.50 -1.88
N LYS A 120 9.65 9.68 -0.83
CA LYS A 120 8.75 8.54 -0.81
C LYS A 120 7.40 8.91 -0.21
N LEU A 121 7.28 10.02 0.51
CA LEU A 121 5.96 10.49 0.93
C LEU A 121 5.22 11.02 -0.28
N ILE A 122 5.92 11.85 -1.05
CA ILE A 122 5.36 12.45 -2.25
C ILE A 122 4.94 11.37 -3.23
N ASP A 123 5.79 10.36 -3.40
CA ASP A 123 5.43 9.20 -4.21
C ASP A 123 4.21 8.48 -3.61
N ALA A 124 4.24 8.23 -2.30
CA ALA A 124 3.14 7.58 -1.57
C ALA A 124 1.81 8.24 -1.89
N LEU A 125 1.82 9.58 -1.88
CA LEU A 125 0.65 10.42 -2.13
C LEU A 125 0.13 10.34 -3.55
N LEU A 126 1.04 10.45 -4.52
CA LEU A 126 0.69 10.46 -5.94
C LEU A 126 0.07 9.12 -6.30
N ARG A 127 0.70 8.04 -5.85
CA ARG A 127 0.13 6.69 -5.97
C ARG A 127 -1.35 6.63 -5.54
N ARG A 128 -1.74 7.45 -4.56
CA ARG A 128 -3.10 7.43 -4.00
C ARG A 128 -4.07 8.40 -4.67
N GLY A 129 -3.56 9.22 -5.59
CA GLY A 129 -4.38 10.19 -6.27
C GLY A 129 -4.50 11.52 -5.53
N ILE A 130 -3.66 11.70 -4.50
CA ILE A 130 -3.69 12.89 -3.62
C ILE A 130 -2.71 13.98 -4.05
N THR A 131 -3.12 15.25 -4.02
CA THR A 131 -2.25 16.31 -4.49
C THR A 131 -1.32 16.78 -3.39
N PRO A 132 -0.01 16.53 -3.51
CA PRO A 132 0.81 17.13 -2.47
C PRO A 132 0.90 18.65 -2.61
N TRP A 133 0.57 19.32 -1.53
CA TRP A 133 0.86 20.73 -1.32
C TRP A 133 1.99 20.81 -0.30
N VAL A 134 3.11 21.40 -0.66
CA VAL A 134 4.28 21.36 0.24
C VAL A 134 4.69 22.73 0.81
N THR A 135 4.80 22.82 2.14
CA THR A 135 5.24 24.04 2.86
C THR A 135 6.72 23.95 3.32
N LEU A 136 7.59 24.79 2.78
CA LEU A 136 9.02 24.69 3.09
C LEU A 136 9.39 25.00 4.53
N TYR A 137 8.81 26.06 5.09
CA TYR A 137 9.13 26.44 6.46
C TYR A 137 7.89 26.61 7.34
N HIS A 138 7.79 25.78 8.37
CA HIS A 138 6.70 25.87 9.32
C HIS A 138 7.27 25.95 10.76
N TRP A 139 8.08 26.99 11.00
CA TRP A 139 8.55 27.44 12.31
C TRP A 139 9.70 26.62 12.85
N ASP A 140 10.11 25.58 12.13
CA ASP A 140 11.11 24.66 12.65
C ASP A 140 12.54 24.93 12.09
N LEU A 141 13.01 26.14 12.35
CA LEU A 141 14.33 26.61 11.92
C LEU A 141 15.50 25.78 12.47
N PRO A 142 16.43 25.34 11.61
CA PRO A 142 17.56 24.55 12.09
C PRO A 142 18.31 25.28 13.19
N GLN A 143 18.63 24.56 14.26
CA GLN A 143 19.20 25.17 15.47
C GLN A 143 20.51 25.85 15.15
N ALA A 144 21.35 25.16 14.37
CA ALA A 144 22.69 25.61 14.01
C ALA A 144 22.68 27.05 13.48
N LEU A 145 21.69 27.37 12.66
CA LEU A 145 21.56 28.68 12.08
C LEU A 145 21.24 29.74 13.12
N HIS A 146 20.66 29.33 14.23
CA HIS A 146 20.35 30.28 15.29
C HIS A 146 21.63 30.61 16.04
N ASP A 147 22.33 29.55 16.42
CA ASP A 147 23.61 29.70 17.09
C ASP A 147 24.63 30.35 16.14
N ARG A 148 24.62 29.99 14.86
CA ARG A 148 25.63 30.53 13.97
C ARG A 148 25.52 32.03 13.77
N TYR A 149 24.32 32.56 13.59
CA TYR A 149 24.22 34.00 13.33
C TYR A 149 22.94 34.65 13.83
N GLY A 150 22.12 33.91 14.57
CA GLY A 150 20.97 34.51 15.23
C GLY A 150 19.63 34.21 14.60
N GLY A 151 19.67 33.32 13.60
CA GLY A 151 18.44 32.91 12.93
C GLY A 151 17.80 34.02 12.12
N TRP A 152 16.49 34.20 12.29
CA TRP A 152 15.76 35.19 11.53
C TRP A 152 16.12 36.62 11.94
N LEU A 153 17.06 36.76 12.86
CA LEU A 153 17.49 38.07 13.30
C LEU A 153 18.55 38.62 12.35
N ASN A 154 19.23 37.70 11.65
CA ASN A 154 20.25 38.08 10.70
C ASN A 154 19.69 38.10 9.28
N VAL A 155 19.03 39.20 8.90
CA VAL A 155 18.31 39.25 7.63
C VAL A 155 19.16 38.86 6.44
N GLU A 156 20.35 39.43 6.34
CA GLU A 156 21.24 39.17 5.21
C GLU A 156 21.53 37.67 5.07
N GLU A 157 21.77 37.00 6.18
CA GLU A 157 22.24 35.63 6.12
C GLU A 157 21.12 34.63 5.96
N VAL A 158 20.07 34.77 6.76
CA VAL A 158 19.06 33.73 6.80
C VAL A 158 18.34 33.59 5.44
N GLN A 159 18.18 34.70 4.71
CA GLN A 159 17.46 34.64 3.45
C GLN A 159 18.30 33.99 2.34
N LEU A 160 19.62 33.94 2.52
CA LEU A 160 20.47 33.34 1.51
C LEU A 160 20.46 31.85 1.72
N ASP A 161 20.37 31.48 3.00
CA ASP A 161 20.43 30.10 3.44
C ASP A 161 19.11 29.40 3.16
N PHE A 162 18.04 30.18 3.23
CA PHE A 162 16.71 29.73 2.85
C PHE A 162 16.56 29.57 1.35
N GLU A 163 17.15 30.50 0.59
CA GLU A 163 17.03 30.49 -0.86
C GLU A 163 17.59 29.19 -1.47
N ARG A 164 18.79 28.80 -1.04
CA ARG A 164 19.36 27.51 -1.42
C ARG A 164 18.45 26.32 -1.03
N TYR A 165 17.92 26.35 0.20
CA TYR A 165 17.08 25.29 0.72
C TYR A 165 15.84 25.11 -0.12
N ALA A 166 15.16 26.22 -0.36
CA ALA A 166 14.00 26.27 -1.24
C ALA A 166 14.35 25.69 -2.60
N ARG A 167 15.48 26.12 -3.16
CA ARG A 167 15.90 25.70 -4.48
C ARG A 167 16.20 24.22 -4.57
N LEU A 168 16.85 23.66 -3.54
CA LEU A 168 17.08 22.22 -3.42
C LEU A 168 15.77 21.47 -3.54
N CYS A 169 14.79 21.95 -2.79
CA CYS A 169 13.46 21.36 -2.77
C CYS A 169 12.78 21.45 -4.12
N PHE A 170 12.97 22.56 -4.82
CA PHE A 170 12.39 22.68 -6.15
C PHE A 170 13.04 21.65 -7.09
N GLU A 171 14.35 21.45 -6.92
CA GLU A 171 15.09 20.50 -7.72
C GLU A 171 14.62 19.07 -7.44
N ARG A 172 14.65 18.70 -6.16
CA ARG A 172 14.49 17.31 -5.76
C ARG A 172 13.04 16.83 -5.71
N PHE A 173 12.08 17.75 -5.64
CA PHE A 173 10.68 17.34 -5.59
C PHE A 173 9.78 18.06 -6.59
N GLY A 174 10.34 19.01 -7.33
CA GLY A 174 9.54 19.87 -8.19
C GLY A 174 8.92 19.32 -9.45
N ASP A 175 9.34 18.13 -9.89
CA ASP A 175 8.74 17.54 -11.09
C ASP A 175 7.38 16.90 -10.77
N ARG A 176 7.31 16.23 -9.61
CA ARG A 176 6.06 16.05 -8.86
C ARG A 176 5.88 17.33 -8.03
N VAL A 177 4.87 17.46 -7.19
CA VAL A 177 4.73 18.71 -6.39
C VAL A 177 4.73 20.02 -7.21
N GLN A 178 3.53 20.46 -7.55
CA GLN A 178 3.37 21.67 -8.34
C GLN A 178 2.70 22.75 -7.50
N ASN A 179 2.55 22.49 -6.20
CA ASN A 179 1.92 23.45 -5.30
C ASN A 179 2.73 23.78 -4.03
N TRP A 180 3.46 24.89 -4.11
CA TRP A 180 4.38 25.32 -3.06
C TRP A 180 3.88 26.39 -2.13
N ILE A 181 4.22 26.26 -0.86
CA ILE A 181 4.07 27.36 0.09
C ILE A 181 5.42 27.62 0.77
N THR A 182 5.90 28.85 0.72
CA THR A 182 7.25 29.14 1.20
C THR A 182 7.31 29.14 2.73
N ILE A 183 6.60 30.07 3.35
CA ILE A 183 6.67 30.27 4.79
C ILE A 183 5.26 30.27 5.40
N ASN A 184 5.10 29.62 6.55
CA ASN A 184 3.79 29.52 7.20
C ASN A 184 3.62 30.48 8.36
N GLU A 185 2.62 31.37 8.27
CA GLU A 185 2.34 32.35 9.34
C GLU A 185 3.59 33.06 9.87
N PRO A 186 4.23 33.91 9.04
CA PRO A 186 5.45 34.64 9.42
C PRO A 186 5.28 35.57 10.65
N TRP A 187 4.07 36.07 10.87
CA TRP A 187 3.80 37.00 11.95
C TRP A 187 3.97 36.27 13.31
N ILE A 188 3.47 35.03 13.43
CA ILE A 188 3.67 34.23 14.63
C ILE A 188 5.19 33.98 14.87
N GLN A 189 5.93 33.58 13.83
CA GLN A 189 7.38 33.36 13.97
C GLN A 189 8.12 34.62 14.38
N ALA A 190 7.60 35.76 13.95
CA ALA A 190 8.23 37.05 14.26
C ALA A 190 7.86 37.54 15.66
N ILE A 191 6.56 37.59 15.93
CA ILE A 191 6.04 38.13 17.19
C ILE A 191 6.13 37.15 18.36
N TYR A 192 5.63 35.94 18.19
CA TYR A 192 5.71 34.98 19.28
C TYR A 192 7.13 34.49 19.49
N GLY A 193 7.98 34.67 18.50
CA GLY A 193 9.32 34.13 18.58
C GLY A 193 10.36 35.16 19.00
N TYR A 194 10.02 36.43 18.85
CA TYR A 194 11.02 37.46 19.04
C TYR A 194 10.51 38.72 19.81
N ALA A 195 9.20 38.79 20.06
CA ALA A 195 8.58 39.84 20.89
C ALA A 195 8.03 39.30 22.22
N THR A 196 7.22 38.26 22.19
CA THR A 196 6.67 37.73 23.42
C THR A 196 7.38 36.46 23.89
N GLY A 197 8.09 35.79 22.99
CA GLY A 197 8.87 34.63 23.39
C GLY A 197 8.06 33.39 23.74
N SER A 198 6.76 33.41 23.43
CA SER A 198 5.89 32.29 23.75
C SER A 198 6.10 31.10 22.81
N ASN A 199 6.69 31.37 21.63
CA ASN A 199 7.16 30.34 20.67
C ASN A 199 8.67 30.42 20.46
N ALA A 200 9.26 29.30 20.05
CA ALA A 200 10.71 29.21 19.77
C ALA A 200 11.15 30.27 18.77
N PRO A 201 12.28 30.95 19.05
CA PRO A 201 13.25 30.70 20.11
C PRO A 201 12.99 31.33 21.50
N GLY A 202 11.84 31.97 21.70
CA GLY A 202 11.50 32.47 23.02
C GLY A 202 12.29 33.67 23.53
N ARG A 203 12.59 34.61 22.63
CA ARG A 203 13.33 35.82 23.00
C ARG A 203 12.36 36.96 23.22
N SER A 204 12.63 37.79 24.23
CA SER A 204 11.81 38.96 24.54
C SER A 204 12.38 39.79 25.70
N SER A 205 11.89 41.02 25.82
CA SER A 205 12.16 41.91 26.93
C SER A 205 10.96 41.93 27.86
N ILE A 206 9.83 41.39 27.41
CA ILE A 206 8.59 41.45 28.19
C ILE A 206 8.12 40.06 28.64
N ASN A 207 9.00 39.29 29.26
CA ASN A 207 8.61 37.98 29.76
C ASN A 207 9.40 37.59 30.99
N LYS A 208 9.12 36.41 31.51
CA LYS A 208 10.18 35.72 32.21
C LYS A 208 10.53 34.44 31.40
N HIS A 209 11.46 34.58 30.44
CA HIS A 209 12.02 35.84 29.92
C HIS A 209 12.75 35.26 28.66
N SER A 210 13.96 34.65 28.76
CA SER A 210 14.88 34.71 29.89
C SER A 210 16.09 35.41 29.31
N THR A 211 17.21 34.69 29.24
CA THR A 211 18.52 35.28 28.96
C THR A 211 18.45 36.50 28.01
N GLU A 212 17.96 36.35 26.79
CA GLU A 212 18.03 37.48 25.86
C GLU A 212 16.70 37.87 25.22
N GLY A 213 16.73 38.95 24.43
CA GLY A 213 15.57 39.52 23.72
C GLY A 213 15.60 41.03 23.52
N ASP A 214 14.79 41.55 22.59
CA ASP A 214 14.52 42.99 22.55
C ASP A 214 13.28 43.33 21.74
N THR A 215 12.13 43.39 22.40
CA THR A 215 10.86 43.28 21.69
C THR A 215 10.56 44.56 20.93
N ALA A 216 11.47 45.52 21.07
CA ALA A 216 11.30 46.81 20.47
C ALA A 216 11.84 46.83 19.02
N THR A 217 12.77 45.93 18.70
CA THR A 217 13.42 45.92 17.38
C THR A 217 13.44 44.57 16.70
N GLU A 218 13.56 43.50 17.48
CA GLU A 218 13.74 42.18 16.92
C GLU A 218 12.55 41.55 16.16
N PRO A 219 11.29 41.82 16.56
CA PRO A 219 10.23 41.29 15.70
C PRO A 219 10.28 41.84 14.28
N TRP A 220 10.66 43.11 14.14
CA TRP A 220 10.60 43.78 12.85
C TRP A 220 11.78 43.36 11.98
N LEU A 221 12.79 42.78 12.60
CA LEU A 221 13.87 42.19 11.85
C LEU A 221 13.41 40.85 11.29
N ALA A 222 12.87 40.02 12.17
CA ALA A 222 12.46 38.67 11.82
C ALA A 222 11.44 38.69 10.69
N GLY A 223 10.57 39.69 10.71
CA GLY A 223 9.62 39.89 9.64
C GLY A 223 10.31 40.15 8.32
N LYS A 224 11.21 41.12 8.30
CA LYS A 224 11.89 41.47 7.05
C LYS A 224 12.70 40.28 6.55
N ALA A 225 13.34 39.54 7.45
CA ALA A 225 14.11 38.37 7.04
C ALA A 225 13.23 37.31 6.35
N GLN A 226 12.08 37.01 6.93
CA GLN A 226 11.11 36.16 6.28
C GLN A 226 10.58 36.74 4.97
N ILE A 227 10.22 38.02 4.97
CA ILE A 227 9.75 38.69 3.75
C ILE A 227 10.73 38.50 2.60
N MET A 228 12.01 38.73 2.89
CA MET A 228 13.06 38.58 1.88
C MET A 228 13.33 37.11 1.55
N SER A 229 13.36 36.25 2.57
CA SER A 229 13.44 34.78 2.39
C SER A 229 12.41 34.26 1.35
N HIS A 230 11.16 34.67 1.52
CA HIS A 230 10.09 34.42 0.55
C HIS A 230 10.44 34.97 -0.83
N ALA A 231 10.82 36.25 -0.88
CA ALA A 231 11.04 36.93 -2.16
C ALA A 231 12.09 36.22 -3.00
N ARG A 232 13.21 35.94 -2.35
CA ARG A 232 14.26 35.10 -2.89
C ARG A 232 13.78 33.79 -3.50
N ALA A 233 13.01 32.99 -2.75
CA ALA A 233 12.58 31.68 -3.21
C ALA A 233 11.59 31.79 -4.36
N VAL A 234 10.78 32.84 -4.36
CA VAL A 234 9.79 33.06 -5.40
C VAL A 234 10.49 33.48 -6.69
N ALA A 235 11.53 34.30 -6.53
CA ALA A 235 12.36 34.71 -7.64
C ALA A 235 13.06 33.49 -8.25
N VAL A 236 13.67 32.65 -7.42
CA VAL A 236 14.23 31.39 -7.91
C VAL A 236 13.16 30.60 -8.65
N TYR A 237 12.00 30.38 -8.01
CA TYR A 237 10.97 29.56 -8.63
C TYR A 237 10.47 30.18 -9.91
N SER A 238 10.09 31.44 -9.87
CA SER A 238 9.57 32.10 -11.07
C SER A 238 10.50 32.05 -12.27
N ARG A 239 11.76 32.45 -12.08
CA ARG A 239 12.73 32.49 -13.17
C ARG A 239 13.18 31.10 -13.65
N ASP A 240 13.57 30.20 -12.74
CA ASP A 240 14.28 28.99 -13.12
C ASP A 240 13.47 27.71 -13.06
N PHE A 241 12.23 27.75 -12.57
CA PHE A 241 11.47 26.50 -12.41
C PHE A 241 10.06 26.48 -12.96
N ARG A 242 9.26 27.48 -12.65
CA ARG A 242 7.85 27.47 -13.03
C ARG A 242 7.60 27.28 -14.54
N PRO A 243 8.43 27.89 -15.42
CA PRO A 243 8.25 27.56 -16.84
C PRO A 243 8.24 26.05 -17.16
N SER A 244 9.30 25.33 -16.78
CA SER A 244 9.42 23.91 -17.08
C SER A 244 8.58 22.99 -16.18
N GLN A 245 8.40 23.39 -14.92
CA GLN A 245 7.72 22.54 -13.93
C GLN A 245 6.23 22.79 -13.84
N LYS A 246 5.86 24.02 -14.19
CA LYS A 246 4.48 24.48 -14.25
C LYS A 246 3.75 24.26 -12.94
N GLY A 247 4.01 25.12 -11.96
CA GLY A 247 3.34 25.04 -10.69
C GLY A 247 3.06 26.40 -10.07
N GLN A 248 2.40 26.40 -8.91
CA GLN A 248 2.15 27.60 -8.12
C GLN A 248 3.12 27.75 -6.98
N ILE A 249 3.26 28.97 -6.49
CA ILE A 249 3.96 29.19 -5.24
C ILE A 249 3.28 30.33 -4.51
N GLY A 250 3.34 30.27 -3.20
CA GLY A 250 2.63 31.24 -2.43
C GLY A 250 3.16 31.32 -1.03
N ILE A 251 2.58 32.22 -0.26
CA ILE A 251 2.87 32.34 1.15
C ILE A 251 1.53 32.17 1.79
N SER A 252 1.50 31.70 3.03
CA SER A 252 0.24 31.70 3.77
C SER A 252 0.32 32.58 5.04
N LEU A 253 -0.58 33.56 5.08
CA LEU A 253 -0.69 34.50 6.18
C LEU A 253 -1.92 34.20 7.00
N ASN A 254 -1.80 34.31 8.31
CA ASN A 254 -3.01 34.32 9.11
C ASN A 254 -3.34 35.73 9.57
N GLY A 255 -4.47 35.84 10.24
CA GLY A 255 -4.92 37.13 10.69
C GLY A 255 -6.37 37.16 11.01
N ASP A 256 -6.69 37.56 12.23
CA ASP A 256 -8.09 37.65 12.57
C ASP A 256 -8.69 38.85 11.84
N TYR A 257 -9.96 38.73 11.50
CA TYR A 257 -10.74 39.87 11.09
C TYR A 257 -11.07 40.69 12.34
N TYR A 258 -10.94 42.01 12.24
CA TYR A 258 -11.35 42.87 13.34
C TYR A 258 -12.40 43.87 12.87
N GLU A 259 -13.56 43.90 13.52
CA GLU A 259 -14.50 44.98 13.26
C GLU A 259 -14.55 45.82 14.51
N PRO A 260 -14.98 47.09 14.39
CA PRO A 260 -14.87 48.02 15.51
C PRO A 260 -15.66 47.62 16.75
N TRP A 261 -15.10 47.90 17.92
CA TRP A 261 -15.77 47.67 19.20
C TRP A 261 -17.03 48.51 19.31
N ASP A 262 -16.87 49.83 19.39
CA ASP A 262 -18.00 50.73 19.35
C ASP A 262 -18.33 51.01 17.90
N SER A 263 -19.39 50.35 17.41
CA SER A 263 -19.77 50.43 16.01
C SER A 263 -19.98 51.87 15.54
N ASN A 264 -20.51 52.72 16.41
CA ASN A 264 -20.86 54.09 16.02
C ASN A 264 -19.72 55.10 16.22
N GLU A 265 -18.47 54.61 16.22
CA GLU A 265 -17.31 55.45 16.54
C GLU A 265 -16.27 55.47 15.43
N PRO A 266 -16.02 56.65 14.84
CA PRO A 266 -15.02 56.81 13.78
C PRO A 266 -13.62 56.29 14.15
N ARG A 267 -13.23 56.49 15.41
CA ARG A 267 -11.87 56.16 15.84
C ARG A 267 -11.61 54.66 15.95
N ASP A 268 -12.66 53.86 15.86
CA ASP A 268 -12.50 52.42 16.05
C ASP A 268 -12.77 51.66 14.76
N LYS A 269 -13.41 52.28 13.78
CA LYS A 269 -13.47 51.71 12.44
C LYS A 269 -12.07 51.80 11.85
N GLU A 270 -11.31 52.72 12.44
CA GLU A 270 -9.97 53.13 12.03
C GLU A 270 -8.92 52.33 12.76
N ALA A 271 -9.28 51.94 13.96
CA ALA A 271 -8.40 51.19 14.83
C ALA A 271 -8.48 49.71 14.49
N ALA A 272 -9.60 49.27 13.94
CA ALA A 272 -9.74 47.88 13.53
C ALA A 272 -8.99 47.62 12.25
N GLU A 273 -8.92 48.60 11.36
CA GLU A 273 -8.19 48.39 10.12
C GLU A 273 -6.68 48.59 10.37
N ARG A 274 -6.32 49.49 11.27
CA ARG A 274 -4.91 49.66 11.59
C ARG A 274 -4.30 48.38 12.12
N ARG A 275 -5.10 47.60 12.85
CA ARG A 275 -4.65 46.31 13.37
C ARG A 275 -4.40 45.34 12.21
N MET A 276 -5.28 45.33 11.22
CA MET A 276 -5.18 44.38 10.11
C MET A 276 -4.11 44.77 9.09
N GLU A 277 -3.56 45.97 9.25
CA GLU A 277 -2.38 46.35 8.49
C GLU A 277 -1.14 46.01 9.26
N PHE A 278 -1.25 45.94 10.59
CA PHE A 278 -0.13 45.54 11.43
C PHE A 278 0.01 44.02 11.50
N HIS A 279 -0.91 43.32 10.86
CA HIS A 279 -0.84 41.89 10.83
C HIS A 279 -0.61 41.32 9.44
N ILE A 280 -1.48 41.72 8.51
CA ILE A 280 -1.43 41.23 7.13
C ILE A 280 -0.69 42.19 6.21
N GLY A 281 -0.94 43.48 6.38
CA GLY A 281 -0.37 44.51 5.52
C GLY A 281 1.13 44.52 5.55
N TRP A 282 1.67 44.19 6.71
CA TRP A 282 3.11 44.09 6.96
C TRP A 282 3.76 43.25 5.90
N PHE A 283 3.13 42.11 5.62
CA PHE A 283 3.68 41.15 4.69
C PHE A 283 3.04 41.28 3.31
N ALA A 284 1.74 41.47 3.26
CA ALA A 284 1.07 41.49 1.97
C ALA A 284 1.43 42.70 1.12
N ASN A 285 1.95 43.78 1.72
CA ASN A 285 2.31 44.94 0.92
C ASN A 285 3.54 44.65 0.07
N PRO A 286 4.67 44.22 0.66
CA PRO A 286 5.79 43.81 -0.20
C PRO A 286 5.45 42.63 -1.12
N ILE A 287 4.86 41.58 -0.57
CA ILE A 287 4.69 40.33 -1.30
C ILE A 287 3.57 40.33 -2.34
N PHE A 288 2.71 41.35 -2.36
CA PHE A 288 1.61 41.32 -3.32
C PHE A 288 1.43 42.64 -4.05
N LEU A 289 1.73 43.74 -3.38
CA LEU A 289 1.46 45.04 -3.96
C LEU A 289 2.76 45.71 -4.41
N LYS A 290 3.88 45.08 -4.09
CA LYS A 290 5.21 45.63 -4.36
C LYS A 290 5.44 46.97 -3.70
N LYS A 291 4.47 47.48 -2.94
CA LYS A 291 4.69 48.65 -2.08
C LYS A 291 5.49 48.23 -0.86
N ASP A 292 6.01 49.19 -0.12
CA ASP A 292 6.65 48.79 1.11
C ASP A 292 5.63 48.92 2.20
N TYR A 293 6.09 48.73 3.42
CA TYR A 293 5.27 48.69 4.63
C TYR A 293 4.10 49.67 4.60
N PRO A 294 2.94 49.24 5.12
CA PRO A 294 1.80 50.14 5.27
C PRO A 294 2.15 51.37 6.15
N GLU A 295 1.61 52.55 5.81
CA GLU A 295 2.11 53.80 6.39
C GLU A 295 1.69 54.00 7.84
N SER A 296 0.50 53.49 8.19
CA SER A 296 0.06 53.46 9.57
C SER A 296 1.11 52.79 10.46
N MET A 297 1.84 51.89 9.82
CA MET A 297 2.79 51.02 10.45
C MET A 297 4.22 51.59 10.40
N LYS A 298 4.53 52.33 9.35
CA LYS A 298 5.82 52.99 9.23
C LYS A 298 5.91 54.18 10.18
N LYS A 299 4.76 54.77 10.49
CA LYS A 299 4.69 55.96 11.32
C LYS A 299 4.73 55.66 12.83
N GLN A 300 4.26 54.50 13.27
CA GLN A 300 4.35 54.16 14.70
C GLN A 300 5.74 53.68 15.06
N LEU A 301 6.20 52.62 14.39
CA LEU A 301 7.51 52.05 14.62
C LEU A 301 8.55 52.91 13.93
N GLY A 302 9.83 52.70 14.22
CA GLY A 302 10.89 53.60 13.79
C GLY A 302 11.14 53.78 12.30
N GLU A 303 12.36 53.70 11.76
CA GLU A 303 13.68 53.36 12.36
C GLU A 303 13.77 51.91 12.88
N ARG A 304 12.90 51.55 13.81
CA ARG A 304 12.78 50.19 14.31
C ARG A 304 12.28 49.24 13.24
N LEU A 305 11.71 49.82 12.18
CA LEU A 305 11.21 49.09 11.04
C LEU A 305 12.26 49.10 9.95
N PRO A 306 12.94 47.97 9.76
CA PRO A 306 13.98 47.74 8.77
C PRO A 306 13.56 48.07 7.35
N ALA A 307 14.14 49.13 6.78
CA ALA A 307 13.72 49.68 5.49
C ALA A 307 13.90 48.71 4.34
N LEU A 308 12.92 48.73 3.43
CA LEU A 308 13.04 47.97 2.20
C LEU A 308 13.80 48.82 1.18
N THR A 309 14.99 48.34 0.83
CA THR A 309 15.91 49.03 -0.05
C THR A 309 15.52 48.80 -1.52
N PRO A 310 16.02 49.65 -2.46
CA PRO A 310 15.70 49.39 -3.86
C PRO A 310 16.27 48.05 -4.36
N ALA A 311 17.20 47.47 -3.61
CA ALA A 311 17.72 46.15 -3.93
C ALA A 311 16.72 45.07 -3.51
N ASP A 312 15.99 45.33 -2.43
CA ASP A 312 14.97 44.40 -1.99
C ASP A 312 13.83 44.31 -3.01
N PHE A 313 13.25 45.45 -3.39
CA PHE A 313 12.36 45.50 -4.56
C PHE A 313 13.20 45.40 -5.80
N ALA A 314 13.42 44.18 -6.25
CA ALA A 314 14.38 43.89 -7.28
C ALA A 314 14.37 42.40 -7.24
N ILE A 315 14.44 41.89 -6.01
CA ILE A 315 14.11 40.51 -5.74
C ILE A 315 12.61 40.34 -5.77
N LEU A 316 11.89 41.32 -5.23
CA LEU A 316 10.43 41.27 -5.18
C LEU A 316 9.82 41.40 -6.57
N ASN A 317 10.34 42.33 -7.38
CA ASN A 317 9.85 42.54 -8.76
C ASN A 317 10.60 41.71 -9.80
N ALA A 318 10.99 40.51 -9.43
CA ALA A 318 11.56 39.57 -10.40
C ALA A 318 10.90 38.24 -10.23
N GLY A 319 9.61 38.26 -9.92
CA GLY A 319 8.89 37.05 -9.58
C GLY A 319 7.48 37.37 -9.11
N GLU A 320 6.54 36.50 -9.45
CA GLU A 320 5.15 36.60 -9.01
C GLU A 320 4.89 35.63 -7.86
N THR A 321 4.22 36.11 -6.82
CA THR A 321 3.68 35.17 -5.85
C THR A 321 2.29 34.82 -6.35
N ASP A 322 2.02 33.54 -6.56
CA ASP A 322 0.88 33.08 -7.37
C ASP A 322 -0.48 33.12 -6.66
N PHE A 323 -0.47 32.95 -5.36
CA PHE A 323 -1.72 32.93 -4.64
C PHE A 323 -1.52 33.38 -3.21
N TYR A 324 -2.63 33.79 -2.60
CA TYR A 324 -2.70 34.17 -1.21
C TYR A 324 -3.16 32.93 -0.47
N GLY A 325 -2.23 32.28 0.22
CA GLY A 325 -2.58 31.25 1.18
C GLY A 325 -3.05 31.95 2.44
N MET A 326 -4.20 31.52 2.96
CA MET A 326 -4.80 32.19 4.10
C MET A 326 -5.17 31.21 5.21
N ASN A 327 -4.56 31.40 6.38
CA ASN A 327 -4.94 30.69 7.60
C ASN A 327 -5.97 31.52 8.37
N TYR A 328 -7.16 30.95 8.60
CA TYR A 328 -8.17 31.67 9.37
C TYR A 328 -8.71 30.75 10.44
N TYR A 329 -9.01 31.29 11.62
CA TYR A 329 -9.70 30.52 12.64
C TYR A 329 -10.77 31.33 13.34
N THR A 330 -10.46 32.59 13.63
CA THR A 330 -11.33 33.38 14.51
C THR A 330 -11.25 34.89 14.21
N SER A 331 -12.20 35.64 14.76
CA SER A 331 -12.20 37.10 14.65
C SER A 331 -12.24 37.78 16.01
N GLN A 332 -12.21 39.10 16.00
CA GLN A 332 -12.16 39.86 17.22
C GLN A 332 -12.67 41.28 17.00
N TYR A 333 -12.94 41.97 18.09
CA TYR A 333 -13.24 43.39 18.06
C TYR A 333 -12.00 44.11 18.51
N ALA A 334 -11.68 45.20 17.84
CA ALA A 334 -10.56 46.03 18.28
C ALA A 334 -11.10 47.39 18.66
N ARG A 335 -10.39 48.10 19.53
CA ARG A 335 -10.76 49.47 19.86
C ARG A 335 -9.55 50.26 20.36
N HIS A 336 -9.53 51.57 20.14
CA HIS A 336 -8.33 52.37 20.35
C HIS A 336 -7.63 52.38 21.69
N LEU A 337 -6.55 53.14 21.65
CA LEU A 337 -5.80 53.58 22.78
C LEU A 337 -5.94 55.07 22.91
N ASP A 338 -6.08 55.54 24.15
CA ASP A 338 -5.66 56.88 24.46
C ASP A 338 -4.48 56.72 25.43
N GLY A 339 -3.45 57.53 25.22
CA GLY A 339 -2.12 57.28 25.74
C GLY A 339 -1.23 57.30 24.51
N PRO A 340 0.10 57.20 24.70
CA PRO A 340 0.92 57.37 23.50
C PRO A 340 1.74 56.14 23.08
N VAL A 341 1.23 54.93 23.33
CA VAL A 341 1.89 53.61 23.14
C VAL A 341 3.38 53.47 23.47
N PRO A 342 3.78 52.31 24.01
CA PRO A 342 5.21 52.08 24.21
C PRO A 342 5.95 51.61 22.93
N GLU A 343 7.28 51.53 23.01
CA GLU A 343 8.08 50.97 21.93
C GLU A 343 7.66 49.52 21.75
N THR A 344 7.44 48.87 22.89
CA THR A 344 7.02 47.48 22.98
C THR A 344 5.53 47.30 22.67
N ASP A 345 5.07 47.91 21.58
CA ASP A 345 3.74 47.63 21.06
C ASP A 345 3.88 47.17 19.62
N TYR A 346 3.22 46.07 19.31
CA TYR A 346 3.36 45.45 18.02
C TYR A 346 2.01 45.28 17.34
N LEU A 347 0.93 45.49 18.09
CA LEU A 347 -0.40 45.34 17.51
C LEU A 347 -0.81 46.57 16.73
N GLY A 348 -0.16 47.70 17.01
CA GLY A 348 -0.45 48.95 16.33
C GLY A 348 -1.41 49.88 17.06
N ALA A 349 -1.28 49.95 18.38
CA ALA A 349 -2.08 50.80 19.27
C ALA A 349 -3.53 50.33 19.41
N ILE A 350 -3.74 49.13 19.93
CA ILE A 350 -5.08 48.53 19.94
C ILE A 350 -5.33 47.77 21.22
N HIS A 351 -6.55 47.88 21.76
CA HIS A 351 -7.05 46.93 22.76
C HIS A 351 -7.98 45.93 22.09
N GLU A 352 -7.60 44.66 22.04
CA GLU A 352 -8.49 43.71 21.39
C GLU A 352 -9.45 43.07 22.38
N HIS A 353 -10.71 42.92 21.98
CA HIS A 353 -11.74 42.28 22.79
C HIS A 353 -12.38 41.11 22.07
N GLN A 354 -13.07 40.24 22.81
CA GLN A 354 -13.92 39.25 22.16
C GLN A 354 -15.38 39.61 22.42
N GLU A 355 -15.63 40.89 22.68
CA GLU A 355 -16.96 41.43 22.96
C GLU A 355 -17.03 42.87 22.48
N ASN A 356 -18.20 43.35 22.12
CA ASN A 356 -18.31 44.75 21.72
C ASN A 356 -18.92 45.64 22.77
N LYS A 357 -19.24 46.86 22.36
CA LYS A 357 -20.02 47.81 23.15
C LYS A 357 -21.15 47.16 23.89
N ASP A 358 -22.05 46.57 23.11
CA ASP A 358 -23.31 46.07 23.62
C ASP A 358 -23.21 44.64 24.11
N GLY A 359 -22.16 44.31 24.85
CA GLY A 359 -22.04 43.04 25.55
C GLY A 359 -22.06 41.75 24.75
N SER A 360 -22.44 41.83 23.48
CA SER A 360 -22.56 40.64 22.64
C SER A 360 -21.19 40.15 22.16
N PRO A 361 -20.99 38.83 22.13
CA PRO A 361 -19.70 38.21 21.83
C PRO A 361 -19.42 38.15 20.34
N VAL A 362 -18.18 37.88 19.97
CA VAL A 362 -17.84 37.69 18.56
C VAL A 362 -18.49 36.41 18.09
N GLY A 363 -18.84 35.54 19.03
CA GLY A 363 -19.85 34.54 18.78
C GLY A 363 -19.40 33.11 18.92
N GLU A 364 -20.17 32.34 19.68
CA GLU A 364 -20.08 30.87 19.86
C GLU A 364 -18.69 30.30 19.94
N GLU A 365 -18.40 29.55 20.99
CA GLU A 365 -17.04 29.16 21.21
C GLU A 365 -16.70 27.69 21.26
N SER A 366 -15.41 27.45 21.12
CA SER A 366 -14.86 26.13 20.98
C SER A 366 -14.17 25.78 22.26
N GLY A 367 -13.21 26.64 22.60
CA GLY A 367 -12.46 26.50 23.83
C GLY A 367 -11.50 25.34 23.77
N LEU A 368 -10.21 25.54 24.00
CA LEU A 368 -9.46 26.81 24.01
C LEU A 368 -10.04 28.00 24.79
N ALA A 369 -10.48 29.02 24.04
CA ALA A 369 -11.17 30.23 24.52
C ALA A 369 -10.87 31.36 23.58
N TRP A 370 -9.67 31.34 23.03
CA TRP A 370 -9.22 32.38 22.12
C TRP A 370 -9.78 32.19 20.73
N LEU A 371 -10.20 30.97 20.43
CA LEU A 371 -10.84 30.62 19.17
C LEU A 371 -12.32 30.50 19.37
N ARG A 372 -13.07 31.28 18.62
CA ARG A 372 -14.50 31.11 18.59
C ARG A 372 -15.01 31.22 17.17
N SER A 373 -16.13 30.55 16.90
CA SER A 373 -16.65 30.41 15.54
C SER A 373 -17.35 31.68 15.05
N CYS A 374 -16.77 32.35 14.06
CA CYS A 374 -17.29 33.62 13.54
C CYS A 374 -17.52 33.58 12.04
N PRO A 375 -18.52 32.85 11.60
CA PRO A 375 -18.63 32.57 10.16
C PRO A 375 -18.92 33.78 9.26
N ASP A 376 -19.46 34.91 9.74
CA ASP A 376 -19.74 36.00 8.80
C ASP A 376 -18.74 37.13 8.91
N MET A 377 -17.83 37.02 9.86
CA MET A 377 -16.70 37.92 9.85
C MET A 377 -15.60 37.29 9.00
N PHE A 378 -15.74 35.99 8.79
CA PHE A 378 -14.89 35.27 7.87
C PHE A 378 -15.19 35.74 6.46
N ARG A 379 -16.47 35.77 6.13
CA ARG A 379 -16.88 36.27 4.84
C ARG A 379 -16.42 37.71 4.60
N LYS A 380 -16.64 38.59 5.57
CA LYS A 380 -16.17 39.96 5.50
C LYS A 380 -14.68 40.01 5.24
N HIS A 381 -13.96 39.08 5.88
CA HIS A 381 -12.50 38.98 5.77
C HIS A 381 -12.10 38.66 4.36
N LEU A 382 -12.77 37.71 3.73
CA LEU A 382 -12.44 37.31 2.36
C LEU A 382 -12.63 38.44 1.32
N ALA A 383 -13.68 39.23 1.51
CA ALA A 383 -13.96 40.38 0.66
C ALA A 383 -12.95 41.53 0.81
N ARG A 384 -12.48 41.83 2.02
CA ARG A 384 -11.43 42.84 2.19
C ARG A 384 -10.08 42.36 1.64
N VAL A 385 -9.65 41.16 2.02
CA VAL A 385 -8.35 40.63 1.59
C VAL A 385 -8.28 40.37 0.09
N TYR A 386 -9.41 40.14 -0.55
CA TYR A 386 -9.47 40.11 -2.01
C TYR A 386 -9.74 41.54 -2.50
N GLY A 387 -8.99 42.02 -3.49
CA GLY A 387 -9.03 43.45 -3.84
C GLY A 387 -8.45 44.23 -2.67
N LEU A 388 -7.21 44.72 -2.81
CA LEU A 388 -6.29 44.74 -1.68
C LEU A 388 -6.47 43.29 -1.29
N TYR A 389 -5.81 42.37 -2.01
CA TYR A 389 -4.56 42.67 -2.63
C TYR A 389 -4.44 42.58 -4.18
N GLY A 390 -4.94 41.55 -4.89
CA GLY A 390 -5.79 40.48 -4.42
C GLY A 390 -5.63 39.35 -5.42
N LYS A 391 -4.86 38.35 -5.03
CA LYS A 391 -4.66 37.14 -5.81
C LYS A 391 -5.67 36.12 -5.31
N PRO A 392 -5.83 34.98 -6.03
CA PRO A 392 -6.78 33.96 -5.58
C PRO A 392 -6.47 33.46 -4.17
N ILE A 393 -7.50 33.18 -3.37
CA ILE A 393 -7.24 32.73 -2.01
C ILE A 393 -7.49 31.23 -1.86
N TYR A 394 -6.44 30.49 -1.50
CA TYR A 394 -6.61 29.14 -0.97
C TYR A 394 -6.69 29.24 0.53
N ILE A 395 -7.64 28.55 1.14
CA ILE A 395 -7.68 28.53 2.59
C ILE A 395 -6.84 27.37 3.13
N THR A 396 -5.62 27.70 3.57
CA THR A 396 -4.61 26.68 3.81
C THR A 396 -4.70 26.12 5.22
N GLU A 397 -5.39 26.81 6.12
CA GLU A 397 -5.69 26.26 7.44
C GLU A 397 -7.02 26.76 7.93
N ASN A 398 -7.93 25.85 8.24
CA ASN A 398 -9.13 26.24 8.93
C ASN A 398 -9.65 25.08 9.72
N GLY A 399 -9.69 25.22 11.04
CA GLY A 399 -10.05 24.12 11.90
C GLY A 399 -10.45 24.59 13.28
N CYS A 400 -10.70 23.64 14.16
CA CYS A 400 -11.44 23.89 15.38
C CYS A 400 -11.35 22.75 16.40
N PRO A 401 -11.34 23.07 17.70
CA PRO A 401 -11.44 22.04 18.72
C PRO A 401 -12.81 22.05 19.40
N CYS A 402 -13.49 20.92 19.43
CA CYS A 402 -14.76 20.85 20.14
C CYS A 402 -14.58 21.07 21.65
N PRO A 403 -15.57 21.71 22.31
CA PRO A 403 -15.56 21.87 23.76
C PRO A 403 -15.62 20.53 24.46
N GLY A 404 -14.78 20.31 25.48
CA GLY A 404 -14.77 19.07 26.23
C GLY A 404 -13.45 18.32 26.22
N CYS A 410 -11.18 11.95 25.86
CA CYS A 410 -11.23 10.50 25.56
C CYS A 410 -11.66 10.23 24.12
N GLU A 411 -11.94 8.96 23.77
CA GLU A 411 -12.51 8.63 22.45
C GLU A 411 -14.07 8.60 22.48
N GLU A 412 -14.57 9.50 23.30
CA GLU A 412 -15.90 10.05 23.17
C GLU A 412 -15.80 11.08 22.06
N ALA A 413 -14.56 11.34 21.63
CA ALA A 413 -14.17 12.36 20.66
C ALA A 413 -14.54 12.02 19.23
N VAL A 414 -14.93 10.78 19.00
CA VAL A 414 -15.36 10.33 17.69
C VAL A 414 -16.59 11.10 17.22
N ASN A 415 -17.48 11.45 18.14
CA ASN A 415 -18.52 12.39 17.75
C ASN A 415 -18.08 13.82 18.03
N ASP A 416 -17.87 14.56 16.95
CA ASP A 416 -17.45 15.94 17.06
C ASP A 416 -18.45 16.79 16.29
N PRO A 417 -19.65 16.96 16.84
CA PRO A 417 -20.70 17.67 16.12
C PRO A 417 -20.42 19.17 16.10
N PHE A 418 -19.64 19.66 17.05
CA PHE A 418 -19.29 21.05 17.05
C PHE A 418 -18.44 21.35 15.84
N ARG A 419 -17.52 20.44 15.57
CA ARG A 419 -16.52 20.61 14.53
C ARG A 419 -17.18 20.56 13.18
N ILE A 420 -18.10 19.62 13.02
CA ILE A 420 -18.86 19.50 11.79
C ILE A 420 -19.62 20.79 11.47
N ARG A 421 -20.27 21.37 12.48
CA ARG A 421 -21.06 22.58 12.29
C ARG A 421 -20.12 23.79 12.03
N TYR A 422 -18.92 23.77 12.60
CA TYR A 422 -17.87 24.77 12.35
C TYR A 422 -17.43 24.80 10.90
N PHE A 423 -17.12 23.63 10.36
CA PHE A 423 -16.81 23.45 8.93
C PHE A 423 -17.93 23.97 8.04
N ASP A 424 -19.13 23.43 8.23
CA ASP A 424 -20.31 23.73 7.41
C ASP A 424 -20.59 25.23 7.33
N SER A 425 -20.46 25.92 8.45
CA SER A 425 -20.84 27.34 8.47
C SER A 425 -19.75 28.19 7.87
N HIS A 426 -18.53 27.68 7.90
CA HIS A 426 -17.40 28.43 7.42
C HIS A 426 -17.23 28.22 5.92
N LEU A 427 -17.74 27.09 5.42
CA LEU A 427 -17.81 26.82 4.00
C LEU A 427 -18.94 27.59 3.38
N ASP A 428 -19.99 27.81 4.17
CA ASP A 428 -21.15 28.55 3.71
C ASP A 428 -20.79 30.00 3.43
N SER A 429 -19.80 30.51 4.13
CA SER A 429 -19.43 31.88 3.88
C SER A 429 -18.27 31.95 2.91
N ILE A 430 -17.75 30.81 2.49
CA ILE A 430 -16.86 30.77 1.34
C ILE A 430 -17.71 30.76 0.07
N SER A 431 -18.74 29.92 0.06
CA SER A 431 -19.76 29.96 -0.96
C SER A 431 -20.34 31.35 -1.13
N LYS A 432 -20.69 31.98 -0.01
CA LYS A 432 -21.23 33.32 -0.05
C LYS A 432 -20.21 34.31 -0.62
N ALA A 433 -19.01 34.36 -0.06
CA ALA A 433 -17.98 35.26 -0.55
C ALA A 433 -17.73 35.11 -2.05
N ILE A 434 -17.77 33.88 -2.54
CA ILE A 434 -17.49 33.63 -3.96
C ILE A 434 -18.61 34.17 -4.81
N THR A 435 -19.84 33.84 -4.45
CA THR A 435 -20.96 34.02 -5.36
C THR A 435 -21.70 35.31 -5.14
N GLN A 436 -21.35 36.06 -4.10
CA GLN A 436 -22.07 37.30 -3.83
C GLN A 436 -21.09 38.48 -3.75
N ASP A 437 -19.81 38.18 -3.52
CA ASP A 437 -18.81 39.23 -3.38
C ASP A 437 -17.75 39.12 -4.46
N GLY A 438 -17.87 38.10 -5.29
CA GLY A 438 -16.97 37.92 -6.41
C GLY A 438 -15.55 37.75 -5.94
N VAL A 439 -15.40 36.99 -4.87
CA VAL A 439 -14.09 36.63 -4.38
C VAL A 439 -13.73 35.32 -5.06
N VAL A 440 -12.51 35.22 -5.55
CA VAL A 440 -12.03 33.97 -6.10
C VAL A 440 -11.41 33.16 -4.97
N VAL A 441 -12.09 32.10 -4.57
CA VAL A 441 -11.50 31.15 -3.65
C VAL A 441 -11.39 29.83 -4.38
N LYS A 442 -10.23 29.19 -4.27
CA LYS A 442 -9.93 28.06 -5.12
C LYS A 442 -9.82 26.76 -4.32
N GLY A 443 -9.66 26.85 -3.01
CA GLY A 443 -9.43 25.65 -2.25
C GLY A 443 -9.37 25.81 -0.74
N TYR A 444 -9.40 24.69 -0.04
CA TYR A 444 -9.64 24.66 1.40
C TYR A 444 -8.97 23.48 2.08
N PHE A 445 -7.96 23.73 2.92
CA PHE A 445 -7.37 22.66 3.73
C PHE A 445 -7.81 22.79 5.18
N ALA A 446 -8.35 21.69 5.70
CA ALA A 446 -8.91 21.66 7.05
C ALA A 446 -7.81 21.27 8.04
N TRP A 447 -7.72 22.00 9.14
CA TRP A 447 -6.72 21.71 10.14
C TRP A 447 -7.37 20.87 11.23
N ALA A 448 -6.81 19.71 11.56
CA ALA A 448 -5.66 19.08 10.94
C ALA A 448 -6.08 17.68 10.56
N LEU A 449 -5.18 16.87 10.02
CA LEU A 449 -5.52 15.49 9.69
C LEU A 449 -5.53 14.63 10.94
N LEU A 450 -4.54 14.87 11.79
CA LEU A 450 -4.35 14.15 13.05
C LEU A 450 -4.46 15.07 14.23
N ASP A 451 -4.60 14.51 15.42
CA ASP A 451 -4.39 15.32 16.61
C ASP A 451 -2.91 15.57 16.78
N ASN A 452 -2.52 16.82 16.98
CA ASN A 452 -1.12 17.18 17.02
C ASN A 452 -0.61 17.49 18.40
N LEU A 453 0.69 17.77 18.39
CA LEU A 453 1.30 18.66 19.34
C LEU A 453 0.88 20.08 18.94
N GLU A 454 0.13 20.75 19.81
CA GLU A 454 -0.26 22.11 19.52
C GLU A 454 0.85 23.04 20.01
N TRP A 455 2.04 22.89 19.43
CA TRP A 455 3.23 23.65 19.83
C TRP A 455 3.37 23.81 21.34
N SER A 456 3.60 25.04 21.80
CA SER A 456 3.86 25.26 23.22
C SER A 456 2.58 25.17 24.07
N ASP A 457 1.50 24.70 23.44
CA ASP A 457 0.26 24.32 24.13
C ASP A 457 0.23 22.85 24.46
N GLY A 458 1.20 22.10 23.95
CA GLY A 458 1.25 20.66 24.14
C GLY A 458 0.19 19.84 23.40
N TYR A 459 0.02 18.60 23.84
CA TYR A 459 -0.92 17.69 23.21
C TYR A 459 -2.32 17.91 23.74
N GLY A 460 -2.47 18.93 24.58
CA GLY A 460 -3.75 19.31 25.16
C GLY A 460 -4.90 19.34 24.16
N PRO A 461 -4.98 20.43 23.37
CA PRO A 461 -5.94 20.75 22.30
C PRO A 461 -6.01 19.69 21.21
N ARG A 462 -7.20 19.30 20.81
CA ARG A 462 -7.31 18.29 19.77
C ARG A 462 -8.02 18.82 18.52
N PHE A 463 -7.23 19.22 17.53
CA PHE A 463 -7.79 19.91 16.35
C PHE A 463 -8.17 19.00 15.19
N GLY A 464 -7.58 17.80 15.16
CA GLY A 464 -7.65 16.98 13.97
C GLY A 464 -8.99 16.30 13.81
N VAL A 465 -9.25 15.79 12.60
CA VAL A 465 -10.47 14.98 12.34
C VAL A 465 -10.21 13.48 12.54
N THR A 466 -9.00 13.15 12.95
CA THR A 466 -8.66 11.80 13.37
C THR A 466 -8.19 11.86 14.80
N PHE A 467 -8.67 10.95 15.64
CA PHE A 467 -8.26 10.94 17.03
C PHE A 467 -6.99 10.13 17.19
N THR A 468 -5.90 10.78 17.58
CA THR A 468 -4.66 10.07 17.81
C THR A 468 -4.54 9.67 19.30
N ASP A 469 -4.36 8.39 19.54
CA ASP A 469 -4.21 7.87 20.88
C ASP A 469 -2.74 7.85 21.27
N TYR A 470 -2.29 8.83 22.03
CA TYR A 470 -0.86 9.06 22.18
C TYR A 470 -0.09 7.95 22.93
N THR A 471 -0.78 7.02 23.56
CA THR A 471 -0.05 5.90 24.17
C THR A 471 0.07 4.70 23.18
N THR A 472 -1.00 4.38 22.47
CA THR A 472 -1.00 3.36 21.40
C THR A 472 -0.43 3.86 20.08
N LEU A 473 -0.36 5.18 19.92
CA LEU A 473 -0.20 5.82 18.62
C LEU A 473 -1.25 5.29 17.66
N LYS A 474 -2.44 5.02 18.20
CA LYS A 474 -3.53 4.48 17.38
C LYS A 474 -4.37 5.64 16.84
N ARG A 475 -4.83 5.52 15.60
CA ARG A 475 -5.66 6.56 15.02
C ARG A 475 -7.04 6.06 14.60
N THR A 476 -8.08 6.55 15.25
CA THR A 476 -9.46 6.30 14.79
C THR A 476 -10.16 7.60 14.34
N PRO A 477 -10.95 7.52 13.27
CA PRO A 477 -11.60 8.69 12.69
C PRO A 477 -12.70 9.28 13.54
N LYS A 478 -12.83 10.60 13.50
CA LYS A 478 -13.89 11.30 14.18
C LYS A 478 -15.02 11.44 13.18
N LYS A 479 -16.22 11.79 13.63
CA LYS A 479 -17.35 11.84 12.71
C LYS A 479 -17.10 12.82 11.61
N SER A 480 -16.39 13.90 11.94
CA SER A 480 -16.10 14.95 10.98
C SER A 480 -15.34 14.47 9.73
N ALA A 481 -14.43 13.51 9.89
CA ALA A 481 -13.62 13.06 8.75
C ALA A 481 -14.44 12.37 7.66
N LEU A 482 -15.44 11.61 8.10
CA LEU A 482 -16.24 10.80 7.20
C LEU A 482 -17.39 11.59 6.59
N VAL A 483 -17.59 12.80 7.08
CA VAL A 483 -18.71 13.61 6.64
C VAL A 483 -18.25 14.75 5.75
N LEU A 484 -17.01 15.17 5.92
CA LEU A 484 -16.55 16.37 5.24
C LEU A 484 -16.52 16.17 3.72
N LYS A 485 -16.20 14.95 3.26
CA LYS A 485 -16.23 14.63 1.83
C LYS A 485 -17.65 14.76 1.25
N ASP A 486 -18.65 14.53 2.08
CA ASP A 486 -20.07 14.57 1.70
C ASP A 486 -20.60 16.00 1.63
N MET A 487 -19.94 16.91 2.34
CA MET A 487 -20.31 18.30 2.32
C MET A 487 -19.76 18.93 1.07
N PHE A 488 -18.55 18.55 0.73
CA PHE A 488 -17.95 19.07 -0.49
C PHE A 488 -18.64 18.51 -1.71
N ALA A 489 -18.96 17.22 -1.67
CA ALA A 489 -19.65 16.57 -2.77
C ALA A 489 -21.02 17.22 -3.08
N ALA A 490 -21.64 17.81 -2.06
CA ALA A 490 -22.99 18.34 -2.18
C ALA A 490 -23.02 19.82 -2.48
N ARG A 491 -21.84 20.35 -2.81
CA ARG A 491 -21.70 21.76 -3.13
C ARG A 491 -21.20 21.89 -4.54
N GLN A 492 -20.72 20.80 -5.10
CA GLN A 492 -20.29 20.77 -6.47
C GLN A 492 -21.31 20.01 -7.23
N ILE A 493 -21.64 20.43 -8.44
CA ILE A 493 -22.62 19.70 -9.22
C ILE A 493 -22.64 19.94 -10.71
N PRO A 494 -23.58 20.71 -11.23
CA PRO A 494 -24.72 21.27 -10.50
C PRO A 494 -26.00 21.24 -11.36
N GLU A 495 -25.85 20.76 -12.59
CA GLU A 495 -26.94 20.59 -13.52
C GLU A 495 -27.21 19.11 -13.46
N GLU A 496 -26.93 18.57 -12.29
CA GLU A 496 -27.15 17.18 -11.98
C GLU A 496 -27.97 17.07 -10.71
N LEU A 497 -28.09 18.18 -10.00
CA LEU A 497 -29.04 18.24 -8.92
C LEU A 497 -30.37 17.92 -9.55
N ALA A 498 -30.31 17.36 -10.75
CA ALA A 498 -31.50 16.96 -11.48
C ALA A 498 -31.29 15.63 -12.15
N HIS A 499 -31.01 15.67 -13.45
CA HIS A 499 -30.91 14.47 -14.23
C HIS A 499 -30.77 13.29 -13.32
N SER B 18 -7.01 -33.77 -7.10
CA SER B 18 -8.42 -34.15 -7.13
C SER B 18 -9.19 -33.37 -8.19
N LEU B 19 -9.15 -33.87 -9.42
CA LEU B 19 -9.90 -33.38 -10.59
C LEU B 19 -9.31 -32.12 -11.24
N ALA B 20 -8.23 -32.38 -11.97
CA ALA B 20 -7.49 -31.49 -12.86
C ALA B 20 -8.21 -30.35 -13.59
N LEU B 21 -8.00 -29.12 -13.12
CA LEU B 21 -8.19 -27.93 -13.95
C LEU B 21 -6.83 -27.58 -14.54
N PRO B 22 -6.77 -27.22 -15.84
CA PRO B 22 -5.57 -27.04 -16.65
C PRO B 22 -4.31 -26.68 -15.89
N ASN B 23 -3.84 -25.46 -16.03
CA ASN B 23 -2.56 -25.08 -15.45
C ASN B 23 -2.46 -23.59 -15.49
N ASP B 24 -2.63 -23.07 -16.70
CA ASP B 24 -2.96 -21.67 -16.92
C ASP B 24 -4.10 -21.30 -15.99
N PHE B 25 -5.31 -21.57 -16.46
CA PHE B 25 -6.55 -21.34 -15.73
C PHE B 25 -6.53 -20.15 -14.78
N GLU B 26 -6.96 -19.00 -15.27
CA GLU B 26 -7.04 -17.84 -14.43
C GLU B 26 -8.23 -17.99 -13.50
N TRP B 27 -8.07 -17.64 -12.24
CA TRP B 27 -9.21 -17.55 -11.33
C TRP B 27 -9.11 -16.34 -10.41
N GLY B 28 -10.25 -15.92 -9.88
CA GLY B 28 -10.27 -14.80 -8.96
C GLY B 28 -11.71 -14.50 -8.62
N PHE B 29 -11.99 -13.23 -8.30
CA PHE B 29 -13.31 -12.85 -7.83
C PHE B 29 -13.92 -11.79 -8.73
N ALA B 30 -15.25 -11.66 -8.67
CA ALA B 30 -15.97 -10.61 -9.40
C ALA B 30 -16.70 -9.63 -8.49
N THR B 31 -16.92 -8.41 -9.00
CA THR B 31 -17.70 -7.35 -8.33
C THR B 31 -18.35 -6.47 -9.39
N ALA B 32 -19.43 -5.79 -9.05
CA ALA B 32 -20.02 -4.85 -9.98
C ALA B 32 -19.95 -3.43 -9.45
N ALA B 33 -19.63 -2.49 -10.32
CA ALA B 33 -19.56 -1.06 -9.99
C ALA B 33 -20.58 -0.60 -8.96
N TYR B 34 -21.87 -0.62 -9.33
CA TYR B 34 -22.90 -0.02 -8.49
C TYR B 34 -23.07 -0.72 -7.16
N GLN B 35 -22.84 -2.03 -7.21
CA GLN B 35 -23.15 -2.90 -6.08
C GLN B 35 -22.24 -2.64 -4.89
N ILE B 36 -21.07 -2.05 -5.15
CA ILE B 36 -20.09 -1.87 -4.07
C ILE B 36 -19.53 -0.45 -3.88
N GLU B 37 -19.47 0.36 -4.93
CA GLU B 37 -18.67 1.59 -4.88
C GLU B 37 -19.21 2.67 -3.95
N GLY B 38 -20.51 2.89 -3.96
CA GLY B 38 -21.02 4.05 -3.27
C GLY B 38 -20.43 5.30 -3.89
N ALA B 39 -20.01 6.26 -3.06
CA ALA B 39 -19.59 7.58 -3.51
C ALA B 39 -20.37 7.95 -4.73
N VAL B 40 -21.68 8.01 -4.57
CA VAL B 40 -22.57 8.10 -5.71
C VAL B 40 -22.54 9.50 -6.31
N LYS B 41 -22.38 10.51 -5.43
CA LYS B 41 -22.35 11.91 -5.86
C LYS B 41 -20.98 12.53 -5.91
N GLU B 42 -19.96 11.90 -5.31
CA GLU B 42 -18.65 12.54 -5.31
C GLU B 42 -17.74 11.97 -6.37
N GLY B 43 -16.68 12.71 -6.68
CA GLY B 43 -15.84 12.40 -7.82
C GLY B 43 -16.55 12.76 -9.10
N GLY B 44 -17.35 13.83 -9.06
CA GLY B 44 -18.05 14.37 -10.23
C GLY B 44 -18.88 13.39 -11.06
N ARG B 45 -19.15 12.22 -10.48
CA ARG B 45 -20.01 11.21 -11.10
C ARG B 45 -21.41 11.75 -11.12
N GLY B 46 -22.19 11.35 -12.10
CA GLY B 46 -23.60 11.67 -12.06
C GLY B 46 -24.44 10.42 -12.11
N PRO B 47 -25.75 10.58 -11.87
CA PRO B 47 -26.79 9.55 -11.74
C PRO B 47 -26.79 8.48 -12.81
N SER B 48 -26.85 7.21 -12.39
CA SER B 48 -27.21 6.10 -13.28
C SER B 48 -28.67 5.85 -13.06
N ILE B 49 -29.28 5.03 -13.92
CA ILE B 49 -30.71 4.81 -13.84
C ILE B 49 -31.10 4.10 -12.53
N TRP B 50 -30.14 3.43 -11.90
CA TRP B 50 -30.39 2.76 -10.62
C TRP B 50 -30.50 3.73 -9.49
N ASP B 51 -29.85 4.88 -9.63
CA ASP B 51 -29.94 5.93 -8.63
C ASP B 51 -31.38 6.46 -8.51
N THR B 52 -32.14 6.35 -9.59
CA THR B 52 -33.52 6.76 -9.60
C THR B 52 -34.44 5.64 -9.17
N TYR B 53 -34.07 4.41 -9.52
CA TYR B 53 -34.88 3.26 -9.22
C TYR B 53 -34.87 2.94 -7.75
N CYS B 54 -33.74 3.19 -7.11
CA CYS B 54 -33.59 2.87 -5.70
C CYS B 54 -34.33 3.86 -4.83
N HIS B 55 -34.52 5.06 -5.35
CA HIS B 55 -35.17 6.13 -4.59
C HIS B 55 -36.62 6.36 -4.95
N LEU B 56 -37.25 5.34 -5.49
CA LEU B 56 -38.67 5.42 -5.73
C LEU B 56 -39.46 5.27 -4.43
N GLU B 57 -40.66 5.85 -4.44
CA GLU B 57 -41.57 5.84 -3.29
C GLU B 57 -42.97 5.51 -3.77
N PRO B 58 -43.45 4.29 -3.48
CA PRO B 58 -42.84 3.21 -2.68
C PRO B 58 -41.70 2.43 -3.38
N SER B 59 -40.65 2.18 -2.63
CA SER B 59 -39.43 1.54 -3.12
C SER B 59 -39.67 0.24 -3.87
N ARG B 60 -39.11 0.15 -5.07
CA ARG B 60 -39.16 -1.07 -5.87
C ARG B 60 -37.91 -1.90 -5.63
N THR B 61 -37.00 -1.38 -4.80
CA THR B 61 -35.75 -2.08 -4.53
C THR B 61 -35.68 -2.65 -3.12
N ASN B 62 -36.82 -2.74 -2.44
CA ASN B 62 -36.91 -3.30 -1.09
C ASN B 62 -36.36 -2.35 -0.02
N GLY B 63 -36.51 -1.04 -0.28
CA GLY B 63 -35.99 0.00 0.58
C GLY B 63 -34.48 0.15 0.59
N ALA B 64 -33.82 -0.21 -0.51
CA ALA B 64 -32.37 -0.26 -0.52
C ALA B 64 -31.71 0.79 -1.43
N ASN B 65 -30.44 1.05 -1.14
CA ASN B 65 -29.67 2.12 -1.78
C ASN B 65 -28.30 1.77 -2.29
N GLY B 66 -27.88 2.44 -3.35
CA GLY B 66 -26.51 2.31 -3.81
C GLY B 66 -25.63 3.41 -3.26
N ASP B 67 -26.24 4.42 -2.63
CA ASP B 67 -25.52 5.39 -1.83
C ASP B 67 -24.73 4.55 -0.85
N VAL B 68 -23.45 4.85 -0.66
CA VAL B 68 -22.55 4.05 0.21
C VAL B 68 -22.30 2.60 -0.23
N ALA B 69 -23.32 1.73 -0.10
CA ALA B 69 -23.15 0.30 -0.36
C ALA B 69 -22.01 -0.23 0.52
N CYS B 70 -20.90 -0.63 -0.11
CA CYS B 70 -19.71 -1.11 0.60
C CYS B 70 -18.63 -0.04 0.74
N ASP B 71 -18.89 1.14 0.16
CA ASP B 71 -17.98 2.28 0.12
C ASP B 71 -16.62 1.89 -0.43
N HIS B 72 -16.65 1.23 -1.59
CA HIS B 72 -15.44 0.71 -2.20
C HIS B 72 -14.65 1.85 -2.87
N TYR B 73 -15.29 3.00 -3.07
CA TYR B 73 -14.60 4.16 -3.65
C TYR B 73 -13.48 4.61 -2.71
N HIS B 74 -13.69 4.41 -1.40
CA HIS B 74 -12.81 4.94 -0.36
C HIS B 74 -12.04 3.88 0.41
N ARG B 75 -12.42 2.63 0.20
CA ARG B 75 -11.81 1.50 0.90
C ARG B 75 -11.26 0.47 -0.08
N TYR B 76 -11.04 0.88 -1.33
CA TYR B 76 -10.71 -0.04 -2.41
C TYR B 76 -9.44 -0.81 -2.15
N ASP B 77 -8.46 -0.16 -1.51
CA ASP B 77 -7.14 -0.74 -1.29
C ASP B 77 -7.14 -1.72 -0.15
N GLU B 78 -8.02 -1.51 0.82
CA GLU B 78 -8.25 -2.48 1.86
C GLU B 78 -8.78 -3.76 1.20
N ASP B 79 -9.73 -3.55 0.28
CA ASP B 79 -10.36 -4.64 -0.43
C ASP B 79 -9.38 -5.39 -1.33
N PHE B 80 -8.35 -4.71 -1.76
CA PHE B 80 -7.47 -5.33 -2.71
C PHE B 80 -6.48 -6.19 -1.97
N ASP B 81 -6.24 -5.91 -0.68
CA ASP B 81 -5.39 -6.76 0.12
C ASP B 81 -6.09 -8.00 0.63
N LEU B 82 -7.41 -8.03 0.45
CA LEU B 82 -8.17 -9.25 0.63
C LEU B 82 -7.99 -10.09 -0.61
N LEU B 83 -7.83 -9.42 -1.75
CA LEU B 83 -7.58 -10.11 -2.99
C LEU B 83 -6.27 -10.89 -2.91
N THR B 84 -5.22 -10.33 -2.32
CA THR B 84 -3.94 -11.07 -2.27
C THR B 84 -3.91 -12.02 -1.08
N LYS B 85 -4.68 -11.68 -0.05
CA LYS B 85 -4.84 -12.54 1.12
C LYS B 85 -5.49 -13.86 0.71
N TYR B 86 -6.39 -13.78 -0.28
CA TYR B 86 -7.14 -14.92 -0.83
C TYR B 86 -6.44 -15.69 -1.98
N GLY B 87 -5.26 -15.23 -2.38
CA GLY B 87 -4.51 -15.82 -3.47
C GLY B 87 -5.07 -15.62 -4.87
N ALA B 88 -5.96 -14.64 -5.02
CA ALA B 88 -6.62 -14.38 -6.29
C ALA B 88 -5.61 -14.00 -7.37
N LYS B 89 -5.80 -14.57 -8.56
CA LYS B 89 -4.90 -14.34 -9.69
C LYS B 89 -5.37 -13.19 -10.61
N ALA B 90 -6.65 -12.86 -10.47
CA ALA B 90 -7.35 -11.99 -11.40
C ALA B 90 -8.57 -11.42 -10.70
N TYR B 91 -9.14 -10.36 -11.26
CA TYR B 91 -10.24 -9.67 -10.59
C TYR B 91 -11.10 -8.95 -11.61
N ARG B 92 -12.34 -9.41 -11.74
CA ARG B 92 -13.31 -8.77 -12.63
C ARG B 92 -14.10 -7.71 -11.89
N PHE B 93 -14.19 -6.53 -12.49
CA PHE B 93 -14.95 -5.42 -11.93
C PHE B 93 -15.50 -4.55 -13.05
N SER B 94 -16.36 -3.60 -12.68
CA SER B 94 -17.08 -2.82 -13.66
C SER B 94 -16.72 -1.34 -13.54
N LEU B 95 -16.76 -0.62 -14.65
CA LEU B 95 -16.66 0.83 -14.63
C LEU B 95 -18.06 1.44 -14.52
N SER B 96 -18.17 2.63 -13.95
CA SER B 96 -19.46 3.30 -13.93
C SER B 96 -19.53 4.32 -15.05
N TRP B 97 -20.10 3.93 -16.19
CA TRP B 97 -20.27 4.80 -17.36
C TRP B 97 -20.58 6.25 -16.90
N SER B 98 -21.49 6.38 -15.97
CA SER B 98 -21.93 7.69 -15.52
C SER B 98 -20.93 8.36 -14.59
N ARG B 99 -19.85 7.66 -14.28
CA ARG B 99 -18.77 8.28 -13.50
C ARG B 99 -17.69 8.82 -14.43
N ILE B 100 -17.53 8.18 -15.59
CA ILE B 100 -16.54 8.53 -16.61
C ILE B 100 -17.02 9.63 -17.56
N ILE B 101 -18.01 9.31 -18.38
CA ILE B 101 -18.75 10.35 -19.07
C ILE B 101 -19.92 10.67 -18.17
N PRO B 102 -19.80 11.74 -17.37
CA PRO B 102 -20.60 11.93 -16.17
C PRO B 102 -22.05 12.18 -16.49
N LEU B 103 -22.55 11.64 -17.60
CA LEU B 103 -23.96 11.56 -18.00
C LEU B 103 -24.16 11.81 -19.48
N GLY B 104 -24.17 10.72 -20.22
CA GLY B 104 -24.43 10.78 -21.63
C GLY B 104 -23.31 10.14 -22.39
N GLY B 105 -23.02 10.73 -23.55
CA GLY B 105 -21.93 10.24 -24.34
C GLY B 105 -21.71 11.10 -25.55
N ARG B 106 -20.69 10.75 -26.32
CA ARG B 106 -20.38 11.34 -27.61
C ARG B 106 -19.94 12.79 -27.48
N LEU B 107 -20.89 13.69 -27.32
CA LEU B 107 -20.60 15.11 -27.33
C LEU B 107 -20.44 15.66 -25.94
N ASP B 108 -20.61 14.77 -24.97
CA ASP B 108 -20.64 15.15 -23.58
C ASP B 108 -19.23 15.21 -23.03
N PRO B 109 -18.99 16.11 -22.06
CA PRO B 109 -17.72 16.21 -21.36
C PRO B 109 -17.29 14.92 -20.69
N VAL B 110 -15.98 14.69 -20.57
CA VAL B 110 -15.51 13.58 -19.79
C VAL B 110 -15.17 14.06 -18.38
N ASN B 111 -15.41 13.20 -17.40
CA ASN B 111 -15.06 13.45 -16.00
C ASN B 111 -13.66 12.94 -15.74
N GLU B 112 -12.70 13.83 -15.59
CA GLU B 112 -11.32 13.40 -15.43
C GLU B 112 -11.09 12.73 -14.07
N GLU B 113 -11.77 13.21 -13.04
CA GLU B 113 -11.71 12.60 -11.71
C GLU B 113 -12.25 11.20 -11.74
N GLY B 114 -13.10 10.91 -12.71
CA GLY B 114 -13.68 9.59 -12.83
C GLY B 114 -12.70 8.66 -13.48
N ILE B 115 -12.06 9.13 -14.55
CA ILE B 115 -11.07 8.37 -15.29
C ILE B 115 -9.82 8.09 -14.45
N GLU B 116 -9.39 9.06 -13.66
CA GLU B 116 -8.24 8.81 -12.82
C GLU B 116 -8.59 7.90 -11.62
N PHE B 117 -9.84 7.91 -11.15
CA PHE B 117 -10.19 7.01 -10.06
C PHE B 117 -9.95 5.58 -10.50
N TYR B 118 -10.40 5.27 -11.71
CA TYR B 118 -10.22 3.93 -12.24
C TYR B 118 -8.77 3.68 -12.63
N SER B 119 -8.07 4.74 -13.02
CA SER B 119 -6.68 4.61 -13.35
C SER B 119 -5.93 4.04 -12.15
N LYS B 120 -6.25 4.53 -10.95
CA LYS B 120 -5.51 4.10 -9.77
C LYS B 120 -5.97 2.74 -9.24
N LEU B 121 -7.13 2.26 -9.66
CA LEU B 121 -7.51 0.88 -9.34
C LEU B 121 -6.66 -0.09 -10.12
N ILE B 122 -6.66 0.13 -11.43
CA ILE B 122 -5.90 -0.66 -12.35
C ILE B 122 -4.52 -0.71 -11.82
N ASP B 123 -3.95 0.47 -11.57
CA ASP B 123 -2.61 0.58 -11.00
C ASP B 123 -2.43 -0.20 -9.69
N ALA B 124 -3.39 -0.13 -8.79
CA ALA B 124 -3.31 -0.79 -7.49
C ALA B 124 -3.30 -2.31 -7.63
N LEU B 125 -4.09 -2.82 -8.57
CA LEU B 125 -4.13 -4.25 -8.91
C LEU B 125 -2.81 -4.76 -9.45
N LEU B 126 -2.29 -4.10 -10.50
CA LEU B 126 -1.04 -4.51 -11.17
C LEU B 126 0.13 -4.57 -10.19
N ARG B 127 0.03 -3.75 -9.15
CA ARG B 127 1.03 -3.61 -8.15
C ARG B 127 0.97 -4.83 -7.25
N ARG B 128 -0.22 -5.39 -7.12
CA ARG B 128 -0.43 -6.58 -6.30
C ARG B 128 -0.37 -7.86 -7.14
N GLY B 129 -0.06 -7.69 -8.42
CA GLY B 129 0.07 -8.81 -9.32
C GLY B 129 -1.26 -9.32 -9.82
N ILE B 130 -2.34 -8.58 -9.53
CA ILE B 130 -3.67 -9.04 -9.92
C ILE B 130 -3.99 -8.62 -11.36
N THR B 131 -4.79 -9.41 -12.05
CA THR B 131 -5.08 -9.10 -13.44
C THR B 131 -6.45 -8.45 -13.61
N PRO B 132 -6.46 -7.13 -13.84
CA PRO B 132 -7.74 -6.43 -13.96
C PRO B 132 -8.53 -6.92 -15.18
N TRP B 133 -9.75 -7.38 -14.91
CA TRP B 133 -10.73 -7.75 -15.93
C TRP B 133 -11.90 -6.77 -15.88
N VAL B 134 -11.93 -5.82 -16.81
CA VAL B 134 -12.90 -4.72 -16.76
C VAL B 134 -14.21 -4.94 -17.53
N THR B 135 -15.35 -4.96 -16.83
CA THR B 135 -16.63 -4.87 -17.53
C THR B 135 -16.97 -3.38 -17.75
N LEU B 136 -17.34 -3.02 -18.96
CA LEU B 136 -17.65 -1.64 -19.27
C LEU B 136 -19.06 -1.34 -18.84
N TYR B 137 -20.00 -2.24 -19.14
CA TYR B 137 -21.39 -2.02 -18.75
C TYR B 137 -21.98 -3.11 -17.82
N HIS B 138 -22.37 -2.70 -16.62
CA HIS B 138 -23.02 -3.62 -15.68
C HIS B 138 -24.32 -3.02 -15.08
N TRP B 139 -25.23 -2.63 -15.98
CA TRP B 139 -26.61 -2.24 -15.67
C TRP B 139 -26.77 -0.81 -15.18
N ASP B 140 -25.67 -0.06 -15.15
CA ASP B 140 -25.72 1.30 -14.64
C ASP B 140 -25.60 2.37 -15.75
N LEU B 141 -26.45 2.24 -16.77
CA LEU B 141 -26.61 3.23 -17.82
C LEU B 141 -26.80 4.64 -17.22
N PRO B 142 -26.11 5.66 -17.78
CA PRO B 142 -26.30 7.06 -17.38
C PRO B 142 -27.78 7.46 -17.43
N GLN B 143 -28.24 8.14 -16.39
CA GLN B 143 -29.65 8.55 -16.31
C GLN B 143 -30.01 9.56 -17.37
N ALA B 144 -29.09 10.47 -17.67
CA ALA B 144 -29.34 11.51 -18.64
C ALA B 144 -29.64 10.86 -19.96
N LEU B 145 -28.98 9.75 -20.25
CA LEU B 145 -29.22 9.03 -21.50
C LEU B 145 -30.65 8.50 -21.62
N HIS B 146 -31.19 8.06 -20.49
CA HIS B 146 -32.55 7.60 -20.44
C HIS B 146 -33.52 8.72 -20.79
N ASP B 147 -33.36 9.86 -20.11
CA ASP B 147 -34.18 11.05 -20.33
C ASP B 147 -34.03 11.67 -21.73
N ARG B 148 -32.83 11.58 -22.30
CA ARG B 148 -32.55 12.26 -23.56
C ARG B 148 -33.10 11.56 -24.79
N TYR B 149 -33.11 10.23 -24.81
CA TYR B 149 -33.69 9.53 -25.95
C TYR B 149 -34.24 8.11 -25.69
N GLY B 150 -34.29 7.69 -24.43
CA GLY B 150 -34.91 6.42 -24.13
C GLY B 150 -33.94 5.36 -23.70
N GLY B 151 -32.67 5.74 -23.55
CA GLY B 151 -31.68 4.80 -23.06
C GLY B 151 -31.54 3.69 -24.07
N TRP B 152 -31.77 2.47 -23.64
CA TRP B 152 -31.56 1.32 -24.51
C TRP B 152 -32.69 1.16 -25.50
N LEU B 153 -33.79 1.87 -25.29
CA LEU B 153 -34.90 1.87 -26.25
C LEU B 153 -34.58 2.52 -27.59
N ASN B 154 -33.53 3.32 -27.62
CA ASN B 154 -33.15 4.00 -28.84
C ASN B 154 -31.88 3.37 -29.39
N VAL B 155 -32.06 2.47 -30.34
CA VAL B 155 -30.96 1.64 -30.86
C VAL B 155 -29.90 2.42 -31.65
N GLU B 156 -30.31 3.42 -32.43
CA GLU B 156 -29.40 4.13 -33.31
C GLU B 156 -28.50 5.09 -32.54
N GLU B 157 -29.03 5.71 -31.48
CA GLU B 157 -28.25 6.62 -30.66
C GLU B 157 -27.35 5.86 -29.68
N VAL B 158 -27.94 5.16 -28.72
CA VAL B 158 -27.20 4.52 -27.64
C VAL B 158 -25.94 3.75 -28.07
N GLN B 159 -25.99 3.08 -29.21
CA GLN B 159 -24.88 2.24 -29.62
C GLN B 159 -23.69 3.12 -30.00
N LEU B 160 -23.98 4.35 -30.43
CA LEU B 160 -22.96 5.35 -30.79
C LEU B 160 -22.33 6.02 -29.57
N ASP B 161 -23.18 6.23 -28.56
CA ASP B 161 -22.81 6.82 -27.29
C ASP B 161 -21.93 5.84 -26.52
N PHE B 162 -22.25 4.56 -26.69
CA PHE B 162 -21.50 3.48 -26.08
C PHE B 162 -20.16 3.28 -26.77
N GLU B 163 -20.16 3.36 -28.10
CA GLU B 163 -18.93 3.22 -28.86
C GLU B 163 -17.89 4.23 -28.42
N ARG B 164 -18.29 5.49 -28.27
CA ARG B 164 -17.34 6.50 -27.78
C ARG B 164 -16.88 6.17 -26.37
N TYR B 165 -17.83 5.77 -25.51
CA TYR B 165 -17.51 5.43 -24.12
C TYR B 165 -16.47 4.33 -24.08
N ALA B 166 -16.73 3.25 -24.80
CA ALA B 166 -15.80 2.13 -24.90
C ALA B 166 -14.45 2.61 -25.38
N ARG B 167 -14.45 3.41 -26.43
CA ARG B 167 -13.22 3.91 -27.00
C ARG B 167 -12.41 4.79 -26.05
N LEU B 168 -13.09 5.57 -25.23
CA LEU B 168 -12.40 6.34 -24.21
C LEU B 168 -11.62 5.40 -23.29
N CYS B 169 -12.29 4.32 -22.84
CA CYS B 169 -11.70 3.30 -21.97
C CYS B 169 -10.51 2.55 -22.58
N PHE B 170 -10.64 2.15 -23.85
CA PHE B 170 -9.53 1.51 -24.54
C PHE B 170 -8.31 2.44 -24.53
N GLU B 171 -8.55 3.74 -24.70
CA GLU B 171 -7.46 4.71 -24.74
C GLU B 171 -6.81 4.89 -23.35
N ARG B 172 -7.64 5.26 -22.39
CA ARG B 172 -7.21 5.59 -21.04
C ARG B 172 -6.70 4.39 -20.22
N PHE B 173 -7.28 3.19 -20.40
CA PHE B 173 -6.84 2.07 -19.54
C PHE B 173 -6.23 0.89 -20.29
N GLY B 174 -6.28 0.92 -21.62
CA GLY B 174 -5.98 -0.26 -22.42
C GLY B 174 -4.54 -0.70 -22.64
N ASP B 175 -3.56 0.11 -22.25
CA ASP B 175 -2.16 -0.30 -22.33
C ASP B 175 -1.81 -1.19 -21.15
N ARG B 176 -2.35 -0.86 -19.96
CA ARG B 176 -2.65 -1.81 -18.88
C ARG B 176 -3.90 -2.57 -19.33
N VAL B 177 -4.51 -3.43 -18.54
CA VAL B 177 -5.83 -4.00 -18.97
C VAL B 177 -5.87 -4.69 -20.37
N GLN B 178 -5.81 -6.01 -20.38
CA GLN B 178 -5.68 -6.77 -21.60
C GLN B 178 -6.96 -7.50 -21.85
N ASN B 179 -7.83 -7.47 -20.85
CA ASN B 179 -8.99 -8.34 -20.83
C ASN B 179 -10.27 -7.54 -20.64
N TRP B 180 -11.09 -7.46 -21.66
CA TRP B 180 -12.28 -6.65 -21.59
C TRP B 180 -13.59 -7.44 -21.72
N ILE B 181 -14.59 -7.06 -20.93
CA ILE B 181 -15.96 -7.55 -21.12
C ILE B 181 -16.89 -6.35 -21.36
N THR B 182 -17.56 -6.32 -22.50
CA THR B 182 -18.39 -5.19 -22.87
C THR B 182 -19.66 -5.06 -22.03
N ILE B 183 -20.53 -6.06 -22.11
CA ILE B 183 -21.83 -5.95 -21.45
C ILE B 183 -22.11 -7.14 -20.57
N ASN B 184 -22.63 -6.89 -19.37
CA ASN B 184 -22.89 -7.99 -18.46
C ASN B 184 -24.35 -8.39 -18.51
N GLU B 185 -24.59 -9.66 -18.82
CA GLU B 185 -25.94 -10.23 -18.86
C GLU B 185 -26.96 -9.35 -19.57
N PRO B 186 -26.80 -9.15 -20.90
CA PRO B 186 -27.69 -8.27 -21.67
C PRO B 186 -29.14 -8.73 -21.63
N TRP B 187 -29.34 -10.01 -21.32
CA TRP B 187 -30.67 -10.57 -21.28
C TRP B 187 -31.47 -9.98 -20.11
N ILE B 188 -30.84 -9.75 -18.97
CA ILE B 188 -31.58 -9.23 -17.81
C ILE B 188 -31.99 -7.78 -18.02
N GLN B 189 -31.02 -6.94 -18.42
CA GLN B 189 -31.28 -5.55 -18.74
C GLN B 189 -32.48 -5.40 -19.65
N ALA B 190 -32.57 -6.29 -20.64
CA ALA B 190 -33.64 -6.26 -21.62
C ALA B 190 -34.95 -6.66 -20.97
N ILE B 191 -34.99 -7.89 -20.47
CA ILE B 191 -36.22 -8.45 -19.96
C ILE B 191 -36.60 -7.88 -18.59
N TYR B 192 -35.69 -7.85 -17.63
CA TYR B 192 -36.10 -7.29 -16.34
C TYR B 192 -36.16 -5.77 -16.38
N GLY B 193 -35.55 -5.15 -17.37
CA GLY B 193 -35.53 -3.70 -17.40
C GLY B 193 -36.64 -3.09 -18.21
N TYR B 194 -37.26 -3.87 -19.08
CA TYR B 194 -38.17 -3.33 -20.09
C TYR B 194 -39.36 -4.21 -20.38
N ALA B 195 -39.33 -5.45 -19.89
CA ALA B 195 -40.47 -6.36 -20.01
C ALA B 195 -41.18 -6.55 -18.68
N THR B 196 -40.43 -6.74 -17.60
CA THR B 196 -41.10 -7.03 -16.34
C THR B 196 -40.98 -5.87 -15.36
N GLY B 197 -40.04 -4.96 -15.60
CA GLY B 197 -39.90 -3.76 -14.80
C GLY B 197 -39.26 -3.92 -13.42
N SER B 198 -38.85 -5.14 -13.08
CA SER B 198 -38.29 -5.41 -11.77
C SER B 198 -36.89 -4.82 -11.58
N ASN B 199 -36.10 -4.74 -12.66
CA ASN B 199 -34.83 -4.01 -12.68
C ASN B 199 -34.97 -2.62 -13.31
N ALA B 200 -34.10 -1.69 -12.94
CA ALA B 200 -34.10 -0.36 -13.53
C ALA B 200 -33.86 -0.48 -15.05
N PRO B 201 -34.56 0.35 -15.86
CA PRO B 201 -35.36 1.52 -15.48
C PRO B 201 -36.83 1.27 -15.05
N GLY B 202 -37.27 0.02 -14.99
CA GLY B 202 -38.54 -0.29 -14.36
C GLY B 202 -39.80 -0.11 -15.18
N ARG B 203 -39.68 -0.29 -16.50
CA ARG B 203 -40.79 -0.13 -17.42
C ARG B 203 -41.39 -1.48 -17.82
N SER B 204 -42.72 -1.58 -17.77
CA SER B 204 -43.44 -2.74 -18.30
C SER B 204 -44.93 -2.48 -18.37
N SER B 205 -45.61 -3.32 -19.15
CA SER B 205 -47.07 -3.37 -19.32
C SER B 205 -47.69 -4.25 -18.25
N ILE B 206 -46.87 -5.17 -17.72
CA ILE B 206 -47.35 -6.26 -16.89
C ILE B 206 -46.79 -6.18 -15.49
N ASN B 207 -47.03 -5.07 -14.82
CA ASN B 207 -46.55 -4.85 -13.47
C ASN B 207 -47.34 -3.71 -12.92
N LYS B 208 -47.13 -3.40 -11.64
CA LYS B 208 -47.56 -2.12 -11.12
C LYS B 208 -46.30 -1.26 -10.80
N HIS B 209 -45.72 -0.57 -11.80
CA HIS B 209 -46.00 -0.72 -13.24
C HIS B 209 -44.76 -0.04 -13.92
N SER B 210 -44.66 1.30 -13.97
CA SER B 210 -45.70 2.24 -13.59
C SER B 210 -46.09 3.09 -14.76
N THR B 211 -45.68 4.36 -14.76
CA THR B 211 -46.10 5.31 -15.81
C THR B 211 -46.01 4.69 -17.22
N GLU B 212 -44.81 4.26 -17.61
CA GLU B 212 -44.63 3.77 -18.96
C GLU B 212 -44.19 2.30 -19.05
N GLY B 213 -44.01 1.86 -20.30
CA GLY B 213 -43.56 0.52 -20.66
C GLY B 213 -44.38 -0.13 -21.77
N ASP B 214 -43.79 -1.10 -22.47
CA ASP B 214 -44.59 -1.95 -23.33
C ASP B 214 -43.85 -3.26 -23.57
N THR B 215 -44.20 -4.26 -22.77
CA THR B 215 -43.47 -5.52 -22.76
C THR B 215 -43.60 -6.31 -24.06
N ALA B 216 -44.43 -5.79 -24.96
CA ALA B 216 -44.65 -6.43 -26.23
C ALA B 216 -43.46 -6.17 -27.16
N THR B 217 -42.93 -4.95 -27.06
CA THR B 217 -42.01 -4.43 -28.06
C THR B 217 -40.69 -3.88 -27.52
N GLU B 218 -40.68 -3.46 -26.26
CA GLU B 218 -39.50 -2.82 -25.72
C GLU B 218 -38.29 -3.70 -25.35
N PRO B 219 -38.50 -4.95 -24.90
CA PRO B 219 -37.29 -5.72 -24.55
C PRO B 219 -36.45 -6.14 -25.76
N TRP B 220 -37.08 -6.18 -26.92
CA TRP B 220 -36.44 -6.64 -28.14
C TRP B 220 -35.64 -5.50 -28.76
N LEU B 221 -36.07 -4.28 -28.47
CA LEU B 221 -35.35 -3.10 -28.90
C LEU B 221 -34.06 -3.02 -28.12
N ALA B 222 -34.20 -3.18 -26.81
CA ALA B 222 -33.09 -3.02 -25.89
C ALA B 222 -32.08 -4.14 -26.11
N GLY B 223 -32.60 -5.31 -26.45
CA GLY B 223 -31.75 -6.43 -26.81
C GLY B 223 -30.86 -5.99 -27.97
N LYS B 224 -31.46 -5.63 -29.10
CA LYS B 224 -30.66 -5.27 -30.27
C LYS B 224 -29.76 -4.11 -29.99
N ALA B 225 -30.21 -3.19 -29.13
CA ALA B 225 -29.42 -2.01 -28.84
C ALA B 225 -28.13 -2.40 -28.14
N GLN B 226 -28.23 -3.40 -27.26
CA GLN B 226 -27.05 -3.95 -26.59
C GLN B 226 -26.21 -4.82 -27.48
N ILE B 227 -26.86 -5.63 -28.32
CA ILE B 227 -26.10 -6.39 -29.29
C ILE B 227 -25.24 -5.44 -30.14
N MET B 228 -25.83 -4.35 -30.61
CA MET B 228 -25.12 -3.48 -31.52
C MET B 228 -24.06 -2.64 -30.81
N SER B 229 -24.39 -2.12 -29.63
CA SER B 229 -23.38 -1.50 -28.78
C SER B 229 -22.13 -2.39 -28.62
N HIS B 230 -22.33 -3.69 -28.37
CA HIS B 230 -21.21 -4.64 -28.28
C HIS B 230 -20.44 -4.71 -29.58
N ALA B 231 -21.15 -4.92 -30.68
CA ALA B 231 -20.54 -5.10 -31.99
C ALA B 231 -19.64 -3.92 -32.28
N ARG B 232 -20.20 -2.73 -32.10
CA ARG B 232 -19.51 -1.47 -32.28
C ARG B 232 -18.19 -1.42 -31.52
N ALA B 233 -18.22 -1.83 -30.27
CA ALA B 233 -17.06 -1.70 -29.41
C ALA B 233 -15.98 -2.72 -29.77
N VAL B 234 -16.43 -3.91 -30.19
CA VAL B 234 -15.51 -4.95 -30.64
C VAL B 234 -14.94 -4.57 -32.01
N ALA B 235 -15.74 -3.87 -32.81
CA ALA B 235 -15.25 -3.31 -34.05
C ALA B 235 -14.07 -2.39 -33.78
N VAL B 236 -14.28 -1.41 -32.90
CA VAL B 236 -13.26 -0.45 -32.53
C VAL B 236 -12.02 -1.16 -32.02
N TYR B 237 -12.21 -2.06 -31.07
CA TYR B 237 -11.10 -2.78 -30.47
C TYR B 237 -10.34 -3.65 -31.45
N SER B 238 -11.04 -4.37 -32.30
CA SER B 238 -10.38 -5.25 -33.24
C SER B 238 -9.55 -4.46 -34.25
N ARG B 239 -10.17 -3.49 -34.90
CA ARG B 239 -9.49 -2.71 -35.92
C ARG B 239 -8.41 -1.77 -35.35
N ASP B 240 -8.68 -1.09 -34.24
CA ASP B 240 -7.82 0.00 -33.78
C ASP B 240 -6.94 -0.22 -32.53
N PHE B 241 -7.17 -1.25 -31.73
CA PHE B 241 -6.41 -1.40 -30.48
C PHE B 241 -5.75 -2.74 -30.27
N ARG B 242 -6.47 -3.82 -30.49
CA ARG B 242 -5.93 -5.16 -30.30
C ARG B 242 -4.56 -5.41 -30.95
N PRO B 243 -4.34 -4.95 -32.20
CA PRO B 243 -3.04 -5.23 -32.81
C PRO B 243 -1.87 -4.73 -31.99
N SER B 244 -2.05 -3.56 -31.38
CA SER B 244 -0.99 -2.92 -30.64
C SER B 244 -1.08 -3.30 -29.18
N GLN B 245 -2.29 -3.30 -28.62
CA GLN B 245 -2.45 -3.52 -27.19
C GLN B 245 -2.41 -4.98 -26.77
N LYS B 246 -2.71 -5.87 -27.72
CA LYS B 246 -2.70 -7.33 -27.51
C LYS B 246 -3.58 -7.81 -26.37
N GLY B 247 -4.84 -8.11 -26.63
CA GLY B 247 -5.73 -8.58 -25.59
C GLY B 247 -7.09 -9.09 -26.07
N GLN B 248 -7.93 -9.43 -25.10
CA GLN B 248 -9.23 -10.00 -25.39
C GLN B 248 -10.39 -9.07 -25.11
N ILE B 249 -11.39 -9.12 -25.98
CA ILE B 249 -12.66 -8.52 -25.66
C ILE B 249 -13.71 -9.61 -25.76
N GLY B 250 -14.72 -9.57 -24.90
CA GLY B 250 -15.76 -10.60 -24.89
C GLY B 250 -17.06 -10.09 -24.29
N ILE B 251 -18.14 -10.86 -24.39
CA ILE B 251 -19.39 -10.49 -23.74
C ILE B 251 -19.64 -11.54 -22.68
N SER B 252 -20.30 -11.20 -21.58
CA SER B 252 -20.59 -12.26 -20.61
C SER B 252 -22.12 -12.45 -20.46
N LEU B 253 -22.59 -13.57 -21.03
CA LEU B 253 -23.99 -13.95 -21.09
C LEU B 253 -24.29 -14.92 -19.98
N ASN B 254 -25.51 -14.91 -19.43
CA ASN B 254 -25.90 -16.00 -18.57
C ASN B 254 -27.00 -16.81 -19.22
N GLY B 255 -27.70 -17.61 -18.43
CA GLY B 255 -28.76 -18.46 -18.94
C GLY B 255 -28.71 -19.78 -18.20
N ASP B 256 -29.83 -20.15 -17.57
CA ASP B 256 -29.97 -21.45 -16.90
C ASP B 256 -29.92 -22.59 -17.93
N TYR B 257 -29.40 -23.74 -17.52
CA TYR B 257 -29.52 -24.90 -18.38
C TYR B 257 -30.90 -25.53 -18.19
N TYR B 258 -31.57 -25.83 -19.29
CA TYR B 258 -32.89 -26.45 -19.23
C TYR B 258 -32.93 -27.84 -19.87
N GLU B 259 -33.43 -28.81 -19.14
CA GLU B 259 -33.71 -30.10 -19.75
C GLU B 259 -35.21 -30.35 -19.61
N PRO B 260 -35.78 -31.25 -20.45
CA PRO B 260 -37.21 -31.54 -20.45
C PRO B 260 -37.75 -31.90 -19.08
N TRP B 261 -38.98 -31.47 -18.83
CA TRP B 261 -39.70 -31.74 -17.60
C TRP B 261 -40.19 -33.20 -17.57
N ASP B 262 -40.75 -33.62 -18.70
CA ASP B 262 -41.01 -35.02 -19.03
C ASP B 262 -39.92 -35.58 -19.97
N SER B 263 -38.92 -36.24 -19.40
CA SER B 263 -37.81 -36.84 -20.16
C SER B 263 -38.28 -37.67 -21.36
N ASN B 264 -39.39 -38.39 -21.14
CA ASN B 264 -39.88 -39.44 -22.02
C ASN B 264 -40.75 -39.01 -23.19
N GLU B 265 -40.44 -37.91 -23.87
CA GLU B 265 -41.53 -37.25 -24.54
C GLU B 265 -41.12 -36.05 -25.48
N PRO B 266 -41.52 -36.09 -26.79
CA PRO B 266 -41.18 -35.17 -27.89
C PRO B 266 -41.11 -33.64 -27.71
N ARG B 267 -42.13 -33.09 -27.08
CA ARG B 267 -42.36 -31.64 -27.14
C ARG B 267 -41.61 -30.90 -26.02
N ASP B 268 -40.76 -31.62 -25.28
CA ASP B 268 -40.00 -31.01 -24.18
C ASP B 268 -38.50 -31.02 -24.47
N LYS B 269 -38.02 -32.12 -25.04
CA LYS B 269 -36.72 -32.16 -25.69
C LYS B 269 -36.61 -30.94 -26.64
N GLU B 270 -37.77 -30.40 -27.02
CA GLU B 270 -37.93 -29.29 -27.95
C GLU B 270 -38.23 -27.96 -27.24
N ALA B 271 -38.98 -28.04 -26.15
CA ALA B 271 -39.40 -26.88 -25.39
C ALA B 271 -38.25 -26.28 -24.60
N ALA B 272 -37.44 -27.14 -24.00
CA ALA B 272 -36.31 -26.66 -23.21
C ALA B 272 -35.30 -25.96 -24.12
N GLU B 273 -34.92 -26.57 -25.24
CA GLU B 273 -33.92 -25.95 -26.09
C GLU B 273 -34.43 -24.64 -26.69
N ARG B 274 -35.74 -24.54 -26.88
CA ARG B 274 -36.30 -23.30 -27.42
C ARG B 274 -36.10 -22.18 -26.41
N ARG B 275 -36.26 -22.52 -25.13
CA ARG B 275 -36.03 -21.59 -24.03
C ARG B 275 -34.56 -21.17 -23.91
N MET B 276 -33.65 -22.03 -24.34
CA MET B 276 -32.22 -21.72 -24.27
C MET B 276 -31.75 -20.97 -25.51
N GLU B 277 -32.65 -20.78 -26.46
CA GLU B 277 -32.33 -19.94 -27.61
C GLU B 277 -32.87 -18.55 -27.41
N PHE B 278 -33.99 -18.43 -26.71
CA PHE B 278 -34.55 -17.13 -26.37
C PHE B 278 -33.71 -16.38 -25.33
N HIS B 279 -32.56 -16.95 -24.98
CA HIS B 279 -31.87 -16.56 -23.77
C HIS B 279 -30.35 -16.41 -23.99
N ILE B 280 -29.81 -17.29 -24.81
CA ILE B 280 -28.41 -17.25 -25.15
C ILE B 280 -28.28 -16.94 -26.65
N GLY B 281 -29.03 -17.67 -27.48
CA GLY B 281 -28.93 -17.58 -28.93
C GLY B 281 -29.34 -16.24 -29.50
N TRP B 282 -30.30 -15.60 -28.84
CA TRP B 282 -30.70 -14.23 -29.13
C TRP B 282 -29.47 -13.34 -29.31
N PHE B 283 -28.54 -13.46 -28.36
CA PHE B 283 -27.35 -12.63 -28.33
C PHE B 283 -26.20 -13.33 -29.01
N ALA B 284 -26.06 -14.63 -28.74
CA ALA B 284 -24.98 -15.43 -29.30
C ALA B 284 -25.03 -15.54 -30.82
N ASN B 285 -26.20 -15.68 -31.42
CA ASN B 285 -26.24 -15.80 -32.88
C ASN B 285 -25.58 -14.62 -33.58
N PRO B 286 -25.99 -13.38 -33.29
CA PRO B 286 -25.24 -12.33 -33.98
C PRO B 286 -23.76 -12.26 -33.55
N ILE B 287 -23.50 -12.20 -32.25
CA ILE B 287 -22.16 -11.90 -31.75
C ILE B 287 -21.08 -12.95 -32.06
N PHE B 288 -21.48 -14.21 -32.21
CA PHE B 288 -20.53 -15.30 -32.42
C PHE B 288 -20.66 -15.95 -33.79
N LEU B 289 -21.89 -16.28 -34.17
CA LEU B 289 -22.13 -17.03 -35.40
C LEU B 289 -22.25 -16.14 -36.63
N LYS B 290 -22.50 -14.85 -36.40
CA LYS B 290 -22.81 -13.85 -37.42
C LYS B 290 -24.11 -14.18 -38.15
N LYS B 291 -24.89 -15.12 -37.61
CA LYS B 291 -26.23 -15.42 -38.11
C LYS B 291 -27.13 -14.39 -37.49
N ASP B 292 -28.38 -14.27 -37.90
CA ASP B 292 -29.23 -13.43 -37.07
C ASP B 292 -30.04 -14.29 -36.12
N TYR B 293 -30.92 -13.62 -35.40
CA TYR B 293 -31.81 -14.23 -34.43
C TYR B 293 -32.17 -15.68 -34.68
N PRO B 294 -32.06 -16.53 -33.64
CA PRO B 294 -32.45 -17.93 -33.78
C PRO B 294 -33.86 -18.00 -34.36
N GLU B 295 -34.10 -18.82 -35.39
CA GLU B 295 -35.35 -18.71 -36.15
C GLU B 295 -36.58 -19.08 -35.31
N SER B 296 -36.40 -19.86 -34.26
CA SER B 296 -37.55 -20.22 -33.43
C SER B 296 -38.11 -18.99 -32.72
N MET B 297 -37.49 -17.86 -32.99
CA MET B 297 -37.67 -16.64 -32.23
C MET B 297 -38.12 -15.52 -33.15
N LYS B 298 -37.51 -15.51 -34.34
CA LYS B 298 -37.96 -14.67 -35.44
C LYS B 298 -39.35 -15.06 -35.83
N LYS B 299 -39.73 -16.27 -35.44
CA LYS B 299 -41.01 -16.83 -35.82
C LYS B 299 -42.08 -16.63 -34.74
N GLN B 300 -41.72 -16.45 -33.47
CA GLN B 300 -42.75 -16.16 -32.46
C GLN B 300 -43.00 -14.66 -32.25
N LEU B 301 -41.91 -13.90 -32.10
CA LEU B 301 -42.00 -12.46 -32.04
C LEU B 301 -42.14 -11.97 -33.47
N GLY B 302 -42.63 -10.75 -33.66
CA GLY B 302 -42.92 -10.21 -34.98
C GLY B 302 -41.76 -10.11 -35.97
N GLU B 303 -41.48 -8.98 -36.63
CA GLU B 303 -42.06 -7.62 -36.51
C GLU B 303 -41.65 -6.89 -35.22
N ARG B 304 -41.96 -7.49 -34.09
CA ARG B 304 -41.61 -6.90 -32.82
C ARG B 304 -40.11 -7.05 -32.61
N LEU B 305 -39.54 -8.00 -33.34
CA LEU B 305 -38.11 -8.29 -33.29
C LEU B 305 -37.38 -7.48 -34.35
N PRO B 306 -36.65 -6.45 -33.90
CA PRO B 306 -35.93 -5.53 -34.78
C PRO B 306 -34.86 -6.21 -35.63
N ALA B 307 -34.98 -6.11 -36.96
CA ALA B 307 -34.09 -6.84 -37.86
C ALA B 307 -32.67 -6.29 -37.89
N LEU B 308 -31.72 -7.22 -37.98
CA LEU B 308 -30.32 -6.88 -38.14
C LEU B 308 -30.10 -6.48 -39.59
N THR B 309 -29.92 -5.19 -39.82
CA THR B 309 -29.75 -4.64 -41.16
C THR B 309 -28.43 -5.09 -41.83
N PRO B 310 -28.30 -5.00 -43.17
CA PRO B 310 -27.01 -5.31 -43.81
C PRO B 310 -25.89 -4.40 -43.34
N ALA B 311 -26.26 -3.26 -42.76
CA ALA B 311 -25.29 -2.34 -42.21
C ALA B 311 -24.80 -2.81 -40.84
N ASP B 312 -25.58 -3.65 -40.17
CA ASP B 312 -25.21 -4.17 -38.86
C ASP B 312 -24.25 -5.36 -38.99
N PHE B 313 -24.57 -6.33 -39.84
CA PHE B 313 -23.56 -7.30 -40.31
C PHE B 313 -22.61 -6.55 -41.24
N ALA B 314 -21.57 -5.96 -40.66
CA ALA B 314 -20.66 -5.06 -41.34
C ALA B 314 -19.84 -4.53 -40.21
N ILE B 315 -20.56 -4.19 -39.14
CA ILE B 315 -20.00 -3.90 -37.83
C ILE B 315 -19.68 -5.19 -37.11
N LEU B 316 -20.58 -6.18 -37.24
CA LEU B 316 -20.45 -7.46 -36.54
C LEU B 316 -19.28 -8.25 -37.10
N ASN B 317 -19.22 -8.38 -38.43
CA ASN B 317 -18.10 -9.11 -39.03
C ASN B 317 -17.14 -8.14 -39.70
N ALA B 318 -16.70 -7.17 -38.92
CA ALA B 318 -15.43 -6.50 -39.17
C ALA B 318 -14.67 -6.44 -37.85
N GLY B 319 -14.78 -7.52 -37.07
CA GLY B 319 -14.19 -7.61 -35.74
C GLY B 319 -14.64 -8.87 -35.01
N GLU B 320 -13.75 -9.49 -34.25
CA GLU B 320 -13.98 -10.81 -33.65
C GLU B 320 -14.15 -10.72 -32.13
N THR B 321 -15.18 -11.35 -31.58
CA THR B 321 -15.31 -11.47 -30.13
C THR B 321 -14.50 -12.69 -29.68
N ASP B 322 -13.54 -12.49 -28.78
CA ASP B 322 -12.46 -13.45 -28.53
C ASP B 322 -12.81 -14.59 -27.57
N PHE B 323 -13.79 -14.38 -26.71
CA PHE B 323 -14.21 -15.43 -25.77
C PHE B 323 -15.68 -15.34 -25.33
N TYR B 324 -16.22 -16.46 -24.88
CA TYR B 324 -17.59 -16.53 -24.38
C TYR B 324 -17.52 -16.43 -22.85
N GLY B 325 -17.81 -15.25 -22.32
CA GLY B 325 -17.90 -15.08 -20.88
C GLY B 325 -19.22 -15.64 -20.42
N MET B 326 -19.18 -16.56 -19.46
CA MET B 326 -20.40 -17.22 -18.99
C MET B 326 -20.69 -17.02 -17.49
N ASN B 327 -21.88 -16.48 -17.21
CA ASN B 327 -22.39 -16.46 -15.87
C ASN B 327 -23.26 -17.71 -15.73
N TYR B 328 -23.18 -18.34 -14.57
CA TYR B 328 -24.01 -19.50 -14.28
C TYR B 328 -24.24 -19.60 -12.78
N TYR B 329 -25.48 -19.91 -12.40
CA TYR B 329 -25.84 -20.07 -10.99
C TYR B 329 -26.65 -21.35 -10.71
N THR B 330 -27.59 -21.65 -11.59
CA THR B 330 -28.51 -22.76 -11.35
C THR B 330 -29.00 -23.38 -12.64
N SER B 331 -29.98 -24.28 -12.52
CA SER B 331 -30.63 -24.90 -13.66
C SER B 331 -32.12 -25.16 -13.39
N GLN B 332 -32.84 -25.61 -14.43
CA GLN B 332 -34.29 -25.75 -14.35
C GLN B 332 -34.86 -26.76 -15.35
N TYR B 333 -36.11 -27.13 -15.10
CA TYR B 333 -36.87 -27.96 -16.02
C TYR B 333 -37.85 -27.04 -16.74
N ALA B 334 -37.73 -26.96 -18.06
CA ALA B 334 -38.61 -26.11 -18.83
C ALA B 334 -39.69 -26.94 -19.42
N ARG B 335 -40.89 -26.38 -19.55
CA ARG B 335 -41.81 -27.07 -20.46
C ARG B 335 -43.09 -26.35 -20.99
N HIS B 336 -43.54 -26.75 -22.19
CA HIS B 336 -44.43 -26.01 -23.13
C HIS B 336 -45.67 -25.19 -22.70
N LEU B 337 -46.39 -24.71 -23.73
CA LEU B 337 -47.73 -24.15 -23.61
C LEU B 337 -48.71 -25.00 -24.40
N ASP B 338 -49.83 -25.36 -23.77
CA ASP B 338 -51.04 -25.65 -24.48
C ASP B 338 -51.70 -24.28 -24.56
N GLY B 339 -52.07 -23.82 -25.75
CA GLY B 339 -52.51 -22.45 -25.91
C GLY B 339 -51.50 -21.72 -26.77
N PRO B 340 -51.88 -20.54 -27.29
CA PRO B 340 -51.19 -19.89 -28.41
C PRO B 340 -50.26 -18.71 -28.08
N VAL B 341 -49.84 -18.60 -26.82
CA VAL B 341 -48.96 -17.54 -26.26
C VAL B 341 -49.35 -16.09 -26.56
N PRO B 342 -49.27 -15.22 -25.55
CA PRO B 342 -49.60 -13.78 -25.69
C PRO B 342 -48.54 -13.01 -26.47
N GLU B 343 -48.74 -11.70 -26.60
CA GLU B 343 -47.69 -10.81 -27.09
C GLU B 343 -46.71 -10.56 -25.95
N THR B 344 -47.22 -10.71 -24.73
CA THR B 344 -46.44 -10.51 -23.52
C THR B 344 -45.82 -11.81 -23.00
N ASP B 345 -45.26 -12.61 -23.92
CA ASP B 345 -44.52 -13.81 -23.54
C ASP B 345 -43.10 -13.77 -24.10
N TYR B 346 -42.12 -13.69 -23.19
CA TYR B 346 -40.73 -13.44 -23.58
C TYR B 346 -39.80 -14.66 -23.43
N LEU B 347 -40.19 -15.65 -22.65
CA LEU B 347 -39.36 -16.84 -22.44
C LEU B 347 -39.31 -17.77 -23.66
N GLY B 348 -40.24 -17.57 -24.60
CA GLY B 348 -40.34 -18.41 -25.78
C GLY B 348 -41.34 -19.55 -25.62
N ALA B 349 -42.57 -19.22 -25.23
CA ALA B 349 -43.69 -20.18 -25.17
C ALA B 349 -43.41 -21.35 -24.23
N ILE B 350 -43.22 -21.04 -22.95
CA ILE B 350 -42.70 -22.00 -21.98
C ILE B 350 -43.18 -21.61 -20.59
N HIS B 351 -43.44 -22.61 -19.74
CA HIS B 351 -43.46 -22.33 -18.32
C HIS B 351 -42.46 -23.22 -17.58
N GLU B 352 -41.64 -22.59 -16.74
CA GLU B 352 -40.45 -23.19 -16.15
C GLU B 352 -40.67 -23.70 -14.72
N HIS B 353 -40.09 -24.85 -14.42
CA HIS B 353 -40.19 -25.47 -13.09
C HIS B 353 -38.83 -25.80 -12.52
N GLN B 354 -38.74 -25.82 -11.19
CA GLN B 354 -37.58 -26.35 -10.50
C GLN B 354 -37.81 -27.82 -10.13
N GLU B 355 -38.73 -28.48 -10.84
CA GLU B 355 -39.12 -29.86 -10.59
C GLU B 355 -39.49 -30.59 -11.88
N ASN B 356 -39.04 -31.84 -12.06
CA ASN B 356 -39.58 -32.69 -13.13
C ASN B 356 -40.90 -33.30 -12.64
N LYS B 357 -41.58 -34.09 -13.47
CA LYS B 357 -42.88 -34.61 -13.04
C LYS B 357 -42.71 -35.79 -12.09
N ASP B 358 -41.71 -36.64 -12.33
CA ASP B 358 -41.39 -37.72 -11.37
C ASP B 358 -40.98 -37.18 -9.98
N GLY B 359 -41.35 -35.94 -9.70
CA GLY B 359 -41.23 -35.34 -8.38
C GLY B 359 -39.91 -34.69 -8.03
N SER B 360 -38.81 -35.40 -8.30
CA SER B 360 -37.47 -35.02 -7.83
C SER B 360 -37.13 -33.56 -8.16
N PRO B 361 -36.44 -32.88 -7.23
CA PRO B 361 -35.98 -31.48 -7.37
C PRO B 361 -34.79 -31.35 -8.34
N VAL B 362 -34.50 -30.14 -8.82
CA VAL B 362 -33.34 -29.97 -9.69
C VAL B 362 -32.09 -30.33 -8.89
N GLY B 363 -32.07 -29.94 -7.61
CA GLY B 363 -31.08 -30.43 -6.67
C GLY B 363 -30.47 -29.46 -5.67
N GLU B 364 -30.78 -29.64 -4.39
CA GLU B 364 -30.09 -29.00 -3.27
C GLU B 364 -30.12 -27.47 -3.29
N GLU B 365 -30.78 -26.85 -2.31
CA GLU B 365 -31.00 -25.43 -2.43
C GLU B 365 -30.23 -24.55 -1.46
N SER B 366 -30.17 -23.28 -1.82
CA SER B 366 -29.33 -22.32 -1.15
C SER B 366 -30.20 -21.30 -0.43
N GLY B 367 -31.21 -20.82 -1.14
CA GLY B 367 -32.19 -19.93 -0.57
C GLY B 367 -31.67 -18.58 -0.09
N LEU B 368 -32.14 -17.46 -0.65
CA LEU B 368 -32.93 -17.31 -1.90
C LEU B 368 -34.19 -18.19 -2.12
N ALA B 369 -34.06 -19.18 -3.01
CA ALA B 369 -35.03 -20.27 -3.30
C ALA B 369 -35.03 -20.60 -4.78
N TRP B 370 -34.57 -19.65 -5.60
CA TRP B 370 -34.56 -19.80 -7.05
C TRP B 370 -33.24 -20.41 -7.50
N LEU B 371 -32.20 -20.18 -6.70
CA LEU B 371 -30.85 -20.66 -6.97
C LEU B 371 -30.59 -21.94 -6.19
N ARG B 372 -30.49 -23.05 -6.90
CA ARG B 372 -30.07 -24.28 -6.25
C ARG B 372 -28.86 -24.85 -6.97
N SER B 373 -28.05 -25.59 -6.23
CA SER B 373 -26.77 -26.10 -6.74
C SER B 373 -26.91 -27.31 -7.67
N CYS B 374 -26.86 -27.08 -8.99
CA CYS B 374 -26.98 -28.17 -9.97
C CYS B 374 -25.70 -28.38 -10.78
N PRO B 375 -24.76 -29.16 -10.22
CA PRO B 375 -23.46 -29.35 -10.87
C PRO B 375 -23.51 -30.25 -12.09
N ASP B 376 -24.52 -31.10 -12.20
CA ASP B 376 -24.54 -32.04 -13.33
C ASP B 376 -24.90 -31.34 -14.61
N MET B 377 -25.89 -30.46 -14.51
CA MET B 377 -26.44 -29.81 -15.66
C MET B 377 -25.55 -28.62 -16.08
N PHE B 378 -24.72 -28.16 -15.15
CA PHE B 378 -23.70 -27.17 -15.45
C PHE B 378 -22.75 -27.76 -16.48
N ARG B 379 -22.48 -29.05 -16.35
CA ARG B 379 -21.54 -29.68 -17.25
C ARG B 379 -22.16 -29.84 -18.63
N LYS B 380 -23.42 -30.25 -18.67
CA LYS B 380 -24.11 -30.45 -19.93
C LYS B 380 -24.19 -29.13 -20.68
N HIS B 381 -24.43 -28.07 -19.91
CA HIS B 381 -24.46 -26.70 -20.39
C HIS B 381 -23.20 -26.29 -21.16
N LEU B 382 -22.06 -26.37 -20.48
CA LEU B 382 -20.77 -26.07 -21.08
C LEU B 382 -20.59 -26.73 -22.43
N ALA B 383 -20.99 -28.00 -22.51
CA ALA B 383 -20.85 -28.77 -23.74
C ALA B 383 -21.80 -28.28 -24.81
N ARG B 384 -23.00 -27.89 -24.39
CA ARG B 384 -23.96 -27.32 -25.31
C ARG B 384 -23.39 -26.02 -25.83
N VAL B 385 -23.11 -25.10 -24.90
CA VAL B 385 -22.62 -23.76 -25.25
C VAL B 385 -21.31 -23.75 -26.05
N TYR B 386 -20.50 -24.79 -25.95
CA TYR B 386 -19.29 -24.89 -26.75
C TYR B 386 -19.55 -25.78 -27.96
N GLY B 387 -19.21 -25.31 -29.16
CA GLY B 387 -19.65 -25.98 -30.38
C GLY B 387 -21.14 -25.70 -30.58
N LEU B 388 -21.47 -24.66 -31.37
CA LEU B 388 -22.56 -23.76 -31.00
C LEU B 388 -22.02 -23.39 -29.62
N TYR B 389 -21.12 -22.40 -29.54
CA TYR B 389 -20.96 -21.41 -30.58
C TYR B 389 -19.65 -21.35 -31.41
N GLY B 390 -18.47 -21.68 -30.92
CA GLY B 390 -18.14 -22.10 -29.57
C GLY B 390 -16.71 -21.62 -29.45
N LYS B 391 -16.53 -20.58 -28.65
CA LYS B 391 -15.22 -20.04 -28.41
C LYS B 391 -14.84 -20.47 -27.00
N PRO B 392 -13.60 -20.18 -26.57
CA PRO B 392 -13.28 -20.52 -25.19
C PRO B 392 -14.22 -19.81 -24.23
N ILE B 393 -14.67 -20.55 -23.22
CA ILE B 393 -15.50 -20.04 -22.18
C ILE B 393 -14.66 -19.64 -20.98
N TYR B 394 -14.80 -18.40 -20.53
CA TYR B 394 -14.44 -18.02 -19.16
C TYR B 394 -15.73 -17.95 -18.36
N ILE B 395 -15.76 -18.56 -17.19
CA ILE B 395 -16.94 -18.43 -16.34
C ILE B 395 -16.79 -17.17 -15.54
N THR B 396 -17.55 -16.14 -15.92
CA THR B 396 -17.27 -14.79 -15.44
C THR B 396 -18.08 -14.41 -14.17
N GLU B 397 -18.98 -15.29 -13.76
CA GLU B 397 -19.67 -15.22 -12.48
C GLU B 397 -20.14 -16.60 -12.10
N ASN B 398 -19.89 -16.97 -10.85
CA ASN B 398 -20.44 -18.21 -10.28
C ASN B 398 -20.32 -18.17 -8.76
N GLY B 399 -21.44 -18.36 -8.08
CA GLY B 399 -21.46 -18.26 -6.62
C GLY B 399 -22.86 -18.44 -6.05
N CYS B 400 -22.97 -18.40 -4.73
CA CYS B 400 -24.25 -18.72 -4.12
C CYS B 400 -24.39 -18.04 -2.76
N PRO B 401 -25.60 -18.06 -2.18
CA PRO B 401 -25.74 -17.63 -0.79
C PRO B 401 -26.01 -18.82 0.13
N CYS B 402 -25.41 -18.83 1.33
CA CYS B 402 -25.66 -19.87 2.31
C CYS B 402 -27.09 -19.87 2.89
N PRO B 403 -27.64 -21.08 3.10
CA PRO B 403 -28.89 -21.20 3.88
C PRO B 403 -28.69 -20.68 5.29
N GLY B 404 -29.43 -19.63 5.64
CA GLY B 404 -29.32 -18.95 6.92
C GLY B 404 -29.17 -17.44 6.78
N CYS B 410 -25.92 -13.10 10.67
CA CYS B 410 -24.85 -12.73 11.60
C CYS B 410 -23.42 -13.02 11.10
N GLU B 411 -22.39 -12.81 11.93
CA GLU B 411 -21.07 -13.34 11.59
C GLU B 411 -20.81 -14.72 12.25
N GLU B 412 -21.84 -15.54 12.09
CA GLU B 412 -21.79 -16.99 12.08
C GLU B 412 -21.45 -17.38 10.63
N ALA B 413 -21.65 -16.41 9.73
CA ALA B 413 -21.48 -16.56 8.28
C ALA B 413 -20.06 -16.87 7.89
N VAL B 414 -19.14 -16.64 8.82
CA VAL B 414 -17.73 -16.93 8.59
C VAL B 414 -17.52 -18.41 8.26
N ASN B 415 -18.32 -19.27 8.87
CA ASN B 415 -18.35 -20.68 8.47
C ASN B 415 -19.37 -20.94 7.37
N ASP B 416 -18.88 -21.09 6.14
CA ASP B 416 -19.77 -21.27 5.00
C ASP B 416 -19.47 -22.58 4.28
N PRO B 417 -19.88 -23.71 4.89
CA PRO B 417 -19.53 -25.01 4.32
C PRO B 417 -20.28 -25.23 3.01
N PHE B 418 -21.50 -24.70 2.96
CA PHE B 418 -22.37 -24.84 1.80
C PHE B 418 -21.71 -24.22 0.58
N ARG B 419 -21.26 -22.99 0.74
CA ARG B 419 -20.62 -22.26 -0.35
C ARG B 419 -19.40 -23.01 -0.84
N ILE B 420 -18.65 -23.62 0.08
CA ILE B 420 -17.45 -24.32 -0.31
C ILE B 420 -17.78 -25.54 -1.16
N ARG B 421 -18.79 -26.29 -0.75
CA ARG B 421 -19.10 -27.53 -1.45
C ARG B 421 -19.73 -27.19 -2.79
N TYR B 422 -20.36 -26.01 -2.84
CA TYR B 422 -20.91 -25.46 -4.07
C TYR B 422 -19.79 -25.17 -5.06
N PHE B 423 -18.78 -24.45 -4.56
CA PHE B 423 -17.59 -24.10 -5.34
C PHE B 423 -16.90 -25.36 -5.80
N ASP B 424 -16.82 -26.34 -4.91
CA ASP B 424 -16.11 -27.57 -5.20
C ASP B 424 -16.84 -28.37 -6.28
N SER B 425 -18.13 -28.58 -6.13
CA SER B 425 -18.82 -29.46 -7.06
C SER B 425 -18.93 -28.84 -8.45
N HIS B 426 -19.01 -27.51 -8.55
CA HIS B 426 -18.98 -26.87 -9.87
C HIS B 426 -17.59 -26.78 -10.52
N LEU B 427 -16.52 -26.70 -9.73
CA LEU B 427 -15.16 -26.82 -10.30
C LEU B 427 -14.94 -28.22 -10.81
N ASP B 428 -15.66 -29.17 -10.20
CA ASP B 428 -15.55 -30.57 -10.56
C ASP B 428 -16.10 -30.78 -11.94
N SER B 429 -17.25 -30.16 -12.21
CA SER B 429 -17.92 -30.36 -13.48
C SER B 429 -17.27 -29.54 -14.60
N ILE B 430 -16.56 -28.49 -14.23
CA ILE B 430 -15.70 -27.78 -15.19
C ILE B 430 -14.59 -28.72 -15.63
N SER B 431 -13.83 -29.23 -14.66
CA SER B 431 -12.82 -30.26 -14.91
C SER B 431 -13.34 -31.37 -15.80
N LYS B 432 -14.54 -31.84 -15.50
CA LYS B 432 -15.14 -32.97 -16.19
C LYS B 432 -15.44 -32.58 -17.61
N ALA B 433 -15.96 -31.37 -17.79
CA ALA B 433 -16.27 -30.89 -19.13
C ALA B 433 -15.01 -30.69 -19.98
N ILE B 434 -13.87 -30.41 -19.34
CA ILE B 434 -12.65 -30.15 -20.09
C ILE B 434 -12.05 -31.44 -20.61
N THR B 435 -11.94 -32.44 -19.75
CA THR B 435 -11.13 -33.62 -20.06
C THR B 435 -11.93 -34.76 -20.67
N GLN B 436 -13.26 -34.64 -20.63
CA GLN B 436 -14.15 -35.68 -21.16
C GLN B 436 -14.97 -35.22 -22.37
N ASP B 437 -15.36 -33.95 -22.39
CA ASP B 437 -16.21 -33.42 -23.45
C ASP B 437 -15.38 -32.60 -24.45
N GLY B 438 -14.16 -32.28 -24.06
CA GLY B 438 -13.30 -31.47 -24.87
C GLY B 438 -13.84 -30.06 -25.09
N VAL B 439 -14.33 -29.45 -24.01
CA VAL B 439 -14.72 -28.04 -24.01
C VAL B 439 -13.54 -27.21 -23.53
N VAL B 440 -13.24 -26.10 -24.22
CA VAL B 440 -12.19 -25.20 -23.75
C VAL B 440 -12.71 -24.18 -22.71
N VAL B 441 -12.23 -24.31 -21.47
CA VAL B 441 -12.67 -23.44 -20.39
C VAL B 441 -11.47 -22.85 -19.69
N LYS B 442 -11.26 -21.55 -19.86
CA LYS B 442 -9.96 -20.94 -19.58
C LYS B 442 -9.89 -20.21 -18.26
N GLY B 443 -11.02 -20.10 -17.55
CA GLY B 443 -11.01 -19.33 -16.31
C GLY B 443 -12.27 -19.36 -15.45
N TYR B 444 -12.16 -18.85 -14.22
CA TYR B 444 -13.27 -18.93 -13.26
C TYR B 444 -13.31 -17.77 -12.27
N PHE B 445 -14.26 -16.85 -12.44
CA PHE B 445 -14.45 -15.78 -11.47
C PHE B 445 -15.62 -16.07 -10.52
N ALA B 446 -15.35 -16.01 -9.23
CA ALA B 446 -16.38 -16.32 -8.23
C ALA B 446 -17.15 -15.06 -7.85
N TRP B 447 -18.47 -15.18 -7.78
CA TRP B 447 -19.27 -14.07 -7.30
C TRP B 447 -19.60 -14.36 -5.85
N ALA B 448 -19.26 -13.45 -4.94
CA ALA B 448 -18.56 -12.20 -5.22
C ALA B 448 -17.40 -12.05 -4.24
N LEU B 449 -16.54 -11.04 -4.43
CA LEU B 449 -15.48 -10.76 -3.44
C LEU B 449 -16.07 -10.32 -2.10
N LEU B 450 -17.01 -9.38 -2.17
CA LEU B 450 -17.67 -8.81 -1.00
C LEU B 450 -19.14 -9.14 -0.98
N ASP B 451 -19.77 -8.94 0.18
CA ASP B 451 -21.23 -8.92 0.25
C ASP B 451 -21.77 -7.59 -0.30
N ASN B 452 -22.71 -7.64 -1.25
CA ASN B 452 -23.19 -6.43 -1.94
C ASN B 452 -24.60 -5.97 -1.61
N LEU B 453 -24.98 -4.89 -2.30
CA LEU B 453 -26.37 -4.65 -2.63
C LEU B 453 -26.73 -5.65 -3.74
N GLU B 454 -27.55 -6.65 -3.46
CA GLU B 454 -27.97 -7.57 -4.51
C GLU B 454 -29.10 -6.95 -5.36
N TRP B 455 -28.78 -5.80 -5.94
CA TRP B 455 -29.71 -4.98 -6.74
C TRP B 455 -31.05 -4.78 -6.03
N SER B 456 -32.15 -4.95 -6.76
CA SER B 456 -33.47 -4.61 -6.21
C SER B 456 -33.91 -5.60 -5.14
N ASP B 457 -33.05 -6.55 -4.81
CA ASP B 457 -33.29 -7.41 -3.66
C ASP B 457 -32.71 -6.76 -2.41
N GLY B 458 -31.85 -5.77 -2.58
CA GLY B 458 -31.28 -5.06 -1.46
C GLY B 458 -30.05 -5.74 -0.91
N TYR B 459 -29.71 -5.47 0.34
CA TYR B 459 -28.48 -5.99 0.93
C TYR B 459 -28.63 -7.40 1.54
N GLY B 460 -29.88 -7.86 1.63
CA GLY B 460 -30.24 -9.14 2.22
C GLY B 460 -29.40 -10.34 1.83
N PRO B 461 -29.59 -10.85 0.59
CA PRO B 461 -28.81 -12.00 0.08
C PRO B 461 -27.29 -11.78 0.16
N ARG B 462 -26.59 -12.56 0.98
CA ARG B 462 -25.12 -12.43 1.04
C ARG B 462 -24.41 -13.41 0.13
N PHE B 463 -23.87 -12.90 -0.98
CA PHE B 463 -23.24 -13.73 -2.00
C PHE B 463 -21.71 -13.85 -1.82
N GLY B 464 -21.14 -12.95 -1.04
CA GLY B 464 -19.71 -12.83 -0.93
C GLY B 464 -18.96 -13.89 -0.16
N VAL B 465 -17.67 -13.98 -0.44
CA VAL B 465 -16.75 -14.83 0.28
C VAL B 465 -16.07 -14.00 1.35
N THR B 466 -16.46 -12.74 1.40
CA THR B 466 -16.13 -11.86 2.52
C THR B 466 -17.42 -11.32 3.04
N PHE B 467 -17.61 -11.45 4.33
CA PHE B 467 -18.76 -10.88 5.00
C PHE B 467 -18.53 -9.38 5.12
N THR B 468 -19.44 -8.56 4.59
CA THR B 468 -19.34 -7.13 4.85
C THR B 468 -20.35 -6.73 5.92
N ASP B 469 -19.89 -5.91 6.86
CA ASP B 469 -20.68 -5.45 8.00
C ASP B 469 -21.20 -4.04 7.70
N TYR B 470 -22.45 -3.95 7.24
CA TYR B 470 -22.94 -2.73 6.58
C TYR B 470 -23.07 -1.50 7.49
N THR B 471 -22.89 -1.70 8.78
CA THR B 471 -22.98 -0.62 9.74
C THR B 471 -21.58 0.01 9.99
N THR B 472 -20.58 -0.84 10.20
CA THR B 472 -19.16 -0.44 10.35
C THR B 472 -18.45 -0.30 9.01
N LEU B 473 -18.98 -0.97 7.98
CA LEU B 473 -18.30 -1.21 6.70
C LEU B 473 -17.10 -2.11 6.90
N LYS B 474 -17.13 -2.92 7.96
CA LYS B 474 -16.00 -3.77 8.27
C LYS B 474 -16.06 -4.97 7.34
N ARG B 475 -14.89 -5.44 6.91
CA ARG B 475 -14.82 -6.68 6.14
C ARG B 475 -14.02 -7.71 6.92
N THR B 476 -14.57 -8.90 7.06
CA THR B 476 -13.80 -10.03 7.55
C THR B 476 -14.03 -11.21 6.58
N PRO B 477 -12.97 -11.97 6.30
CA PRO B 477 -13.15 -13.03 5.30
C PRO B 477 -14.03 -14.17 5.84
N LYS B 478 -14.66 -14.92 4.95
CA LYS B 478 -15.37 -16.14 5.34
C LYS B 478 -14.45 -17.32 5.08
N LYS B 479 -14.84 -18.50 5.55
CA LYS B 479 -14.00 -19.67 5.41
C LYS B 479 -13.66 -19.89 3.95
N SER B 480 -14.67 -19.81 3.09
CA SER B 480 -14.52 -20.06 1.66
C SER B 480 -13.45 -19.19 0.99
N ALA B 481 -13.23 -17.99 1.51
CA ALA B 481 -12.22 -17.07 0.96
C ALA B 481 -10.80 -17.63 1.08
N LEU B 482 -10.55 -18.28 2.21
CA LEU B 482 -9.22 -18.78 2.52
C LEU B 482 -8.98 -20.20 1.99
N VAL B 483 -10.06 -20.90 1.64
CA VAL B 483 -9.95 -22.28 1.18
C VAL B 483 -9.93 -22.42 -0.35
N LEU B 484 -10.50 -21.44 -1.04
CA LEU B 484 -10.61 -21.51 -2.48
C LEU B 484 -9.26 -21.53 -3.17
N LYS B 485 -8.32 -20.72 -2.68
CA LYS B 485 -6.97 -20.69 -3.23
C LYS B 485 -6.34 -22.08 -3.23
N ASP B 486 -6.77 -22.91 -2.28
CA ASP B 486 -6.19 -24.23 -2.07
C ASP B 486 -6.84 -25.29 -2.95
N MET B 487 -8.13 -25.12 -3.21
CA MET B 487 -8.82 -25.99 -4.16
C MET B 487 -8.23 -25.90 -5.57
N PHE B 488 -7.78 -24.71 -5.95
CA PHE B 488 -7.18 -24.55 -7.28
C PHE B 488 -5.77 -25.14 -7.35
N ALA B 489 -4.98 -24.84 -6.31
CA ALA B 489 -3.59 -25.25 -6.29
C ALA B 489 -3.47 -26.75 -6.37
N ALA B 490 -4.53 -27.43 -5.95
CA ALA B 490 -4.55 -28.88 -5.86
C ALA B 490 -5.13 -29.47 -7.11
N ARG B 491 -5.58 -28.61 -8.02
CA ARG B 491 -6.14 -29.07 -9.27
C ARG B 491 -5.19 -28.81 -10.40
N GLN B 492 -4.13 -28.09 -10.09
CA GLN B 492 -3.09 -27.79 -11.03
C GLN B 492 -1.78 -28.31 -10.51
N ILE B 493 -1.18 -29.28 -11.17
CA ILE B 493 0.12 -29.75 -10.73
C ILE B 493 1.20 -29.82 -11.76
N PRO B 494 1.61 -31.00 -12.21
CA PRO B 494 0.98 -32.27 -11.93
C PRO B 494 2.03 -33.38 -11.90
N GLU B 495 3.24 -33.04 -12.29
CA GLU B 495 4.35 -33.98 -12.30
C GLU B 495 5.11 -33.91 -11.02
N GLU B 496 4.52 -33.23 -10.06
CA GLU B 496 5.09 -33.13 -8.74
C GLU B 496 4.12 -33.65 -7.72
N LEU B 497 3.01 -34.22 -8.15
CA LEU B 497 2.16 -34.87 -7.20
C LEU B 497 2.95 -36.10 -6.86
N ALA B 498 4.05 -36.28 -7.56
CA ALA B 498 4.92 -37.38 -7.30
C ALA B 498 5.80 -37.41 -6.06
N HIS B 499 6.35 -36.27 -5.66
CA HIS B 499 6.73 -35.98 -4.28
C HIS B 499 6.09 -35.15 -3.22
N SER C 18 26.00 6.86 22.76
CA SER C 18 26.17 5.73 23.66
C SER C 18 26.76 4.54 22.89
N LEU C 19 27.96 4.76 22.35
CA LEU C 19 28.83 3.77 21.69
C LEU C 19 28.58 3.67 20.19
N ALA C 20 29.01 4.74 19.52
CA ALA C 20 29.27 4.85 18.09
C ALA C 20 29.32 3.61 17.17
N LEU C 21 28.26 3.44 16.40
CA LEU C 21 28.31 2.69 15.15
C LEU C 21 28.49 3.72 14.04
N PRO C 22 29.21 3.36 12.96
CA PRO C 22 29.57 4.23 11.83
C PRO C 22 28.63 5.38 11.54
N ASN C 23 27.78 5.24 10.55
CA ASN C 23 27.01 6.37 10.03
C ASN C 23 26.13 5.87 8.91
N ASP C 24 26.81 5.37 7.87
CA ASP C 24 26.21 4.48 6.89
C ASP C 24 25.44 3.42 7.62
N PHE C 25 26.22 2.44 8.06
CA PHE C 25 25.78 1.27 8.78
C PHE C 25 24.34 0.84 8.47
N GLU C 26 24.22 -0.05 7.50
CA GLU C 26 22.93 -0.51 7.07
C GLU C 26 22.42 -1.55 8.02
N TRP C 27 21.28 -1.29 8.65
CA TRP C 27 20.71 -2.27 9.58
C TRP C 27 19.28 -2.63 9.19
N GLY C 28 18.84 -3.83 9.57
CA GLY C 28 17.49 -4.28 9.23
C GLY C 28 17.13 -5.63 9.82
N PHE C 29 16.10 -6.28 9.26
CA PHE C 29 15.68 -7.59 9.74
C PHE C 29 15.82 -8.69 8.69
N ALA C 30 15.99 -9.91 9.15
CA ALA C 30 16.11 -11.05 8.23
C ALA C 30 15.03 -12.09 8.47
N THR C 31 14.75 -12.88 7.42
CA THR C 31 13.84 -14.03 7.40
C THR C 31 14.27 -14.98 6.28
N ALA C 32 14.09 -16.30 6.45
CA ALA C 32 14.37 -17.26 5.37
C ALA C 32 13.11 -17.62 4.60
N ALA C 33 13.29 -18.23 3.44
CA ALA C 33 12.16 -18.51 2.53
C ALA C 33 11.18 -19.52 3.08
N TYR C 34 11.65 -20.75 3.33
CA TYR C 34 10.78 -21.82 3.78
C TYR C 34 10.17 -21.57 5.14
N GLN C 35 10.85 -20.73 5.92
CA GLN C 35 10.54 -20.51 7.32
C GLN C 35 9.29 -19.69 7.55
N ILE C 36 8.90 -18.87 6.58
CA ILE C 36 7.78 -17.95 6.75
C ILE C 36 6.79 -17.97 5.59
N GLU C 37 7.20 -18.41 4.40
CA GLU C 37 6.38 -18.23 3.21
C GLU C 37 5.04 -18.97 3.18
N GLY C 38 5.03 -20.27 3.48
CA GLY C 38 3.83 -21.07 3.27
C GLY C 38 3.56 -21.21 1.77
N ALA C 39 2.31 -21.46 1.39
CA ALA C 39 1.94 -21.57 -0.03
C ALA C 39 2.90 -22.49 -0.76
N VAL C 40 2.93 -23.72 -0.30
CA VAL C 40 3.94 -24.69 -0.68
C VAL C 40 3.62 -25.28 -2.06
N LYS C 41 2.34 -25.32 -2.40
CA LYS C 41 1.90 -25.86 -3.68
C LYS C 41 1.43 -24.77 -4.60
N GLU C 42 1.20 -23.58 -4.04
CA GLU C 42 0.65 -22.47 -4.81
C GLU C 42 1.71 -21.76 -5.62
N GLY C 43 1.27 -21.13 -6.70
CA GLY C 43 2.19 -20.42 -7.56
C GLY C 43 3.04 -21.43 -8.29
N GLY C 44 2.46 -22.60 -8.53
CA GLY C 44 3.13 -23.66 -9.27
C GLY C 44 4.47 -24.10 -8.70
N ARG C 45 4.67 -23.88 -7.40
CA ARG C 45 5.94 -24.18 -6.76
C ARG C 45 6.09 -25.67 -6.51
N GLY C 46 7.23 -26.22 -6.95
CA GLY C 46 7.57 -27.61 -6.74
C GLY C 46 8.25 -27.80 -5.39
N PRO C 47 8.19 -29.04 -4.87
CA PRO C 47 8.64 -29.39 -3.51
C PRO C 47 10.13 -29.15 -3.28
N SER C 48 10.51 -28.74 -2.07
CA SER C 48 11.92 -28.68 -1.70
C SER C 48 12.25 -29.94 -0.91
N ILE C 49 13.49 -30.06 -0.44
CA ILE C 49 13.88 -31.25 0.31
C ILE C 49 13.27 -31.17 1.69
N TRP C 50 13.03 -29.96 2.18
CA TRP C 50 12.39 -29.78 3.48
C TRP C 50 10.92 -30.22 3.45
N ASP C 51 10.31 -30.14 2.28
CA ASP C 51 8.92 -30.58 2.09
C ASP C 51 8.75 -32.07 2.39
N THR C 52 9.81 -32.85 2.23
CA THR C 52 9.71 -34.28 2.45
C THR C 52 10.08 -34.65 3.87
N TYR C 53 11.12 -34.00 4.36
CA TYR C 53 11.67 -34.21 5.69
C TYR C 53 10.67 -33.81 6.78
N CYS C 54 9.86 -32.80 6.48
CA CYS C 54 8.87 -32.33 7.43
C CYS C 54 7.69 -33.29 7.53
N HIS C 55 7.43 -34.03 6.44
CA HIS C 55 6.30 -34.95 6.45
C HIS C 55 6.67 -36.41 6.68
N LEU C 56 7.78 -36.63 7.37
CA LEU C 56 8.26 -37.99 7.60
C LEU C 56 7.51 -38.64 8.75
N GLU C 57 7.43 -39.98 8.70
CA GLU C 57 6.71 -40.78 9.71
C GLU C 57 7.63 -41.86 10.31
N PRO C 58 8.08 -41.67 11.56
CA PRO C 58 7.76 -40.58 12.50
C PRO C 58 8.50 -39.28 12.16
N SER C 59 7.98 -38.16 12.66
CA SER C 59 8.48 -36.86 12.27
C SER C 59 9.90 -36.63 12.79
N ARG C 60 10.75 -36.09 11.92
CA ARG C 60 12.10 -35.69 12.30
C ARG C 60 12.15 -34.18 12.63
N THR C 61 10.97 -33.55 12.57
CA THR C 61 10.85 -32.10 12.77
C THR C 61 9.88 -31.72 13.89
N ASN C 62 9.74 -32.60 14.89
CA ASN C 62 8.86 -32.37 16.04
C ASN C 62 7.41 -32.20 15.61
N GLY C 63 7.07 -32.82 14.49
CA GLY C 63 5.73 -32.80 13.96
C GLY C 63 5.38 -31.49 13.26
N ALA C 64 6.40 -30.74 12.85
CA ALA C 64 6.18 -29.41 12.29
C ALA C 64 6.28 -29.37 10.77
N ASN C 65 5.69 -28.33 10.18
CA ASN C 65 5.40 -28.23 8.74
C ASN C 65 5.75 -26.90 8.14
N GLY C 66 6.18 -26.90 6.88
CA GLY C 66 6.46 -25.64 6.22
C GLY C 66 5.29 -25.06 5.46
N ASP C 67 4.28 -25.88 5.22
CA ASP C 67 3.03 -25.41 4.63
C ASP C 67 2.51 -24.34 5.60
N VAL C 68 1.72 -23.39 5.10
CA VAL C 68 1.26 -22.27 5.95
C VAL C 68 2.38 -21.48 6.65
N ALA C 69 2.94 -22.04 7.72
CA ALA C 69 3.93 -21.32 8.52
C ALA C 69 3.40 -19.95 8.90
N CYS C 70 3.99 -18.90 8.34
CA CYS C 70 3.51 -17.55 8.55
C CYS C 70 2.53 -17.08 7.48
N ASP C 71 2.44 -17.85 6.40
CA ASP C 71 1.67 -17.48 5.21
C ASP C 71 2.07 -16.11 4.65
N HIS C 72 3.38 -15.84 4.63
CA HIS C 72 3.93 -14.58 4.16
C HIS C 72 3.75 -14.44 2.63
N TYR C 73 3.53 -15.55 1.95
CA TYR C 73 3.28 -15.49 0.52
C TYR C 73 2.04 -14.64 0.28
N HIS C 74 1.10 -14.70 1.22
CA HIS C 74 -0.17 -14.02 1.05
C HIS C 74 -0.27 -12.78 1.92
N ARG C 75 0.63 -12.63 2.87
CA ARG C 75 0.51 -11.54 3.82
C ARG C 75 1.79 -10.70 3.83
N TYR C 76 2.46 -10.66 2.69
CA TYR C 76 3.78 -10.04 2.61
C TYR C 76 3.74 -8.53 2.78
N ASP C 77 2.63 -7.91 2.40
CA ASP C 77 2.51 -6.46 2.49
C ASP C 77 2.21 -6.02 3.92
N GLU C 78 1.68 -6.93 4.71
CA GLU C 78 1.33 -6.67 6.11
C GLU C 78 2.61 -6.62 6.96
N ASP C 79 3.55 -7.48 6.58
CA ASP C 79 4.83 -7.62 7.25
C ASP C 79 5.78 -6.52 6.77
N PHE C 80 5.65 -6.10 5.52
CA PHE C 80 6.52 -5.05 5.00
C PHE C 80 6.13 -3.72 5.63
N ASP C 81 4.90 -3.65 6.12
CA ASP C 81 4.42 -2.45 6.79
C ASP C 81 4.99 -2.43 8.20
N LEU C 82 5.25 -3.62 8.73
CA LEU C 82 5.96 -3.76 9.98
C LEU C 82 7.38 -3.29 9.77
N LEU C 83 7.87 -3.44 8.55
CA LEU C 83 9.22 -3.04 8.27
C LEU C 83 9.39 -1.55 8.48
N THR C 84 8.50 -0.73 7.91
CA THR C 84 8.69 0.71 8.06
C THR C 84 8.29 1.19 9.46
N LYS C 85 7.36 0.50 10.10
CA LYS C 85 6.95 0.82 11.47
C LYS C 85 8.11 0.62 12.42
N TYR C 86 8.98 -0.34 12.09
CA TYR C 86 10.16 -0.63 12.89
C TYR C 86 11.36 0.24 12.50
N GLY C 87 11.22 0.93 11.38
CA GLY C 87 12.23 1.88 10.94
C GLY C 87 13.42 1.20 10.32
N ALA C 88 13.20 0.02 9.74
CA ALA C 88 14.25 -0.74 9.07
C ALA C 88 14.83 0.00 7.88
N LYS C 89 16.09 -0.27 7.58
CA LYS C 89 16.70 0.34 6.42
C LYS C 89 16.81 -0.68 5.29
N ALA C 90 16.96 -1.93 5.69
CA ALA C 90 17.24 -3.02 4.77
C ALA C 90 16.49 -4.24 5.21
N TYR C 91 16.26 -5.16 4.28
CA TYR C 91 15.59 -6.40 4.62
C TYR C 91 16.20 -7.51 3.82
N ARG C 92 16.78 -8.45 4.57
CA ARG C 92 17.38 -9.65 4.04
C ARG C 92 16.32 -10.73 3.98
N PHE C 93 16.10 -11.28 2.78
CA PHE C 93 15.24 -12.44 2.65
C PHE C 93 15.84 -13.46 1.67
N SER C 94 15.11 -14.54 1.43
CA SER C 94 15.60 -15.68 0.69
C SER C 94 14.61 -16.07 -0.41
N LEU C 95 15.12 -16.44 -1.58
CA LEU C 95 14.30 -16.96 -2.66
C LEU C 95 14.16 -18.47 -2.53
N SER C 96 13.06 -19.00 -3.03
CA SER C 96 12.90 -20.44 -3.05
C SER C 96 13.24 -20.99 -4.42
N TRP C 97 14.46 -21.45 -4.59
CA TRP C 97 14.89 -22.11 -5.81
C TRP C 97 13.79 -22.98 -6.44
N SER C 98 13.18 -23.83 -5.63
CA SER C 98 12.10 -24.75 -6.03
C SER C 98 10.90 -24.01 -6.61
N ARG C 99 10.81 -22.72 -6.32
CA ARG C 99 9.66 -21.92 -6.72
C ARG C 99 9.94 -21.19 -8.03
N ILE C 100 11.20 -20.80 -8.27
CA ILE C 100 11.67 -20.15 -9.50
C ILE C 100 11.83 -21.14 -10.65
N ILE C 101 12.72 -22.11 -10.45
CA ILE C 101 12.83 -23.25 -11.33
C ILE C 101 12.13 -24.38 -10.63
N PRO C 102 10.84 -24.57 -10.98
CA PRO C 102 9.84 -25.32 -10.22
C PRO C 102 10.23 -26.76 -9.99
N LEU C 103 11.43 -27.16 -10.44
CA LEU C 103 12.24 -28.23 -9.84
C LEU C 103 13.26 -28.82 -10.79
N GLY C 104 14.50 -28.42 -10.49
CA GLY C 104 15.69 -28.92 -11.14
C GLY C 104 16.64 -27.77 -11.44
N GLY C 105 17.20 -27.76 -12.64
CA GLY C 105 18.05 -26.67 -13.01
C GLY C 105 18.40 -26.75 -14.47
N ARG C 106 19.19 -25.78 -14.95
CA ARG C 106 19.81 -25.80 -16.27
C ARG C 106 18.80 -25.99 -17.43
N LEU C 107 18.31 -27.20 -17.66
CA LEU C 107 17.45 -27.44 -18.80
C LEU C 107 15.96 -27.44 -18.47
N ASP C 108 15.65 -27.31 -17.18
CA ASP C 108 14.27 -27.34 -16.70
C ASP C 108 13.51 -26.05 -16.97
N PRO C 109 12.17 -26.12 -17.09
CA PRO C 109 11.34 -24.94 -17.34
C PRO C 109 11.45 -23.95 -16.21
N VAL C 110 11.12 -22.70 -16.47
CA VAL C 110 11.15 -21.68 -15.44
C VAL C 110 9.76 -21.19 -15.04
N ASN C 111 9.41 -21.41 -13.79
CA ASN C 111 8.11 -20.99 -13.29
C ASN C 111 7.94 -19.46 -13.28
N GLU C 112 7.12 -18.94 -14.20
CA GLU C 112 6.94 -17.50 -14.30
C GLU C 112 6.20 -16.89 -13.13
N GLU C 113 5.14 -17.54 -12.68
CA GLU C 113 4.35 -17.15 -11.50
C GLU C 113 5.18 -17.03 -10.23
N GLY C 114 6.39 -17.60 -10.27
CA GLY C 114 7.27 -17.61 -9.12
C GLY C 114 8.23 -16.44 -9.19
N ILE C 115 8.75 -16.15 -10.39
CA ILE C 115 9.63 -15.02 -10.61
C ILE C 115 8.92 -13.69 -10.46
N GLU C 116 7.66 -13.64 -10.87
CA GLU C 116 6.88 -12.44 -10.71
C GLU C 116 6.49 -12.22 -9.25
N PHE C 117 6.40 -13.30 -8.49
CA PHE C 117 6.11 -13.17 -7.06
C PHE C 117 7.21 -12.38 -6.33
N TYR C 118 8.46 -12.79 -6.53
CA TYR C 118 9.57 -12.09 -5.88
C TYR C 118 9.82 -10.71 -6.52
N SER C 119 9.59 -10.59 -7.82
CA SER C 119 9.64 -9.28 -8.44
C SER C 119 8.68 -8.32 -7.76
N LYS C 120 7.56 -8.80 -7.23
CA LYS C 120 6.68 -7.85 -6.56
C LYS C 120 7.02 -7.66 -5.06
N LEU C 121 7.81 -8.55 -4.47
CA LEU C 121 8.32 -8.27 -3.12
C LEU C 121 9.35 -7.18 -3.25
N ILE C 122 10.25 -7.37 -4.23
CA ILE C 122 11.34 -6.44 -4.48
C ILE C 122 10.80 -5.07 -4.79
N ASP C 123 9.84 -5.04 -5.70
CA ASP C 123 9.10 -3.82 -5.97
C ASP C 123 8.49 -3.17 -4.72
N ALA C 124 7.79 -3.96 -3.91
CA ALA C 124 7.13 -3.45 -2.70
C ALA C 124 8.13 -2.92 -1.65
N LEU C 125 9.24 -3.62 -1.46
CA LEU C 125 10.28 -3.20 -0.52
C LEU C 125 10.85 -1.86 -0.94
N LEU C 126 11.08 -1.70 -2.24
CA LEU C 126 11.65 -0.47 -2.79
C LEU C 126 10.74 0.72 -2.55
N ARG C 127 9.45 0.46 -2.76
CA ARG C 127 8.40 1.45 -2.69
C ARG C 127 8.27 2.04 -1.29
N ARG C 128 8.83 1.31 -0.32
CA ARG C 128 8.81 1.65 1.10
C ARG C 128 10.14 2.23 1.56
N GLY C 129 11.13 2.29 0.66
CA GLY C 129 12.45 2.78 1.00
C GLY C 129 13.38 1.74 1.60
N ILE C 130 12.94 0.48 1.61
CA ILE C 130 13.69 -0.62 2.19
C ILE C 130 14.67 -1.20 1.17
N THR C 131 15.93 -1.45 1.55
CA THR C 131 16.90 -2.07 0.64
C THR C 131 16.85 -3.60 0.59
N PRO C 132 16.41 -4.18 -0.55
CA PRO C 132 16.38 -5.65 -0.65
C PRO C 132 17.78 -6.24 -0.68
N TRP C 133 17.99 -7.21 0.22
CA TRP C 133 19.17 -8.07 0.27
C TRP C 133 18.70 -9.48 -0.03
N VAL C 134 19.17 -10.07 -1.12
CA VAL C 134 18.59 -11.35 -1.52
C VAL C 134 19.51 -12.54 -1.27
N THR C 135 19.01 -13.54 -0.54
CA THR C 135 19.69 -14.82 -0.39
C THR C 135 19.17 -15.82 -1.41
N LEU C 136 20.01 -16.23 -2.35
CA LEU C 136 19.60 -17.21 -3.34
C LEU C 136 19.23 -18.55 -2.71
N TYR C 137 20.14 -19.14 -1.93
CA TYR C 137 19.89 -20.43 -1.32
C TYR C 137 19.89 -20.35 0.20
N HIS C 138 18.84 -20.86 0.82
CA HIS C 138 18.70 -20.91 2.27
C HIS C 138 18.11 -22.27 2.69
N TRP C 139 18.84 -23.32 2.32
CA TRP C 139 18.63 -24.71 2.77
C TRP C 139 17.51 -25.45 2.10
N ASP C 140 16.86 -24.84 1.11
CA ASP C 140 15.64 -25.41 0.55
C ASP C 140 15.82 -25.91 -0.89
N LEU C 141 16.78 -26.83 -1.07
CA LEU C 141 17.11 -27.43 -2.37
C LEU C 141 15.91 -28.11 -3.03
N PRO C 142 15.72 -27.89 -4.33
CA PRO C 142 14.67 -28.59 -5.08
C PRO C 142 14.73 -30.10 -4.87
N GLN C 143 13.59 -30.74 -4.63
CA GLN C 143 13.61 -32.17 -4.36
C GLN C 143 14.01 -32.94 -5.62
N ALA C 144 13.60 -32.46 -6.79
CA ALA C 144 13.91 -33.14 -8.04
C ALA C 144 15.40 -33.42 -8.21
N LEU C 145 16.24 -32.51 -7.72
CA LEU C 145 17.69 -32.62 -7.91
C LEU C 145 18.26 -33.68 -6.98
N HIS C 146 17.63 -33.83 -5.81
CA HIS C 146 18.10 -34.80 -4.86
C HIS C 146 17.93 -36.18 -5.47
N ASP C 147 16.73 -36.43 -5.96
CA ASP C 147 16.38 -37.68 -6.62
C ASP C 147 17.07 -37.88 -7.97
N ARG C 148 17.41 -36.80 -8.65
CA ARG C 148 17.98 -36.93 -9.98
C ARG C 148 19.44 -37.31 -9.92
N TYR C 149 20.16 -36.77 -8.94
CA TYR C 149 21.59 -37.06 -8.90
C TYR C 149 22.19 -36.83 -7.51
N GLY C 150 21.35 -36.81 -6.49
CA GLY C 150 21.85 -36.82 -5.12
C GLY C 150 21.94 -35.43 -4.56
N GLY C 151 21.64 -34.46 -5.40
CA GLY C 151 21.77 -33.07 -5.00
C GLY C 151 23.21 -32.73 -4.68
N TRP C 152 23.41 -32.26 -3.46
CA TRP C 152 24.67 -31.66 -3.06
C TRP C 152 25.82 -32.68 -3.09
N LEU C 153 25.47 -33.96 -3.01
CA LEU C 153 26.48 -35.02 -3.10
C LEU C 153 27.11 -35.07 -4.48
N ASN C 154 26.37 -34.61 -5.48
CA ASN C 154 26.89 -34.60 -6.84
C ASN C 154 27.55 -33.25 -7.15
N VAL C 155 28.86 -33.12 -6.92
CA VAL C 155 29.50 -31.81 -7.08
C VAL C 155 29.37 -31.27 -8.50
N GLU C 156 29.50 -32.15 -9.49
CA GLU C 156 29.62 -31.67 -10.86
C GLU C 156 28.31 -31.07 -11.33
N GLU C 157 27.22 -31.77 -11.10
CA GLU C 157 25.94 -31.37 -11.66
C GLU C 157 25.35 -30.20 -10.93
N VAL C 158 25.43 -30.25 -9.60
CA VAL C 158 24.73 -29.30 -8.75
C VAL C 158 25.30 -27.89 -8.88
N GLN C 159 26.62 -27.79 -9.05
CA GLN C 159 27.22 -26.48 -9.18
C GLN C 159 26.87 -25.86 -10.52
N LEU C 160 26.41 -26.70 -11.44
CA LEU C 160 26.01 -26.24 -12.76
C LEU C 160 24.57 -25.77 -12.79
N ASP C 161 23.69 -26.55 -12.16
CA ASP C 161 22.30 -26.19 -12.00
C ASP C 161 22.15 -24.94 -11.15
N PHE C 162 23.03 -24.77 -10.17
CA PHE C 162 23.04 -23.57 -9.35
C PHE C 162 23.50 -22.33 -10.11
N GLU C 163 24.49 -22.47 -10.99
CA GLU C 163 24.98 -21.32 -11.75
C GLU C 163 23.90 -20.78 -12.70
N ARG C 164 23.05 -21.66 -13.21
CA ARG C 164 21.97 -21.22 -14.07
C ARG C 164 20.97 -20.44 -13.26
N TYR C 165 20.65 -20.98 -12.09
CA TYR C 165 19.73 -20.39 -11.14
C TYR C 165 20.18 -19.01 -10.69
N ALA C 166 21.44 -18.91 -10.30
CA ALA C 166 21.98 -17.66 -9.82
C ALA C 166 21.87 -16.67 -10.94
N ARG C 167 22.17 -17.14 -12.14
CA ARG C 167 22.24 -16.26 -13.30
C ARG C 167 20.92 -15.64 -13.65
N LEU C 168 19.90 -16.48 -13.75
CA LEU C 168 18.56 -16.05 -14.05
C LEU C 168 18.08 -15.01 -13.04
N CYS C 169 18.39 -15.22 -11.75
CA CYS C 169 18.07 -14.26 -10.69
C CYS C 169 18.74 -12.94 -10.94
N PHE C 170 20.05 -12.97 -11.20
CA PHE C 170 20.77 -11.76 -11.60
C PHE C 170 20.07 -11.01 -12.72
N GLU C 171 19.55 -11.77 -13.70
CA GLU C 171 18.91 -11.19 -14.87
C GLU C 171 17.58 -10.56 -14.50
N ARG C 172 16.75 -11.30 -13.80
CA ARG C 172 15.38 -10.91 -13.55
C ARG C 172 15.21 -9.94 -12.39
N PHE C 173 16.17 -9.87 -11.47
CA PHE C 173 16.03 -8.99 -10.32
C PHE C 173 17.23 -8.08 -10.13
N GLY C 174 18.24 -8.24 -10.97
CA GLY C 174 19.51 -7.56 -10.74
C GLY C 174 19.61 -6.05 -10.93
N ASP C 175 18.63 -5.43 -11.58
CA ASP C 175 18.67 -3.99 -11.81
C ASP C 175 18.02 -3.19 -10.69
N ARG C 176 17.09 -3.84 -9.98
CA ARG C 176 16.72 -3.52 -8.59
C ARG C 176 17.69 -4.42 -7.82
N VAL C 177 17.60 -4.55 -6.51
CA VAL C 177 18.48 -5.53 -5.80
C VAL C 177 19.99 -5.35 -6.07
N GLN C 178 20.69 -4.65 -5.20
CA GLN C 178 22.12 -4.42 -5.42
C GLN C 178 22.99 -5.23 -4.48
N ASN C 179 22.37 -6.05 -3.62
CA ASN C 179 23.07 -6.80 -2.59
C ASN C 179 22.69 -8.30 -2.58
N TRP C 180 23.61 -9.14 -3.04
CA TRP C 180 23.37 -10.59 -3.14
C TRP C 180 24.13 -11.46 -2.14
N ILE C 181 23.41 -12.40 -1.54
CA ILE C 181 24.05 -13.47 -0.77
C ILE C 181 23.81 -14.82 -1.44
N THR C 182 24.89 -15.50 -1.83
CA THR C 182 24.75 -16.74 -2.56
C THR C 182 24.12 -17.83 -1.70
N ILE C 183 24.87 -18.32 -0.72
CA ILE C 183 24.43 -19.45 0.12
C ILE C 183 24.42 -19.06 1.61
N ASN C 184 23.38 -19.46 2.34
CA ASN C 184 23.30 -19.16 3.78
C ASN C 184 23.78 -20.31 4.69
N GLU C 185 24.94 -20.15 5.32
CA GLU C 185 25.47 -21.16 6.25
C GLU C 185 25.68 -22.52 5.56
N PRO C 186 26.72 -22.61 4.67
CA PRO C 186 27.05 -23.87 3.99
C PRO C 186 27.46 -25.03 4.92
N TRP C 187 27.97 -24.73 6.12
CA TRP C 187 28.43 -25.73 7.09
C TRP C 187 27.30 -26.60 7.59
N ILE C 188 26.18 -25.94 7.86
CA ILE C 188 25.02 -26.60 8.43
C ILE C 188 24.39 -27.53 7.41
N GLN C 189 24.17 -27.06 6.19
CA GLN C 189 23.62 -27.91 5.12
C GLN C 189 24.44 -29.17 4.95
N ALA C 190 25.76 -29.01 5.10
CA ALA C 190 26.70 -30.12 4.90
C ALA C 190 26.70 -31.05 6.10
N ILE C 191 26.99 -30.52 7.29
CA ILE C 191 27.10 -31.35 8.47
C ILE C 191 25.75 -31.85 8.99
N TYR C 192 24.77 -30.98 9.18
CA TYR C 192 23.50 -31.50 9.67
C TYR C 192 22.72 -32.24 8.58
N GLY C 193 23.10 -32.03 7.33
CA GLY C 193 22.35 -32.60 6.23
C GLY C 193 22.89 -33.94 5.79
N TYR C 194 24.19 -34.12 5.94
CA TYR C 194 24.83 -35.28 5.37
C TYR C 194 25.77 -35.98 6.35
N ALA C 195 25.92 -35.41 7.54
CA ALA C 195 26.69 -36.03 8.61
C ALA C 195 25.82 -36.52 9.79
N THR C 196 25.03 -35.64 10.39
CA THR C 196 24.25 -36.08 11.54
C THR C 196 22.79 -36.35 11.19
N GLY C 197 22.29 -35.70 10.15
CA GLY C 197 20.97 -35.98 9.64
C GLY C 197 19.82 -35.21 10.30
N SER C 198 20.14 -34.30 11.19
CA SER C 198 19.11 -33.56 11.93
C SER C 198 18.32 -32.60 11.03
N ASN C 199 18.93 -32.20 9.91
CA ASN C 199 18.30 -31.39 8.85
C ASN C 199 18.19 -32.12 7.52
N ALA C 200 17.28 -31.66 6.66
CA ALA C 200 17.07 -32.23 5.32
C ALA C 200 18.32 -32.15 4.45
N PRO C 201 18.62 -33.22 3.70
CA PRO C 201 17.81 -34.44 3.47
C PRO C 201 17.92 -35.57 4.49
N GLY C 202 18.68 -35.40 5.56
CA GLY C 202 18.66 -36.36 6.64
C GLY C 202 19.45 -37.64 6.42
N ARG C 203 20.56 -37.54 5.71
CA ARG C 203 21.42 -38.71 5.50
C ARG C 203 22.53 -38.75 6.54
N SER C 204 22.82 -39.97 7.02
CA SER C 204 23.93 -40.23 7.93
C SER C 204 24.13 -41.71 8.18
N SER C 205 25.34 -42.04 8.64
CA SER C 205 25.72 -43.34 9.18
C SER C 205 25.35 -43.42 10.64
N ILE C 206 25.36 -42.25 11.29
CA ILE C 206 25.17 -42.16 12.74
C ILE C 206 23.82 -41.55 13.16
N ASN C 207 22.71 -42.27 13.02
CA ASN C 207 21.43 -41.74 13.52
C ASN C 207 20.16 -42.62 13.56
N LYS C 208 19.03 -41.91 13.45
CA LYS C 208 17.68 -42.43 13.54
C LYS C 208 16.85 -41.98 12.31
N HIS C 209 17.05 -42.54 11.11
CA HIS C 209 18.28 -43.24 10.69
C HIS C 209 18.70 -42.39 9.43
N SER C 210 18.07 -42.50 8.26
CA SER C 210 17.10 -43.49 7.81
C SER C 210 17.88 -44.37 6.84
N THR C 211 17.28 -44.74 5.71
CA THR C 211 17.85 -45.79 4.85
C THR C 211 19.30 -45.55 4.39
N GLU C 212 19.70 -44.31 4.14
CA GLU C 212 21.04 -44.06 3.59
C GLU C 212 21.93 -43.04 4.33
N GLY C 213 23.15 -42.88 3.81
CA GLY C 213 24.09 -41.93 4.37
C GLY C 213 25.52 -42.46 4.38
N ASP C 214 26.46 -41.55 4.62
CA ASP C 214 27.82 -41.92 4.98
C ASP C 214 28.52 -40.65 5.46
N THR C 215 28.60 -40.51 6.77
CA THR C 215 29.10 -39.28 7.35
C THR C 215 30.63 -39.23 7.19
N ALA C 216 31.19 -40.35 6.80
CA ALA C 216 32.61 -40.47 6.56
C ALA C 216 33.04 -39.59 5.39
N THR C 217 32.24 -39.57 4.33
CA THR C 217 32.62 -38.91 3.07
C THR C 217 31.65 -37.81 2.57
N GLU C 218 30.34 -38.01 2.75
CA GLU C 218 29.32 -37.11 2.21
C GLU C 218 29.34 -35.62 2.66
N PRO C 219 29.59 -35.33 3.96
CA PRO C 219 29.59 -33.90 4.31
C PRO C 219 30.65 -33.12 3.58
N TRP C 220 31.76 -33.75 3.26
CA TRP C 220 32.86 -33.04 2.64
C TRP C 220 32.59 -32.85 1.15
N LEU C 221 31.77 -33.72 0.57
CA LEU C 221 31.33 -33.53 -0.81
C LEU C 221 30.35 -32.36 -0.90
N ALA C 222 29.39 -32.37 0.03
CA ALA C 222 28.35 -31.35 0.05
C ALA C 222 28.96 -30.00 0.37
N GLY C 223 30.10 -29.99 1.05
CA GLY C 223 30.78 -28.74 1.27
C GLY C 223 31.36 -28.21 -0.03
N LYS C 224 32.20 -29.02 -0.68
CA LYS C 224 32.83 -28.62 -1.92
C LYS C 224 31.78 -28.17 -2.94
N ALA C 225 30.65 -28.85 -2.98
CA ALA C 225 29.65 -28.55 -3.99
C ALA C 225 29.04 -27.16 -3.81
N GLN C 226 28.92 -26.70 -2.57
CA GLN C 226 28.40 -25.34 -2.34
C GLN C 226 29.51 -24.34 -2.58
N ILE C 227 30.72 -24.66 -2.15
CA ILE C 227 31.84 -23.79 -2.45
C ILE C 227 31.90 -23.46 -3.95
N MET C 228 31.82 -24.48 -4.79
CA MET C 228 31.88 -24.27 -6.22
C MET C 228 30.62 -23.61 -6.78
N SER C 229 29.46 -23.95 -6.24
CA SER C 229 28.22 -23.23 -6.57
C SER C 229 28.33 -21.72 -6.29
N HIS C 230 28.81 -21.36 -5.10
CA HIS C 230 29.14 -19.98 -4.81
C HIS C 230 30.14 -19.44 -5.83
N ALA C 231 31.19 -20.21 -6.08
CA ALA C 231 32.28 -19.76 -6.94
C ALA C 231 31.79 -19.45 -8.34
N ARG C 232 30.94 -20.36 -8.84
CA ARG C 232 30.24 -20.22 -10.09
C ARG C 232 29.42 -18.93 -10.15
N ALA C 233 28.50 -18.79 -9.22
CA ALA C 233 27.65 -17.60 -9.15
C ALA C 233 28.47 -16.32 -9.13
N VAL C 234 29.57 -16.32 -8.39
CA VAL C 234 30.36 -15.10 -8.22
C VAL C 234 31.22 -14.88 -9.47
N ALA C 235 31.57 -15.98 -10.12
CA ALA C 235 32.16 -15.91 -11.43
C ALA C 235 31.23 -15.15 -12.35
N VAL C 236 29.98 -15.63 -12.47
CA VAL C 236 29.01 -14.98 -13.35
C VAL C 236 28.87 -13.51 -13.00
N TYR C 237 28.54 -13.24 -11.73
CA TYR C 237 28.18 -11.88 -11.29
C TYR C 237 29.30 -10.88 -11.53
N SER C 238 30.52 -11.24 -11.19
CA SER C 238 31.65 -10.35 -11.41
C SER C 238 31.89 -10.04 -12.90
N ARG C 239 31.88 -11.10 -13.72
CA ARG C 239 32.20 -10.96 -15.13
C ARG C 239 31.07 -10.34 -15.95
N ASP C 240 29.81 -10.72 -15.73
CA ASP C 240 28.74 -10.28 -16.62
C ASP C 240 27.78 -9.22 -16.11
N PHE C 241 27.73 -8.99 -14.79
CA PHE C 241 26.64 -8.18 -14.23
C PHE C 241 27.04 -6.97 -13.42
N ARG C 242 27.97 -7.17 -12.52
CA ARG C 242 28.38 -6.13 -11.61
C ARG C 242 28.86 -4.84 -12.30
N PRO C 243 29.65 -4.92 -13.39
CA PRO C 243 30.06 -3.65 -14.01
C PRO C 243 28.89 -2.73 -14.41
N SER C 244 27.81 -3.31 -14.92
CA SER C 244 26.60 -2.56 -15.26
C SER C 244 25.64 -2.42 -14.09
N GLN C 245 25.41 -3.50 -13.36
CA GLN C 245 24.43 -3.48 -12.31
C GLN C 245 24.92 -2.87 -11.01
N LYS C 246 26.23 -2.72 -10.90
CA LYS C 246 26.89 -2.17 -9.70
C LYS C 246 26.30 -2.65 -8.39
N GLY C 247 26.80 -3.78 -7.89
CA GLY C 247 26.28 -4.34 -6.65
C GLY C 247 27.32 -5.15 -5.89
N GLN C 248 26.89 -5.75 -4.77
CA GLN C 248 27.74 -6.62 -3.95
C GLN C 248 27.29 -8.05 -4.10
N ILE C 249 28.21 -8.99 -3.98
CA ILE C 249 27.86 -10.40 -3.76
C ILE C 249 28.70 -10.99 -2.64
N GLY C 250 28.06 -11.74 -1.75
CA GLY C 250 28.78 -12.38 -0.67
C GLY C 250 28.22 -13.74 -0.32
N ILE C 251 28.85 -14.37 0.67
CA ILE C 251 28.34 -15.59 1.29
C ILE C 251 28.18 -15.31 2.76
N SER C 252 27.18 -15.90 3.42
CA SER C 252 27.06 -15.69 4.88
C SER C 252 27.39 -16.97 5.69
N LEU C 253 28.51 -16.89 6.42
CA LEU C 253 29.09 -18.03 7.14
C LEU C 253 28.86 -17.90 8.63
N ASN C 254 28.40 -18.96 9.28
CA ASN C 254 28.26 -18.94 10.73
C ASN C 254 29.45 -19.61 11.37
N GLY C 255 29.34 -19.82 12.68
CA GLY C 255 30.36 -20.55 13.41
C GLY C 255 30.65 -19.88 14.73
N ASP C 256 30.47 -20.63 15.81
CA ASP C 256 30.72 -20.13 17.15
C ASP C 256 32.16 -19.66 17.31
N TYR C 257 32.36 -18.82 18.32
CA TYR C 257 33.71 -18.50 18.75
C TYR C 257 34.13 -19.45 19.87
N TYR C 258 35.30 -20.03 19.73
CA TYR C 258 35.84 -20.93 20.74
C TYR C 258 37.08 -20.31 21.38
N GLU C 259 37.13 -20.29 22.70
CA GLU C 259 38.36 -20.00 23.40
C GLU C 259 38.69 -21.23 24.21
N PRO C 260 39.96 -21.36 24.63
CA PRO C 260 40.33 -22.57 25.35
C PRO C 260 39.56 -22.81 26.64
N TRP C 261 39.02 -24.02 26.78
CA TRP C 261 38.48 -24.59 28.02
C TRP C 261 39.37 -24.36 29.27
N ASP C 262 40.63 -24.80 29.24
CA ASP C 262 41.58 -24.48 30.33
C ASP C 262 42.60 -23.46 29.82
N SER C 263 42.40 -22.22 30.24
CA SER C 263 43.24 -21.07 29.92
C SER C 263 44.73 -21.35 29.80
N ASN C 264 45.27 -21.99 30.84
CA ASN C 264 46.70 -22.11 31.08
C ASN C 264 47.42 -23.15 30.24
N GLU C 265 46.83 -23.52 29.12
CA GLU C 265 47.26 -24.74 28.45
C GLU C 265 47.54 -24.58 26.95
N PRO C 266 48.82 -24.71 26.55
CA PRO C 266 49.17 -24.71 25.13
C PRO C 266 48.49 -25.78 24.27
N ARG C 267 48.17 -27.00 24.74
CA ARG C 267 47.61 -27.97 23.78
C ARG C 267 46.37 -27.42 23.09
N ASP C 268 45.58 -26.56 23.74
CA ASP C 268 44.28 -26.21 23.08
C ASP C 268 43.84 -24.75 23.14
N LYS C 269 44.82 -23.83 23.21
CA LYS C 269 44.74 -22.52 22.56
C LYS C 269 44.80 -22.86 21.07
N GLU C 270 45.18 -24.11 20.80
CA GLU C 270 45.41 -24.72 19.48
C GLU C 270 44.13 -25.39 18.95
N ALA C 271 43.38 -26.04 19.85
CA ALA C 271 42.23 -26.86 19.45
C ALA C 271 40.98 -26.06 19.19
N ALA C 272 40.86 -24.95 19.90
CA ALA C 272 39.85 -23.94 19.67
C ALA C 272 39.99 -23.39 18.27
N GLU C 273 41.23 -23.05 17.92
CA GLU C 273 41.44 -22.47 16.61
C GLU C 273 41.29 -23.56 15.56
N ARG C 274 41.58 -24.80 15.92
CA ARG C 274 41.43 -25.89 14.96
C ARG C 274 39.95 -26.08 14.63
N ARG C 275 39.10 -25.94 15.65
CA ARG C 275 37.65 -26.07 15.50
C ARG C 275 37.04 -24.94 14.66
N MET C 276 37.62 -23.75 14.72
CA MET C 276 37.15 -22.65 13.91
C MET C 276 37.65 -22.71 12.47
N GLU C 277 38.67 -23.53 12.21
CA GLU C 277 39.11 -23.73 10.84
C GLU C 277 38.30 -24.82 10.16
N PHE C 278 37.87 -25.80 10.95
CA PHE C 278 36.99 -26.85 10.44
C PHE C 278 35.58 -26.34 10.21
N HIS C 279 35.34 -25.08 10.58
CA HIS C 279 33.98 -24.55 10.63
C HIS C 279 33.81 -23.32 9.75
N ILE C 280 34.91 -22.58 9.58
CA ILE C 280 34.90 -21.34 8.83
C ILE C 280 35.96 -21.39 7.74
N GLY C 281 37.15 -21.85 8.11
CA GLY C 281 38.30 -21.88 7.22
C GLY C 281 38.05 -22.80 6.05
N TRP C 282 37.35 -23.89 6.34
CA TRP C 282 36.82 -24.80 5.32
C TRP C 282 36.30 -24.04 4.12
N PHE C 283 35.42 -23.07 4.38
CA PHE C 283 34.80 -22.30 3.30
C PHE C 283 35.58 -21.02 3.02
N ALA C 284 36.00 -20.32 4.07
CA ALA C 284 36.68 -19.05 3.90
C ALA C 284 37.97 -19.13 3.10
N ASN C 285 38.71 -20.25 3.18
CA ASN C 285 40.01 -20.32 2.49
C ASN C 285 39.92 -20.27 0.97
N PRO C 286 39.09 -21.13 0.34
CA PRO C 286 38.90 -20.96 -1.10
C PRO C 286 38.22 -19.63 -1.45
N ILE C 287 37.12 -19.32 -0.76
CA ILE C 287 36.23 -18.22 -1.11
C ILE C 287 36.83 -16.83 -0.89
N PHE C 288 37.79 -16.68 0.01
CA PHE C 288 38.33 -15.34 0.28
C PHE C 288 39.85 -15.20 0.08
N LEU C 289 40.58 -16.29 0.25
CA LEU C 289 42.04 -16.26 0.22
C LEU C 289 42.62 -16.93 -1.05
N LYS C 290 41.78 -17.71 -1.73
CA LYS C 290 42.17 -18.52 -2.88
C LYS C 290 43.24 -19.56 -2.54
N LYS C 291 43.43 -19.81 -1.23
CA LYS C 291 44.13 -21.01 -0.73
C LYS C 291 43.17 -22.18 -0.83
N ASP C 292 43.66 -23.40 -0.71
CA ASP C 292 42.69 -24.46 -0.52
C ASP C 292 42.56 -24.76 0.97
N TYR C 293 41.82 -25.82 1.27
CA TYR C 293 41.49 -26.25 2.62
C TYR C 293 42.60 -26.03 3.68
N PRO C 294 42.22 -25.41 4.82
CA PRO C 294 43.13 -25.20 5.94
C PRO C 294 43.90 -26.46 6.29
N GLU C 295 45.23 -26.40 6.26
CA GLU C 295 46.13 -27.53 6.50
C GLU C 295 45.63 -28.54 7.52
N SER C 296 45.22 -28.05 8.68
CA SER C 296 44.85 -28.91 9.80
C SER C 296 43.72 -29.88 9.44
N MET C 297 43.03 -29.52 8.37
CA MET C 297 41.80 -30.15 7.99
C MET C 297 42.04 -31.13 6.88
N LYS C 298 42.97 -30.76 6.01
CA LYS C 298 43.43 -31.60 4.92
C LYS C 298 44.19 -32.77 5.53
N LYS C 299 44.70 -32.57 6.74
CA LYS C 299 45.59 -33.54 7.37
C LYS C 299 44.88 -34.45 8.37
N GLN C 300 43.63 -34.13 8.74
CA GLN C 300 42.83 -35.07 9.51
C GLN C 300 41.96 -35.88 8.58
N LEU C 301 41.13 -35.20 7.78
CA LEU C 301 40.30 -35.86 6.78
C LEU C 301 41.20 -36.34 5.69
N GLY C 302 40.67 -37.18 4.82
CA GLY C 302 41.51 -37.87 3.84
C GLY C 302 42.03 -37.08 2.65
N GLU C 303 41.90 -37.53 1.38
CA GLU C 303 41.13 -38.68 0.84
C GLU C 303 39.66 -38.28 0.77
N ARG C 304 39.05 -38.15 1.95
CA ARG C 304 37.61 -37.95 2.09
C ARG C 304 37.24 -36.50 1.78
N LEU C 305 38.26 -35.66 1.68
CA LEU C 305 38.11 -34.24 1.41
C LEU C 305 38.43 -33.92 -0.05
N PRO C 306 37.39 -33.80 -0.89
CA PRO C 306 37.54 -33.70 -2.34
C PRO C 306 38.40 -32.52 -2.75
N ALA C 307 39.51 -32.80 -3.42
CA ALA C 307 40.52 -31.77 -3.66
C ALA C 307 40.04 -30.71 -4.64
N LEU C 308 40.60 -29.52 -4.49
CA LEU C 308 40.24 -28.39 -5.33
C LEU C 308 41.07 -28.43 -6.61
N THR C 309 40.48 -28.94 -7.69
CA THR C 309 41.21 -29.11 -8.94
C THR C 309 41.74 -27.78 -9.42
N PRO C 310 42.67 -27.80 -10.37
CA PRO C 310 43.12 -26.53 -10.91
C PRO C 310 41.98 -25.78 -11.60
N ALA C 311 41.02 -26.51 -12.13
CA ALA C 311 39.92 -25.88 -12.82
C ALA C 311 38.94 -25.23 -11.87
N ASP C 312 39.02 -25.57 -10.59
CA ASP C 312 38.14 -24.95 -9.59
C ASP C 312 38.71 -23.60 -9.22
N PHE C 313 39.99 -23.57 -8.84
CA PHE C 313 40.75 -22.33 -8.79
C PHE C 313 40.90 -21.74 -10.17
N ALA C 314 39.80 -21.31 -10.77
CA ALA C 314 39.84 -20.78 -12.11
C ALA C 314 38.55 -20.02 -12.16
N ILE C 315 37.51 -20.73 -11.75
CA ILE C 315 36.25 -20.14 -11.32
C ILE C 315 36.52 -19.21 -10.16
N LEU C 316 37.28 -19.71 -9.18
CA LEU C 316 37.50 -19.00 -7.93
C LEU C 316 38.17 -17.67 -8.14
N ASN C 317 39.34 -17.64 -8.77
CA ASN C 317 39.96 -16.34 -8.98
C ASN C 317 39.71 -15.89 -10.40
N ALA C 318 38.43 -15.89 -10.75
CA ALA C 318 37.96 -15.13 -11.88
C ALA C 318 36.70 -14.40 -11.47
N GLY C 319 36.77 -13.72 -10.34
CA GLY C 319 35.64 -13.07 -9.73
C GLY C 319 35.91 -13.00 -8.25
N GLU C 320 35.53 -11.91 -7.59
CA GLU C 320 35.76 -11.74 -6.17
C GLU C 320 34.49 -11.64 -5.34
N THR C 321 34.49 -12.25 -4.15
CA THR C 321 33.41 -12.12 -3.18
C THR C 321 33.61 -10.82 -2.42
N ASP C 322 32.60 -9.96 -2.42
CA ASP C 322 32.75 -8.56 -1.98
C ASP C 322 32.84 -8.40 -0.48
N PHE C 323 32.09 -9.22 0.25
CA PHE C 323 31.97 -9.02 1.69
C PHE C 323 31.81 -10.33 2.42
N TYR C 324 32.02 -10.26 3.74
CA TYR C 324 31.87 -11.40 4.62
C TYR C 324 30.53 -11.27 5.31
N GLY C 325 29.59 -12.11 4.92
CA GLY C 325 28.35 -12.19 5.64
C GLY C 325 28.61 -13.07 6.83
N MET C 326 28.34 -12.56 8.02
CA MET C 326 28.56 -13.36 9.20
C MET C 326 27.30 -13.59 10.04
N ASN C 327 26.98 -14.87 10.24
CA ASN C 327 25.93 -15.31 11.14
C ASN C 327 26.58 -15.65 12.49
N TYR C 328 26.19 -14.92 13.53
CA TYR C 328 26.67 -15.20 14.89
C TYR C 328 25.51 -15.32 15.90
N TYR C 329 25.59 -16.29 16.81
CA TYR C 329 24.57 -16.41 17.87
C TYR C 329 25.17 -16.61 19.24
N THR C 330 26.07 -17.57 19.40
CA THR C 330 26.63 -17.87 20.71
C THR C 330 28.11 -18.20 20.65
N SER C 331 28.70 -18.47 21.80
CA SER C 331 30.10 -18.86 21.85
C SER C 331 30.32 -20.02 22.78
N GLN C 332 31.56 -20.48 22.85
CA GLN C 332 31.79 -21.79 23.39
C GLN C 332 33.23 -22.02 23.81
N TYR C 333 33.41 -23.01 24.66
CA TYR C 333 34.75 -23.49 24.96
C TYR C 333 34.90 -24.79 24.20
N ALA C 334 35.81 -24.82 23.23
CA ALA C 334 36.27 -26.11 22.69
C ALA C 334 37.09 -26.83 23.74
N ARG C 335 37.58 -28.06 23.45
CA ARG C 335 38.95 -28.60 23.73
C ARG C 335 39.02 -30.14 23.97
N HIS C 336 40.28 -30.61 23.86
CA HIS C 336 40.72 -31.90 23.27
C HIS C 336 40.11 -33.29 23.29
N LEU C 337 40.80 -34.10 22.46
CA LEU C 337 40.74 -35.56 22.43
C LEU C 337 42.11 -36.17 22.68
N ASP C 338 42.23 -36.99 23.70
CA ASP C 338 43.27 -38.00 23.67
C ASP C 338 42.53 -39.27 23.25
N GLY C 339 43.00 -39.87 22.17
CA GLY C 339 42.23 -40.85 21.41
C GLY C 339 42.54 -40.46 19.98
N PRO C 340 42.32 -41.36 19.02
CA PRO C 340 42.85 -41.04 17.70
C PRO C 340 41.81 -40.56 16.70
N VAL C 341 40.65 -40.12 17.18
CA VAL C 341 39.54 -39.66 16.32
C VAL C 341 38.96 -40.79 15.43
N PRO C 342 37.63 -40.83 15.27
CA PRO C 342 37.12 -41.85 14.35
C PRO C 342 37.08 -41.34 12.90
N GLU C 343 36.54 -42.13 11.98
CA GLU C 343 36.37 -41.64 10.61
C GLU C 343 35.14 -40.72 10.55
N THR C 344 34.32 -40.78 11.60
CA THR C 344 33.10 -39.99 11.67
C THR C 344 33.19 -38.80 12.62
N ASP C 345 34.33 -38.11 12.63
CA ASP C 345 34.43 -36.85 13.35
C ASP C 345 34.64 -35.70 12.37
N TYR C 346 33.70 -34.76 12.41
CA TYR C 346 33.64 -33.61 11.52
C TYR C 346 34.01 -32.30 12.22
N LEU C 347 33.99 -32.30 13.55
CA LEU C 347 34.28 -31.09 14.31
C LEU C 347 35.77 -30.70 14.30
N GLY C 348 36.66 -31.68 14.17
CA GLY C 348 38.09 -31.42 14.13
C GLY C 348 38.85 -31.87 15.36
N ALA C 349 38.48 -33.05 15.86
CA ALA C 349 39.06 -33.68 17.05
C ALA C 349 38.86 -32.81 18.29
N ILE C 350 37.59 -32.60 18.65
CA ILE C 350 37.21 -31.64 19.69
C ILE C 350 35.97 -32.09 20.48
N HIS C 351 36.00 -31.85 21.80
CA HIS C 351 34.81 -31.89 22.66
C HIS C 351 34.43 -30.46 23.11
N GLU C 352 33.25 -29.98 22.70
CA GLU C 352 32.84 -28.59 22.95
C GLU C 352 31.95 -28.46 24.18
N HIS C 353 32.30 -27.55 25.07
CA HIS C 353 31.51 -27.33 26.29
C HIS C 353 31.05 -25.88 26.40
N GLN C 354 30.03 -25.66 27.21
CA GLN C 354 29.61 -24.29 27.47
C GLN C 354 30.13 -23.81 28.83
N GLU C 355 31.18 -24.43 29.34
CA GLU C 355 31.88 -23.93 30.52
C GLU C 355 33.33 -24.39 30.52
N ASN C 356 34.24 -23.55 31.02
CA ASN C 356 35.65 -23.89 31.07
C ASN C 356 35.97 -24.80 32.27
N LYS C 357 37.26 -24.89 32.63
CA LYS C 357 37.68 -25.73 33.77
C LYS C 357 37.17 -25.18 35.10
N ASP C 358 37.35 -23.88 35.30
CA ASP C 358 37.01 -23.24 36.56
C ASP C 358 35.51 -23.05 36.78
N GLY C 359 34.70 -24.02 36.34
CA GLY C 359 33.27 -24.00 36.55
C GLY C 359 32.44 -23.00 35.74
N SER C 360 32.92 -21.75 35.67
CA SER C 360 32.16 -20.63 35.09
C SER C 360 31.65 -20.92 33.68
N PRO C 361 30.38 -20.55 33.42
CA PRO C 361 29.73 -20.72 32.11
C PRO C 361 30.20 -19.66 31.10
N VAL C 362 29.89 -19.84 29.82
CA VAL C 362 30.28 -18.84 28.82
C VAL C 362 29.58 -17.50 29.12
N GLY C 363 28.38 -17.58 29.70
CA GLY C 363 27.74 -16.40 30.23
C GLY C 363 26.33 -16.14 29.76
N GLU C 364 25.37 -16.34 30.67
CA GLU C 364 23.97 -15.90 30.51
C GLU C 364 23.16 -16.64 29.44
N GLU C 365 22.08 -17.29 29.88
CA GLU C 365 21.30 -18.16 29.02
C GLU C 365 20.03 -17.51 28.46
N SER C 366 19.63 -17.97 27.29
CA SER C 366 18.39 -17.56 26.63
C SER C 366 17.39 -18.70 26.69
N GLY C 367 17.70 -19.77 25.98
CA GLY C 367 17.01 -21.03 26.15
C GLY C 367 15.72 -21.18 25.38
N LEU C 368 15.59 -22.16 24.47
CA LEU C 368 16.64 -23.08 23.99
C LEU C 368 17.52 -23.77 25.07
N ALA C 369 18.82 -23.44 25.04
CA ALA C 369 19.86 -23.89 26.00
C ALA C 369 21.23 -23.80 25.34
N TRP C 370 21.29 -23.95 24.03
CA TRP C 370 22.56 -23.91 23.32
C TRP C 370 22.99 -22.46 23.07
N LEU C 371 22.01 -21.58 22.93
CA LEU C 371 22.28 -20.17 22.65
C LEU C 371 22.42 -19.35 23.94
N ARG C 372 23.64 -18.89 24.23
CA ARG C 372 23.89 -18.02 25.37
C ARG C 372 24.38 -16.64 24.90
N SER C 373 24.07 -15.60 25.65
CA SER C 373 24.50 -14.26 25.27
C SER C 373 25.97 -14.00 25.62
N CYS C 374 26.86 -14.05 24.61
CA CYS C 374 28.30 -13.93 24.82
C CYS C 374 29.00 -12.83 24.03
N PRO C 375 28.73 -11.55 24.39
CA PRO C 375 29.15 -10.36 23.65
C PRO C 375 30.66 -10.15 23.65
N ASP C 376 31.32 -10.64 24.68
CA ASP C 376 32.74 -10.43 24.87
C ASP C 376 33.56 -11.16 23.83
N MET C 377 33.14 -12.38 23.54
CA MET C 377 33.84 -13.23 22.59
C MET C 377 33.38 -12.93 21.18
N PHE C 378 32.17 -12.36 21.06
CA PHE C 378 31.69 -11.88 19.76
C PHE C 378 32.68 -10.84 19.20
N ARG C 379 33.14 -9.94 20.06
CA ARG C 379 34.14 -8.95 19.64
C ARG C 379 35.45 -9.60 19.19
N LYS C 380 35.86 -10.65 19.91
CA LYS C 380 37.09 -11.39 19.59
C LYS C 380 36.91 -12.15 18.29
N HIS C 381 35.69 -12.66 18.10
CA HIS C 381 35.34 -13.30 16.86
C HIS C 381 35.55 -12.31 15.72
N LEU C 382 34.94 -11.13 15.84
CA LEU C 382 35.01 -10.10 14.81
C LEU C 382 36.46 -9.77 14.49
N ALA C 383 37.26 -9.61 15.52
CA ALA C 383 38.67 -9.31 15.36
C ALA C 383 39.44 -10.40 14.60
N ARG C 384 39.14 -11.67 14.89
CA ARG C 384 39.83 -12.82 14.25
C ARG C 384 39.46 -12.98 12.75
N VAL C 385 38.16 -12.93 12.46
CA VAL C 385 37.64 -13.17 11.13
C VAL C 385 38.05 -12.02 10.21
N TYR C 386 38.25 -10.84 10.77
CA TYR C 386 38.79 -9.76 9.97
C TYR C 386 40.33 -9.82 10.07
N GLY C 387 41.03 -9.83 8.95
CA GLY C 387 42.48 -10.09 8.96
C GLY C 387 42.72 -11.58 9.06
N LEU C 388 42.93 -12.24 7.91
CA LEU C 388 42.30 -13.53 7.59
C LEU C 388 40.89 -13.25 8.07
N TYR C 389 40.06 -12.76 7.16
CA TYR C 389 40.27 -13.10 5.78
C TYR C 389 40.58 -12.01 4.69
N GLY C 390 40.18 -10.74 4.75
CA GLY C 390 39.38 -10.07 5.73
C GLY C 390 38.69 -8.99 4.91
N LYS C 391 37.48 -9.30 4.48
CA LYS C 391 36.69 -8.36 3.73
C LYS C 391 35.70 -7.72 4.68
N PRO C 392 35.03 -6.61 4.27
CA PRO C 392 34.09 -6.00 5.20
C PRO C 392 33.04 -7.01 5.64
N ILE C 393 32.61 -6.88 6.88
CA ILE C 393 31.69 -7.84 7.46
C ILE C 393 30.32 -7.22 7.64
N TYR C 394 29.29 -7.91 7.16
CA TYR C 394 27.91 -7.62 7.54
C TYR C 394 27.45 -8.75 8.45
N ILE C 395 26.90 -8.41 9.61
CA ILE C 395 26.28 -9.43 10.44
C ILE C 395 24.94 -9.74 9.80
N THR C 396 24.91 -10.82 9.01
CA THR C 396 23.69 -11.10 8.25
C THR C 396 22.65 -11.82 9.10
N GLU C 397 23.06 -12.27 10.29
CA GLU C 397 22.12 -12.83 11.27
C GLU C 397 22.63 -12.67 12.70
N ASN C 398 21.69 -12.43 13.61
CA ASN C 398 21.98 -12.26 15.03
C ASN C 398 20.67 -12.02 15.75
N GLY C 399 20.41 -12.78 16.80
CA GLY C 399 19.18 -12.65 17.56
C GLY C 399 19.07 -13.73 18.60
N CYS C 400 17.90 -13.90 19.19
CA CYS C 400 17.73 -14.88 20.25
C CYS C 400 16.25 -15.05 20.61
N PRO C 401 15.93 -16.14 21.32
CA PRO C 401 14.61 -16.28 21.96
C PRO C 401 14.67 -15.91 23.44
N CYS C 402 13.59 -15.33 23.97
CA CYS C 402 13.52 -15.01 25.39
C CYS C 402 13.34 -16.25 26.28
N PRO C 403 13.88 -16.18 27.51
CA PRO C 403 13.63 -17.27 28.46
C PRO C 403 12.16 -17.35 28.89
N GLY C 404 11.45 -18.41 28.51
CA GLY C 404 10.05 -18.58 28.88
C GLY C 404 9.19 -19.32 27.87
N CYS C 410 2.99 -17.38 25.56
CA CYS C 410 1.85 -16.48 25.38
C CYS C 410 2.25 -15.09 24.92
N GLU C 411 1.28 -14.18 24.73
CA GLU C 411 1.57 -12.78 24.38
C GLU C 411 1.80 -11.91 25.65
N GLU C 412 2.71 -12.44 26.45
CA GLU C 412 3.45 -11.76 27.49
C GLU C 412 4.82 -11.57 26.88
N ALA C 413 4.94 -12.09 25.65
CA ALA C 413 6.15 -12.05 24.85
C ALA C 413 6.45 -10.67 24.31
N VAL C 414 5.43 -9.82 24.32
CA VAL C 414 5.56 -8.45 23.85
C VAL C 414 6.57 -7.71 24.71
N ASN C 415 6.65 -8.09 25.98
CA ASN C 415 7.71 -7.57 26.85
C ASN C 415 8.93 -8.48 26.80
N ASP C 416 9.88 -8.15 25.93
CA ASP C 416 11.07 -8.98 25.74
C ASP C 416 12.36 -8.25 26.15
N PRO C 417 12.53 -8.02 27.45
CA PRO C 417 13.65 -7.21 27.93
C PRO C 417 14.98 -7.95 27.83
N PHE C 418 14.95 -9.28 27.71
CA PHE C 418 16.19 -10.01 27.52
C PHE C 418 16.73 -9.83 26.11
N ARG C 419 15.81 -9.80 25.14
CA ARG C 419 16.18 -9.69 23.73
C ARG C 419 16.75 -8.29 23.48
N ILE C 420 16.16 -7.30 24.11
CA ILE C 420 16.62 -5.93 23.99
C ILE C 420 18.03 -5.84 24.56
N ARG C 421 18.28 -6.56 25.67
CA ARG C 421 19.57 -6.49 26.36
C ARG C 421 20.60 -7.28 25.56
N TYR C 422 20.12 -8.34 24.90
CA TYR C 422 20.90 -9.08 23.93
C TYR C 422 21.32 -8.17 22.75
N PHE C 423 20.34 -7.50 22.15
CA PHE C 423 20.63 -6.64 21.01
C PHE C 423 21.57 -5.51 21.38
N ASP C 424 21.42 -4.99 22.59
CA ASP C 424 22.22 -3.86 23.02
C ASP C 424 23.68 -4.25 23.24
N SER C 425 23.91 -5.33 23.97
CA SER C 425 25.27 -5.74 24.32
C SER C 425 26.07 -6.15 23.09
N HIS C 426 25.44 -6.93 22.21
CA HIS C 426 26.04 -7.37 20.96
C HIS C 426 26.27 -6.23 19.95
N LEU C 427 25.55 -5.11 20.08
CA LEU C 427 25.83 -3.95 19.23
C LEU C 427 26.97 -3.16 19.82
N ASP C 428 27.16 -3.29 21.12
CA ASP C 428 28.26 -2.62 21.82
C ASP C 428 29.59 -3.21 21.35
N SER C 429 29.62 -4.53 21.23
CA SER C 429 30.79 -5.24 20.74
C SER C 429 31.17 -4.85 19.32
N ILE C 430 30.16 -4.65 18.48
CA ILE C 430 30.38 -4.20 17.12
C ILE C 430 30.98 -2.80 17.12
N SER C 431 30.47 -1.90 17.97
CA SER C 431 31.08 -0.60 18.12
C SER C 431 32.52 -0.72 18.59
N LYS C 432 32.72 -1.54 19.60
CA LYS C 432 34.05 -1.75 20.18
C LYS C 432 35.03 -2.33 19.18
N ALA C 433 34.58 -3.35 18.44
CA ALA C 433 35.40 -4.00 17.42
C ALA C 433 35.86 -3.00 16.35
N ILE C 434 34.94 -2.15 15.92
CA ILE C 434 35.25 -1.19 14.88
C ILE C 434 36.29 -0.15 15.34
N THR C 435 35.98 0.54 16.44
CA THR C 435 36.74 1.74 16.80
C THR C 435 37.97 1.48 17.65
N GLN C 436 38.30 0.21 17.87
CA GLN C 436 39.43 -0.13 18.72
C GLN C 436 40.20 -1.33 18.18
N ASP C 437 39.54 -2.20 17.43
CA ASP C 437 40.22 -3.34 16.84
C ASP C 437 40.39 -3.16 15.32
N GLY C 438 39.99 -2.00 14.81
CA GLY C 438 40.20 -1.70 13.41
C GLY C 438 39.48 -2.59 12.42
N VAL C 439 38.36 -3.17 12.86
CA VAL C 439 37.50 -4.03 12.04
C VAL C 439 36.50 -3.22 11.22
N VAL C 440 36.36 -3.55 9.95
CA VAL C 440 35.25 -2.99 9.20
C VAL C 440 33.98 -3.84 9.40
N VAL C 441 32.98 -3.27 10.06
CA VAL C 441 31.63 -3.85 10.09
C VAL C 441 30.69 -2.81 9.50
N LYS C 442 29.95 -3.20 8.45
CA LYS C 442 29.16 -2.25 7.64
C LYS C 442 27.67 -2.35 7.88
N GLY C 443 27.23 -3.45 8.47
CA GLY C 443 25.80 -3.66 8.63
C GLY C 443 25.41 -4.79 9.57
N TYR C 444 24.15 -4.74 10.04
CA TYR C 444 23.64 -5.69 11.03
C TYR C 444 22.18 -6.06 10.74
N PHE C 445 21.90 -7.36 10.52
CA PHE C 445 20.51 -7.84 10.39
C PHE C 445 20.10 -8.68 11.57
N ALA C 446 18.95 -8.39 12.17
CA ALA C 446 18.50 -9.13 13.34
C ALA C 446 17.57 -10.27 12.96
N TRP C 447 17.90 -11.47 13.42
CA TRP C 447 17.02 -12.61 13.26
C TRP C 447 15.97 -12.62 14.38
N ALA C 448 14.68 -12.67 14.06
CA ALA C 448 14.13 -12.52 12.73
C ALA C 448 13.02 -11.48 12.83
N LEU C 449 12.42 -11.12 11.70
CA LEU C 449 11.31 -10.15 11.71
C LEU C 449 10.08 -10.72 12.39
N LEU C 450 9.81 -11.99 12.12
CA LEU C 450 8.66 -12.73 12.64
C LEU C 450 9.11 -13.92 13.43
N ASP C 451 8.18 -14.48 14.18
CA ASP C 451 8.38 -15.81 14.74
C ASP C 451 8.28 -16.84 13.62
N ASN C 452 9.29 -17.72 13.47
CA ASN C 452 9.34 -18.62 12.32
C ASN C 452 9.05 -20.06 12.61
N LEU C 453 9.06 -20.86 11.55
CA LEU C 453 9.37 -22.26 11.65
C LEU C 453 10.86 -22.35 11.84
N GLU C 454 11.33 -22.59 13.07
CA GLU C 454 12.76 -22.76 13.28
C GLU C 454 13.20 -24.17 12.88
N TRP C 455 12.96 -24.48 11.60
CA TRP C 455 13.36 -25.72 10.96
C TRP C 455 12.89 -26.93 11.72
N SER C 456 13.80 -27.85 12.00
CA SER C 456 13.40 -29.13 12.59
C SER C 456 13.06 -29.01 14.07
N ASP C 457 13.27 -27.83 14.63
CA ASP C 457 12.88 -27.56 16.01
C ASP C 457 11.38 -27.31 16.09
N GLY C 458 10.79 -26.88 14.99
CA GLY C 458 9.37 -26.64 14.94
C GLY C 458 9.03 -25.18 15.13
N TYR C 459 7.81 -24.91 15.59
CA TYR C 459 7.40 -23.53 15.83
C TYR C 459 7.61 -23.11 17.29
N GLY C 460 8.17 -24.02 18.07
CA GLY C 460 8.53 -23.77 19.46
C GLY C 460 9.25 -22.47 19.77
N PRO C 461 10.53 -22.34 19.35
CA PRO C 461 11.43 -21.21 19.63
C PRO C 461 11.06 -19.89 18.94
N ARG C 462 10.72 -18.86 19.72
CA ARG C 462 10.28 -17.61 19.14
C ARG C 462 11.41 -16.59 19.03
N PHE C 463 12.00 -16.51 17.83
CA PHE C 463 13.20 -15.73 17.58
C PHE C 463 12.89 -14.31 17.13
N GLY C 464 11.63 -14.07 16.79
CA GLY C 464 11.26 -12.82 16.13
C GLY C 464 11.06 -11.61 17.02
N VAL C 465 11.08 -10.42 16.41
CA VAL C 465 10.76 -9.21 17.14
C VAL C 465 9.29 -8.86 16.93
N THR C 466 8.63 -9.70 16.16
CA THR C 466 7.19 -9.65 15.99
C THR C 466 6.65 -10.99 16.43
N PHE C 467 5.81 -11.00 17.44
CA PHE C 467 5.10 -12.21 17.81
C PHE C 467 4.06 -12.59 16.74
N THR C 468 4.12 -13.83 16.23
CA THR C 468 3.11 -14.30 15.27
C THR C 468 2.22 -15.40 15.86
N ASP C 469 0.95 -15.10 15.99
CA ASP C 469 -0.03 -16.06 16.51
C ASP C 469 -0.39 -17.09 15.43
N TYR C 470 0.15 -18.30 15.55
CA TYR C 470 0.03 -19.30 14.48
C TYR C 470 -1.37 -19.87 14.25
N THR C 471 -2.37 -19.45 15.01
CA THR C 471 -3.74 -19.85 14.72
C THR C 471 -4.47 -18.73 13.96
N THR C 472 -4.19 -17.47 14.30
CA THR C 472 -4.80 -16.34 13.61
C THR C 472 -3.95 -15.83 12.42
N LEU C 473 -2.69 -16.26 12.37
CA LEU C 473 -1.68 -15.64 11.53
C LEU C 473 -1.64 -14.14 11.79
N LYS C 474 -1.98 -13.73 13.01
CA LYS C 474 -1.95 -12.32 13.41
C LYS C 474 -0.56 -11.97 13.88
N ARG C 475 -0.07 -10.79 13.50
CA ARG C 475 1.24 -10.32 13.97
C ARG C 475 1.05 -9.16 14.91
N THR C 476 1.73 -9.16 16.05
CA THR C 476 1.80 -7.96 16.87
C THR C 476 3.23 -7.79 17.36
N PRO C 477 3.74 -6.55 17.32
CA PRO C 477 5.12 -6.23 17.67
C PRO C 477 5.46 -6.54 19.10
N LYS C 478 6.64 -7.12 19.35
CA LYS C 478 7.24 -7.16 20.68
C LYS C 478 7.97 -5.83 20.92
N LYS C 479 8.29 -5.51 22.17
CA LYS C 479 8.91 -4.23 22.50
C LYS C 479 10.25 -4.00 21.78
N SER C 480 11.05 -5.06 21.65
CA SER C 480 12.33 -4.97 20.95
C SER C 480 12.21 -4.29 19.59
N ALA C 481 11.13 -4.59 18.88
CA ALA C 481 10.92 -4.08 17.54
C ALA C 481 10.86 -2.57 17.51
N LEU C 482 10.09 -2.00 18.44
CA LEU C 482 9.82 -0.57 18.44
C LEU C 482 11.02 0.19 18.95
N VAL C 483 11.85 -0.51 19.71
CA VAL C 483 12.98 0.07 20.43
C VAL C 483 14.30 0.00 19.64
N LEU C 484 14.45 -1.03 18.81
CA LEU C 484 15.72 -1.26 18.12
C LEU C 484 16.11 -0.06 17.27
N LYS C 485 15.11 0.55 16.63
CA LYS C 485 15.34 1.72 15.76
C LYS C 485 15.89 2.89 16.53
N ASP C 486 15.65 2.92 17.83
CA ASP C 486 16.13 4.01 18.63
C ASP C 486 17.56 3.70 19.08
N MET C 487 17.91 2.43 19.13
CA MET C 487 19.29 2.08 19.46
C MET C 487 20.23 2.59 18.40
N PHE C 488 19.87 2.38 17.15
CA PHE C 488 20.72 2.76 16.04
C PHE C 488 20.75 4.27 15.87
N ALA C 489 19.62 4.91 16.14
CA ALA C 489 19.51 6.36 16.00
C ALA C 489 20.50 7.02 16.93
N ALA C 490 20.72 6.35 18.05
CA ALA C 490 21.46 6.89 19.17
C ALA C 490 22.96 6.64 19.05
N ARG C 491 23.39 5.92 18.04
CA ARG C 491 24.80 5.58 17.93
C ARG C 491 25.35 6.21 16.68
N GLN C 492 24.47 6.82 15.92
CA GLN C 492 24.87 7.50 14.75
C GLN C 492 24.54 8.96 14.97
N ILE C 493 25.32 9.87 14.42
CA ILE C 493 25.19 11.28 14.73
C ILE C 493 25.75 12.28 13.74
N PRO C 494 26.75 13.07 14.12
CA PRO C 494 27.40 12.98 15.40
C PRO C 494 27.98 14.33 15.84
N GLU C 495 27.73 15.35 15.06
CA GLU C 495 28.21 16.71 15.34
C GLU C 495 27.08 17.54 15.91
N GLU C 496 25.99 16.86 16.22
CA GLU C 496 24.86 17.49 16.83
C GLU C 496 24.53 16.81 18.12
N LEU C 497 25.34 15.83 18.47
CA LEU C 497 25.20 15.20 19.76
C LEU C 497 24.96 16.38 20.68
N ALA C 498 25.34 17.56 20.21
CA ALA C 498 25.20 18.79 20.99
C ALA C 498 23.81 19.45 20.92
N HIS C 499 23.66 20.48 20.09
CA HIS C 499 22.42 21.21 20.08
C HIS C 499 21.27 20.33 20.40
#